data_1ZOF
#
_entry.id   1ZOF
#
_cell.length_a   193.860
_cell.length_b   138.420
_cell.length_c   127.540
_cell.angle_alpha   90.00
_cell.angle_beta   125.70
_cell.angle_gamma   90.00
#
_symmetry.space_group_name_H-M   'C 1 2 1'
#
loop_
_entity.id
_entity.type
_entity.pdbx_description
1 polymer 'alkyl hydroperoxide-reductase'
2 water water
#
_entity_poly.entity_id   1
_entity_poly.type   'polypeptide(L)'
_entity_poly.pdbx_seq_one_letter_code
;MVVTKLAPDFKAPAVLGNNEVDEHFELSKNLGKNGVILFFWPKDFTFVCPTEIIAFDKRVKDFHEKGFNVIGVSIDSEQV
HFAWKNTPVEKGGIGQVSFPMVADITKSISRDYDVLFEEAIALRGAFLIDKNMKVRHAVINDLPLGRNADEMLRMVDALL
HFEEHGEVCPAGWRKGDKGMKATHQGVAEYLKENSIKL
;
_entity_poly.pdbx_strand_id   A,B,C,D,E,F,G,H,I,J
#
# COMPACT_ATOMS: atom_id res chain seq x y z
N MET A 1 -12.67 -16.90 -20.67
CA MET A 1 -12.97 -17.74 -21.85
C MET A 1 -12.78 -16.96 -23.13
N VAL A 2 -12.74 -17.69 -24.23
CA VAL A 2 -12.56 -17.10 -25.54
C VAL A 2 -13.89 -17.00 -26.27
N VAL A 3 -14.61 -18.12 -26.27
CA VAL A 3 -15.91 -18.20 -26.92
C VAL A 3 -16.89 -17.20 -26.34
N THR A 4 -17.77 -16.72 -27.21
CA THR A 4 -18.83 -15.75 -26.91
C THR A 4 -18.26 -14.37 -26.78
N LYS A 5 -16.98 -14.22 -27.08
CA LYS A 5 -16.38 -12.92 -26.98
C LYS A 5 -15.74 -12.53 -28.29
N LEU A 6 -15.41 -11.25 -28.42
CA LEU A 6 -14.78 -10.76 -29.62
C LEU A 6 -13.41 -11.45 -29.82
N ALA A 7 -13.19 -12.01 -31.00
CA ALA A 7 -11.94 -12.67 -31.30
C ALA A 7 -10.83 -11.63 -31.22
N PRO A 8 -9.84 -11.86 -30.36
CA PRO A 8 -8.71 -10.94 -30.19
C PRO A 8 -8.11 -10.64 -31.53
N ASP A 9 -8.15 -9.38 -31.96
CA ASP A 9 -7.59 -9.08 -33.26
C ASP A 9 -6.08 -8.92 -33.19
N PHE A 10 -5.39 -9.35 -34.26
CA PHE A 10 -3.94 -9.23 -34.33
C PHE A 10 -3.45 -8.63 -35.64
N LYS A 11 -2.16 -8.46 -35.76
CA LYS A 11 -1.55 -7.88 -36.95
C LYS A 11 -0.09 -8.31 -36.98
N ALA A 12 0.24 -9.26 -37.86
CA ALA A 12 1.60 -9.78 -37.91
C ALA A 12 2.05 -10.32 -39.27
N PRO A 13 3.34 -10.62 -39.42
CA PRO A 13 3.84 -11.16 -40.67
C PRO A 13 3.12 -12.46 -40.97
N ALA A 14 2.77 -12.64 -42.25
CA ALA A 14 2.09 -13.85 -42.68
C ALA A 14 2.56 -14.25 -44.06
N VAL A 15 2.54 -15.56 -44.32
CA VAL A 15 2.95 -16.10 -45.61
C VAL A 15 1.74 -16.65 -46.34
N LEU A 16 1.15 -15.74 -47.12
CA LEU A 16 -0.03 -16.02 -47.91
C LEU A 16 0.14 -17.28 -48.73
N GLY A 17 -0.98 -17.92 -49.07
CA GLY A 17 -0.92 -19.15 -49.84
C GLY A 17 -0.02 -19.08 -51.07
N ASN A 18 0.09 -17.90 -51.65
CA ASN A 18 0.91 -17.67 -52.85
C ASN A 18 2.31 -17.19 -52.51
N ASN A 19 2.84 -17.71 -51.40
CA ASN A 19 4.17 -17.36 -50.91
C ASN A 19 4.49 -15.89 -50.87
N GLU A 20 3.48 -15.04 -51.03
CA GLU A 20 3.73 -13.62 -50.93
C GLU A 20 3.80 -13.43 -49.42
N VAL A 21 4.60 -12.48 -48.97
CA VAL A 21 4.72 -12.25 -47.53
C VAL A 21 4.11 -10.93 -47.06
N ASP A 22 2.98 -11.01 -46.37
CA ASP A 22 2.34 -9.81 -45.86
C ASP A 22 2.97 -9.50 -44.52
N GLU A 23 3.29 -8.23 -44.31
CA GLU A 23 3.91 -7.80 -43.07
C GLU A 23 2.94 -7.44 -41.97
N HIS A 24 1.79 -6.90 -42.37
CA HIS A 24 0.79 -6.48 -41.40
C HIS A 24 -0.56 -7.12 -41.59
N PHE A 25 -0.57 -8.44 -41.60
CA PHE A 25 -1.78 -9.20 -41.77
C PHE A 25 -2.68 -9.02 -40.54
N GLU A 26 -3.82 -8.35 -40.68
CA GLU A 26 -4.73 -8.15 -39.57
C GLU A 26 -5.88 -9.15 -39.66
N LEU A 27 -6.11 -9.89 -38.57
CA LEU A 27 -7.20 -10.86 -38.57
C LEU A 27 -8.48 -10.14 -38.95
N SER A 28 -8.78 -9.06 -38.22
CA SER A 28 -9.98 -8.26 -38.42
C SER A 28 -10.24 -7.82 -39.84
N LYS A 29 -9.34 -8.15 -40.76
CA LYS A 29 -9.50 -7.79 -42.16
C LYS A 29 -9.78 -9.02 -43.01
N ASN A 30 -8.81 -9.90 -43.06
CA ASN A 30 -8.89 -11.12 -43.85
C ASN A 30 -9.97 -12.11 -43.45
N LEU A 31 -11.14 -11.62 -43.05
CA LEU A 31 -12.23 -12.51 -42.69
C LEU A 31 -12.86 -13.10 -43.94
N GLY A 32 -13.78 -14.04 -43.75
CA GLY A 32 -14.47 -14.65 -44.88
C GLY A 32 -15.72 -13.81 -45.08
N LYS A 33 -16.77 -14.40 -45.60
CA LYS A 33 -18.00 -13.63 -45.78
C LYS A 33 -18.87 -13.85 -44.55
N ASN A 34 -18.72 -15.03 -43.95
CA ASN A 34 -19.46 -15.41 -42.76
C ASN A 34 -18.57 -15.46 -41.53
N GLY A 35 -17.27 -15.29 -41.75
CA GLY A 35 -16.33 -15.32 -40.65
C GLY A 35 -15.08 -16.08 -41.03
N VAL A 36 -14.36 -16.60 -40.03
CA VAL A 36 -13.14 -17.34 -40.30
C VAL A 36 -12.89 -18.50 -39.35
N ILE A 37 -11.89 -19.30 -39.71
CA ILE A 37 -11.47 -20.43 -38.93
C ILE A 37 -9.99 -20.19 -38.66
N LEU A 38 -9.67 -19.71 -37.46
CA LEU A 38 -8.29 -19.46 -37.07
C LEU A 38 -7.80 -20.72 -36.38
N PHE A 39 -6.61 -21.19 -36.74
CA PHE A 39 -6.13 -22.40 -36.09
C PHE A 39 -4.63 -22.41 -35.81
N PHE A 40 -4.25 -23.12 -34.75
CA PHE A 40 -2.85 -23.19 -34.33
C PHE A 40 -2.26 -24.58 -34.41
N TRP A 41 -0.93 -24.61 -34.41
CA TRP A 41 -0.20 -25.87 -34.40
C TRP A 41 1.11 -25.56 -33.67
N PRO A 42 1.61 -26.53 -32.91
CA PRO A 42 2.84 -26.48 -32.12
C PRO A 42 4.01 -25.80 -32.79
N LYS A 43 4.59 -26.48 -33.79
CA LYS A 43 5.74 -25.93 -34.48
C LYS A 43 6.00 -26.47 -35.89
N ASP A 44 6.57 -25.61 -36.73
CA ASP A 44 6.91 -25.97 -38.09
C ASP A 44 8.03 -27.02 -38.02
N PHE A 45 8.35 -27.66 -39.14
CA PHE A 45 9.40 -28.66 -39.21
C PHE A 45 9.32 -29.76 -38.18
N THR A 46 8.14 -29.98 -37.65
CA THR A 46 7.88 -31.02 -36.67
C THR A 46 8.28 -32.39 -37.23
N PHE A 47 8.58 -33.34 -36.35
CA PHE A 47 8.92 -34.68 -36.80
C PHE A 47 7.70 -35.53 -36.64
N VAL A 48 6.66 -34.94 -36.09
CA VAL A 48 5.40 -35.65 -35.91
C VAL A 48 4.59 -35.23 -37.14
N CYS A 49 3.55 -35.97 -37.51
CA CYS A 49 2.80 -35.58 -38.68
C CYS A 49 2.13 -34.24 -38.53
N PRO A 50 2.27 -33.37 -39.54
CA PRO A 50 1.68 -32.03 -39.57
C PRO A 50 0.17 -32.03 -39.47
N THR A 51 -0.43 -33.22 -39.43
CA THR A 51 -1.88 -33.44 -39.33
C THR A 51 -2.75 -32.20 -39.44
N GLU A 52 -2.60 -31.28 -38.48
CA GLU A 52 -3.35 -30.04 -38.46
C GLU A 52 -3.30 -29.34 -39.82
N ILE A 53 -2.08 -29.08 -40.29
CA ILE A 53 -1.86 -28.42 -41.58
C ILE A 53 -2.46 -29.18 -42.75
N ILE A 54 -2.24 -30.49 -42.78
CA ILE A 54 -2.78 -31.34 -43.85
C ILE A 54 -4.30 -31.23 -43.95
N ALA A 55 -4.98 -31.68 -42.90
CA ALA A 55 -6.43 -31.67 -42.84
C ALA A 55 -7.00 -30.30 -43.17
N PHE A 56 -6.31 -29.24 -42.80
CA PHE A 56 -6.82 -27.91 -43.09
C PHE A 56 -6.55 -27.51 -44.52
N ASP A 57 -5.43 -27.98 -45.08
CA ASP A 57 -5.13 -27.60 -46.45
C ASP A 57 -6.20 -28.17 -47.35
N LYS A 58 -6.52 -29.45 -47.17
CA LYS A 58 -7.54 -30.08 -47.98
C LYS A 58 -8.81 -29.24 -47.98
N ARG A 59 -9.44 -29.19 -46.81
CA ARG A 59 -10.69 -28.47 -46.64
C ARG A 59 -10.66 -26.96 -46.86
N VAL A 60 -9.53 -26.40 -47.26
CA VAL A 60 -9.49 -24.95 -47.44
C VAL A 60 -10.56 -24.42 -48.37
N LYS A 61 -10.79 -25.16 -49.45
CA LYS A 61 -11.77 -24.77 -50.47
C LYS A 61 -13.20 -24.75 -49.99
N ASP A 62 -13.62 -25.81 -49.32
CA ASP A 62 -14.98 -25.90 -48.81
C ASP A 62 -15.18 -24.80 -47.80
N PHE A 63 -14.33 -24.74 -46.78
CA PHE A 63 -14.44 -23.69 -45.77
C PHE A 63 -14.60 -22.38 -46.51
N HIS A 64 -13.93 -22.29 -47.66
CA HIS A 64 -13.98 -21.08 -48.45
C HIS A 64 -15.32 -20.89 -49.13
N GLU A 65 -15.81 -21.95 -49.75
CA GLU A 65 -17.10 -21.90 -50.41
C GLU A 65 -18.11 -21.31 -49.47
N LYS A 66 -18.26 -21.97 -48.32
CA LYS A 66 -19.21 -21.58 -47.28
C LYS A 66 -18.90 -20.24 -46.61
N GLY A 67 -18.09 -19.42 -47.26
CA GLY A 67 -17.78 -18.11 -46.73
C GLY A 67 -16.84 -18.01 -45.55
N PHE A 68 -15.96 -19.00 -45.39
CA PHE A 68 -15.02 -19.01 -44.29
C PHE A 68 -13.55 -19.08 -44.70
N ASN A 69 -12.79 -18.05 -44.35
CA ASN A 69 -11.37 -18.03 -44.64
C ASN A 69 -10.71 -18.98 -43.67
N VAL A 70 -9.46 -19.34 -43.95
CA VAL A 70 -8.75 -20.23 -43.05
C VAL A 70 -7.37 -19.67 -42.81
N ILE A 71 -7.15 -19.22 -41.58
CA ILE A 71 -5.86 -18.67 -41.22
C ILE A 71 -5.16 -19.56 -40.19
N GLY A 72 -3.93 -19.95 -40.52
CA GLY A 72 -3.14 -20.79 -39.65
C GLY A 72 -2.13 -19.91 -38.93
N VAL A 73 -1.74 -20.34 -37.73
CA VAL A 73 -0.79 -19.55 -36.96
C VAL A 73 0.09 -20.46 -36.14
N SER A 74 1.34 -20.04 -36.02
CA SER A 74 2.36 -20.77 -35.28
C SER A 74 3.31 -19.76 -34.64
N ILE A 75 4.06 -20.19 -33.62
CA ILE A 75 4.99 -19.29 -32.94
C ILE A 75 6.28 -19.09 -33.73
N ASP A 76 6.37 -19.76 -34.88
CA ASP A 76 7.54 -19.69 -35.75
C ASP A 76 7.52 -18.44 -36.63
N SER A 77 8.67 -18.06 -37.20
CA SER A 77 8.73 -16.87 -38.03
C SER A 77 8.37 -17.13 -39.48
N GLU A 78 7.89 -16.09 -40.15
CA GLU A 78 7.51 -16.19 -41.55
C GLU A 78 8.68 -16.81 -42.34
N GLN A 79 9.90 -16.39 -42.03
CA GLN A 79 11.06 -16.94 -42.72
C GLN A 79 11.01 -18.47 -42.70
N VAL A 80 10.57 -19.05 -41.59
CA VAL A 80 10.53 -20.51 -41.52
C VAL A 80 9.23 -21.03 -42.07
N HIS A 81 8.14 -20.28 -41.89
CA HIS A 81 6.86 -20.72 -42.45
C HIS A 81 7.18 -20.93 -43.93
N PHE A 82 7.69 -19.87 -44.55
CA PHE A 82 8.08 -19.88 -45.93
C PHE A 82 8.90 -21.11 -46.27
N ALA A 83 10.08 -21.18 -45.69
CA ALA A 83 10.97 -22.31 -45.91
C ALA A 83 10.28 -23.67 -45.72
N TRP A 84 9.26 -23.74 -44.86
CA TRP A 84 8.59 -25.02 -44.64
C TRP A 84 7.74 -25.42 -45.83
N LYS A 85 7.16 -24.43 -46.51
CA LYS A 85 6.34 -24.67 -47.70
C LYS A 85 7.22 -25.15 -48.83
N ASN A 86 8.36 -24.50 -49.00
CA ASN A 86 9.32 -24.84 -50.04
C ASN A 86 10.24 -26.00 -49.67
N THR A 87 9.67 -27.10 -49.19
CA THR A 87 10.47 -28.24 -48.80
C THR A 87 9.85 -29.55 -49.22
N PRO A 88 10.65 -30.45 -49.78
CA PRO A 88 10.20 -31.76 -50.23
C PRO A 88 9.44 -32.41 -49.10
N VAL A 89 8.17 -32.74 -49.32
CA VAL A 89 7.42 -33.37 -48.27
C VAL A 89 8.07 -34.66 -47.76
N GLU A 90 8.99 -35.25 -48.53
CA GLU A 90 9.67 -36.46 -48.05
C GLU A 90 10.82 -36.01 -47.17
N LYS A 91 11.17 -34.74 -47.35
CA LYS A 91 12.21 -34.07 -46.58
C LYS A 91 11.53 -33.45 -45.37
N GLY A 92 10.28 -33.84 -45.09
CA GLY A 92 9.52 -33.30 -43.98
C GLY A 92 8.86 -31.95 -44.26
N GLY A 93 9.00 -31.48 -45.49
CA GLY A 93 8.42 -30.21 -45.88
C GLY A 93 6.92 -30.22 -45.79
N ILE A 94 6.32 -29.04 -45.89
CA ILE A 94 4.87 -28.92 -45.81
C ILE A 94 4.26 -28.85 -47.22
N GLY A 95 4.99 -28.21 -48.14
CA GLY A 95 4.50 -28.07 -49.51
C GLY A 95 3.58 -26.88 -49.64
N GLN A 96 3.61 -26.22 -50.80
CA GLN A 96 2.77 -25.05 -51.05
C GLN A 96 1.35 -25.28 -50.55
N VAL A 97 0.90 -24.44 -49.62
CA VAL A 97 -0.43 -24.57 -49.08
C VAL A 97 -1.23 -23.34 -49.46
N SER A 98 -2.54 -23.52 -49.48
CA SER A 98 -3.50 -22.51 -49.87
C SER A 98 -3.72 -21.38 -48.88
N PHE A 99 -3.79 -21.70 -47.59
CA PHE A 99 -4.03 -20.69 -46.57
C PHE A 99 -2.82 -19.92 -46.09
N PRO A 100 -3.05 -18.72 -45.58
CA PRO A 100 -1.97 -17.87 -45.07
C PRO A 100 -1.46 -18.43 -43.73
N MET A 101 -0.17 -18.26 -43.48
CA MET A 101 0.42 -18.73 -42.24
C MET A 101 0.94 -17.52 -41.48
N VAL A 102 0.40 -17.29 -40.29
CA VAL A 102 0.82 -16.15 -39.49
C VAL A 102 1.97 -16.49 -38.54
N ALA A 103 2.94 -15.58 -38.47
CA ALA A 103 4.09 -15.77 -37.60
C ALA A 103 3.87 -15.07 -36.27
N ASP A 104 3.59 -15.87 -35.25
CA ASP A 104 3.37 -15.35 -33.90
C ASP A 104 4.71 -15.43 -33.14
N ILE A 105 5.67 -14.62 -33.61
CA ILE A 105 7.01 -14.58 -33.06
C ILE A 105 7.05 -14.14 -31.59
N THR A 106 6.13 -13.28 -31.17
CA THR A 106 6.13 -12.83 -29.80
C THR A 106 5.12 -13.63 -28.98
N LYS A 107 4.63 -14.72 -29.55
CA LYS A 107 3.68 -15.59 -28.89
C LYS A 107 2.46 -14.86 -28.32
N SER A 108 2.34 -13.56 -28.63
CA SER A 108 1.21 -12.77 -28.14
C SER A 108 -0.14 -13.29 -28.59
N ILE A 109 -0.24 -13.76 -29.83
CA ILE A 109 -1.49 -14.28 -30.35
C ILE A 109 -1.91 -15.55 -29.64
N SER A 110 -0.98 -16.49 -29.49
CA SER A 110 -1.28 -17.76 -28.82
C SER A 110 -1.80 -17.47 -27.42
N ARG A 111 -1.32 -16.38 -26.85
CA ARG A 111 -1.73 -15.99 -25.52
C ARG A 111 -3.13 -15.45 -25.54
N ASP A 112 -3.40 -14.50 -26.42
CA ASP A 112 -4.74 -13.91 -26.53
C ASP A 112 -5.82 -14.98 -26.71
N TYR A 113 -5.47 -16.05 -27.39
CA TYR A 113 -6.42 -17.12 -27.61
C TYR A 113 -6.23 -18.19 -26.54
N ASP A 114 -5.23 -17.93 -25.70
CA ASP A 114 -4.88 -18.82 -24.60
C ASP A 114 -4.59 -20.25 -25.01
N VAL A 115 -3.63 -20.42 -25.90
CA VAL A 115 -3.25 -21.74 -26.37
C VAL A 115 -1.76 -21.93 -26.16
N LEU A 116 -1.11 -20.86 -25.68
CA LEU A 116 0.33 -20.88 -25.41
C LEU A 116 0.62 -21.86 -24.29
N PHE A 117 1.40 -22.87 -24.62
CA PHE A 117 1.74 -23.90 -23.68
C PHE A 117 3.17 -23.73 -23.22
N GLU A 118 3.32 -23.52 -21.91
CA GLU A 118 4.62 -23.36 -21.31
C GLU A 118 5.43 -22.23 -21.86
N GLU A 119 4.77 -21.15 -22.23
CA GLU A 119 5.46 -19.99 -22.74
C GLU A 119 6.31 -20.36 -23.93
N ALA A 120 6.01 -21.48 -24.57
CA ALA A 120 6.81 -21.91 -25.71
C ALA A 120 6.09 -22.03 -27.04
N ILE A 121 5.23 -23.04 -27.11
CA ILE A 121 4.51 -23.32 -28.33
C ILE A 121 2.99 -23.35 -28.15
N ALA A 122 2.26 -23.25 -29.26
CA ALA A 122 0.80 -23.25 -29.21
C ALA A 122 0.22 -24.66 -29.29
N LEU A 123 -0.96 -24.82 -28.70
CA LEU A 123 -1.68 -26.09 -28.69
C LEU A 123 -2.44 -26.28 -30.00
N ARG A 124 -2.71 -27.52 -30.35
CA ARG A 124 -3.44 -27.77 -31.58
C ARG A 124 -4.90 -27.40 -31.29
N GLY A 125 -5.27 -26.19 -31.70
CA GLY A 125 -6.64 -25.75 -31.48
C GLY A 125 -7.14 -24.86 -32.61
N ALA A 126 -8.46 -24.91 -32.84
CA ALA A 126 -9.08 -24.10 -33.89
C ALA A 126 -10.25 -23.31 -33.35
N PHE A 127 -10.47 -22.14 -33.95
CA PHE A 127 -11.54 -21.25 -33.54
C PHE A 127 -12.40 -20.78 -34.70
N LEU A 128 -13.72 -20.78 -34.48
CA LEU A 128 -14.68 -20.34 -35.48
C LEU A 128 -15.09 -18.92 -35.15
N ILE A 129 -14.78 -18.00 -36.04
CA ILE A 129 -15.11 -16.59 -35.84
C ILE A 129 -16.17 -16.14 -36.85
N ASP A 130 -17.29 -15.58 -36.38
CA ASP A 130 -18.33 -15.13 -37.31
C ASP A 130 -18.02 -13.77 -37.88
N LYS A 131 -18.85 -13.32 -38.83
CA LYS A 131 -18.66 -12.04 -39.49
C LYS A 131 -18.52 -10.84 -38.54
N ASN A 132 -18.69 -11.08 -37.26
CA ASN A 132 -18.60 -10.00 -36.28
C ASN A 132 -17.44 -10.19 -35.33
N MET A 133 -16.39 -10.89 -35.77
CA MET A 133 -15.25 -11.15 -34.91
C MET A 133 -15.71 -11.78 -33.60
N LYS A 134 -16.65 -12.69 -33.67
CA LYS A 134 -17.16 -13.31 -32.47
C LYS A 134 -16.74 -14.77 -32.46
N VAL A 135 -16.09 -15.20 -31.39
CA VAL A 135 -15.68 -16.60 -31.31
C VAL A 135 -16.94 -17.36 -30.92
N ARG A 136 -17.39 -18.24 -31.79
CA ARG A 136 -18.62 -18.98 -31.53
C ARG A 136 -18.38 -20.43 -31.23
N HIS A 137 -17.21 -20.92 -31.58
CA HIS A 137 -16.92 -22.32 -31.32
C HIS A 137 -15.44 -22.51 -31.23
N ALA A 138 -15.00 -23.39 -30.34
CA ALA A 138 -13.59 -23.64 -30.19
C ALA A 138 -13.35 -25.08 -29.82
N VAL A 139 -12.38 -25.67 -30.52
CA VAL A 139 -11.99 -27.05 -30.27
C VAL A 139 -10.50 -26.97 -30.00
N ILE A 140 -10.02 -27.67 -28.99
CA ILE A 140 -8.61 -27.64 -28.69
C ILE A 140 -8.15 -28.89 -27.98
N ASN A 141 -7.10 -29.49 -28.51
CA ASN A 141 -6.57 -30.71 -27.93
C ASN A 141 -5.05 -30.66 -27.95
N ASP A 142 -4.44 -31.72 -27.46
CA ASP A 142 -3.00 -31.73 -27.41
C ASP A 142 -2.36 -32.99 -28.00
N LEU A 143 -2.86 -33.43 -29.15
CA LEU A 143 -2.30 -34.61 -29.78
C LEU A 143 -2.39 -34.47 -31.27
N PRO A 144 -1.44 -35.07 -31.99
CA PRO A 144 -1.40 -35.02 -33.45
C PRO A 144 -2.79 -35.26 -34.07
N LEU A 145 -3.43 -36.38 -33.72
CA LEU A 145 -4.75 -36.74 -34.25
C LEU A 145 -5.57 -35.58 -34.81
N GLY A 146 -5.21 -35.14 -36.02
CA GLY A 146 -5.90 -34.02 -36.65
C GLY A 146 -7.35 -34.30 -36.97
N ARG A 147 -8.24 -33.54 -36.37
CA ARG A 147 -9.65 -33.70 -36.61
C ARG A 147 -10.29 -32.38 -36.44
N ASN A 148 -9.48 -31.36 -36.21
CA ASN A 148 -10.00 -30.02 -36.03
C ASN A 148 -10.52 -29.51 -37.37
N ALA A 149 -9.73 -29.65 -38.42
CA ALA A 149 -10.15 -29.21 -39.77
C ALA A 149 -11.47 -29.88 -40.06
N ASP A 150 -11.53 -31.17 -39.77
CA ASP A 150 -12.74 -31.96 -39.99
C ASP A 150 -13.92 -31.36 -39.25
N GLU A 151 -13.96 -31.55 -37.93
CA GLU A 151 -15.05 -31.06 -37.09
C GLU A 151 -15.41 -29.59 -37.31
N MET A 152 -14.43 -28.73 -37.56
CA MET A 152 -14.75 -27.33 -37.78
C MET A 152 -15.59 -27.18 -39.05
N LEU A 153 -15.29 -28.01 -40.04
CA LEU A 153 -16.05 -27.97 -41.30
C LEU A 153 -17.46 -28.41 -40.99
N ARG A 154 -17.59 -29.63 -40.47
CA ARG A 154 -18.88 -30.17 -40.11
C ARG A 154 -19.64 -29.13 -39.28
N MET A 155 -18.92 -28.39 -38.44
CA MET A 155 -19.54 -27.37 -37.64
C MET A 155 -19.97 -26.20 -38.50
N VAL A 156 -19.15 -25.88 -39.49
CA VAL A 156 -19.47 -24.78 -40.40
C VAL A 156 -20.74 -25.14 -41.16
N ASP A 157 -20.85 -26.40 -41.56
CA ASP A 157 -22.02 -26.85 -42.28
C ASP A 157 -23.18 -26.75 -41.32
N ALA A 158 -23.22 -27.68 -40.39
CA ALA A 158 -24.27 -27.72 -39.37
C ALA A 158 -24.77 -26.32 -39.08
N LEU A 159 -23.87 -25.45 -38.64
CA LEU A 159 -24.24 -24.08 -38.32
C LEU A 159 -25.10 -23.48 -39.41
N LEU A 160 -24.56 -23.43 -40.62
CA LEU A 160 -25.29 -22.85 -41.76
C LEU A 160 -26.57 -23.60 -42.12
N HIS A 161 -26.54 -24.92 -42.07
CA HIS A 161 -27.75 -25.71 -42.37
C HIS A 161 -28.86 -25.17 -41.48
N PHE A 162 -28.52 -24.91 -40.22
CA PHE A 162 -29.47 -24.38 -39.25
C PHE A 162 -29.86 -22.94 -39.55
N GLU A 163 -28.92 -22.16 -40.08
CA GLU A 163 -29.18 -20.76 -40.41
C GLU A 163 -30.58 -20.66 -41.00
N GLU A 164 -30.94 -21.67 -41.77
CA GLU A 164 -32.26 -21.73 -42.41
C GLU A 164 -33.09 -22.82 -41.76
N HIS A 165 -33.04 -24.01 -42.35
CA HIS A 165 -33.77 -25.16 -41.84
C HIS A 165 -33.37 -25.37 -40.37
N GLY A 166 -34.35 -25.30 -39.47
CA GLY A 166 -34.08 -25.50 -38.05
C GLY A 166 -33.52 -26.87 -37.73
N GLU A 167 -34.18 -27.60 -36.83
CA GLU A 167 -33.71 -28.94 -36.46
C GLU A 167 -34.58 -29.65 -35.41
N VAL A 168 -35.88 -29.82 -35.69
CA VAL A 168 -36.76 -30.50 -34.75
C VAL A 168 -36.07 -31.78 -34.29
N CYS A 169 -35.30 -31.65 -33.22
CA CYS A 169 -34.53 -32.75 -32.67
C CYS A 169 -35.34 -34.03 -32.70
N PRO A 170 -34.65 -35.17 -32.83
CA PRO A 170 -35.26 -36.50 -32.89
C PRO A 170 -36.05 -36.84 -31.63
N MET B 1 -6.34 -21.39 -19.22
CA MET B 1 -6.18 -22.59 -20.09
C MET B 1 -6.63 -23.84 -19.33
N VAL B 2 -7.25 -24.79 -20.02
CA VAL B 2 -7.74 -25.97 -19.35
C VAL B 2 -7.09 -27.22 -19.85
N VAL B 3 -7.00 -27.32 -21.17
CA VAL B 3 -6.39 -28.48 -21.79
C VAL B 3 -4.94 -28.61 -21.37
N THR B 4 -4.52 -29.85 -21.15
CA THR B 4 -3.16 -30.21 -20.71
C THR B 4 -3.01 -30.19 -19.19
N LYS B 5 -3.89 -29.46 -18.52
CA LYS B 5 -3.81 -29.37 -17.08
C LYS B 5 -4.69 -30.41 -16.39
N LEU B 6 -4.59 -30.46 -15.07
CA LEU B 6 -5.39 -31.39 -14.31
C LEU B 6 -6.84 -30.94 -14.42
N ALA B 7 -7.74 -31.90 -14.56
CA ALA B 7 -9.15 -31.59 -14.67
C ALA B 7 -9.59 -31.21 -13.28
N PRO B 8 -10.11 -29.99 -13.09
CA PRO B 8 -10.55 -29.64 -11.74
C PRO B 8 -11.60 -30.60 -11.22
N ASP B 9 -11.41 -31.10 -10.01
CA ASP B 9 -12.34 -32.05 -9.41
C ASP B 9 -13.48 -31.30 -8.75
N PHE B 10 -14.49 -32.05 -8.34
CA PHE B 10 -15.65 -31.48 -7.67
C PHE B 10 -16.40 -32.59 -6.96
N LYS B 11 -17.13 -32.19 -5.92
CA LYS B 11 -17.90 -33.11 -5.12
C LYS B 11 -19.20 -32.36 -4.98
N ALA B 12 -20.17 -32.68 -5.83
CA ALA B 12 -21.46 -32.02 -5.78
C ALA B 12 -22.51 -33.10 -5.83
N PRO B 13 -23.77 -32.74 -5.62
CA PRO B 13 -24.83 -33.75 -5.65
C PRO B 13 -25.25 -34.00 -7.11
N ALA B 14 -25.43 -35.26 -7.45
CA ALA B 14 -25.79 -35.61 -8.81
C ALA B 14 -26.85 -36.70 -8.86
N VAL B 15 -27.76 -36.56 -9.83
CA VAL B 15 -28.83 -37.53 -10.03
C VAL B 15 -28.29 -38.61 -10.95
N LEU B 16 -28.17 -39.80 -10.40
CA LEU B 16 -27.64 -40.91 -11.16
C LEU B 16 -28.55 -41.31 -12.30
N GLY B 17 -28.15 -42.36 -13.01
CA GLY B 17 -28.96 -42.83 -14.11
C GLY B 17 -30.23 -43.45 -13.58
N ASN B 18 -30.08 -44.29 -12.56
CA ASN B 18 -31.21 -44.97 -11.94
C ASN B 18 -32.02 -43.98 -11.12
N ASN B 19 -31.77 -42.70 -11.32
CA ASN B 19 -32.49 -41.65 -10.61
C ASN B 19 -32.30 -41.50 -9.11
N GLU B 20 -31.50 -42.35 -8.46
CA GLU B 20 -31.31 -42.11 -7.03
C GLU B 20 -30.19 -41.10 -6.94
N VAL B 21 -30.34 -40.13 -6.05
CA VAL B 21 -29.36 -39.07 -5.92
C VAL B 21 -28.17 -39.37 -5.07
N ASP B 22 -27.00 -39.04 -5.61
CA ASP B 22 -25.74 -39.21 -4.91
C ASP B 22 -25.43 -37.83 -4.36
N GLU B 23 -25.31 -37.74 -3.04
CA GLU B 23 -25.06 -36.47 -2.41
C GLU B 23 -23.67 -35.90 -2.68
N HIS B 24 -22.67 -36.77 -2.61
CA HIS B 24 -21.32 -36.31 -2.81
C HIS B 24 -20.66 -37.02 -3.97
N PHE B 25 -21.14 -36.72 -5.17
CA PHE B 25 -20.58 -37.30 -6.37
C PHE B 25 -19.24 -36.61 -6.61
N GLU B 26 -18.18 -37.41 -6.79
CA GLU B 26 -16.85 -36.87 -7.02
C GLU B 26 -16.34 -37.24 -8.39
N LEU B 27 -16.01 -36.24 -9.17
CA LEU B 27 -15.53 -36.48 -10.53
C LEU B 27 -14.51 -37.59 -10.62
N SER B 28 -13.41 -37.42 -9.90
CA SER B 28 -12.33 -38.38 -9.93
C SER B 28 -12.67 -39.79 -9.47
N LYS B 29 -13.63 -39.95 -8.58
CA LYS B 29 -13.98 -41.29 -8.14
C LYS B 29 -14.98 -41.93 -9.09
N ASN B 30 -15.34 -41.20 -10.14
CA ASN B 30 -16.33 -41.70 -11.09
C ASN B 30 -15.82 -41.75 -12.51
N LEU B 31 -14.56 -42.13 -12.70
CA LEU B 31 -14.05 -42.18 -14.07
C LEU B 31 -14.18 -43.56 -14.70
N GLY B 32 -14.12 -43.55 -16.03
CA GLY B 32 -14.18 -44.80 -16.77
C GLY B 32 -12.80 -45.40 -16.65
N LYS B 33 -12.56 -46.54 -17.28
CA LYS B 33 -11.24 -47.15 -17.19
C LYS B 33 -10.25 -46.30 -17.97
N ASN B 34 -10.76 -45.58 -18.98
CA ASN B 34 -9.91 -44.75 -19.81
C ASN B 34 -10.14 -43.29 -19.60
N GLY B 35 -11.02 -42.96 -18.67
CA GLY B 35 -11.29 -41.57 -18.42
C GLY B 35 -12.76 -41.28 -18.46
N VAL B 36 -13.09 -40.04 -18.81
CA VAL B 36 -14.48 -39.60 -18.88
C VAL B 36 -14.75 -38.35 -19.71
N ILE B 37 -16.00 -38.18 -20.12
CA ILE B 37 -16.40 -37.03 -20.88
C ILE B 37 -17.30 -36.21 -19.96
N LEU B 38 -16.86 -35.03 -19.61
CA LEU B 38 -17.62 -34.17 -18.76
C LEU B 38 -18.19 -33.16 -19.69
N PHE B 39 -19.51 -32.97 -19.63
CA PHE B 39 -20.14 -31.96 -20.51
C PHE B 39 -21.13 -31.08 -19.75
N PHE B 40 -21.29 -29.88 -20.26
CA PHE B 40 -22.17 -28.90 -19.67
C PHE B 40 -23.32 -28.59 -20.63
N TRP B 41 -24.25 -27.76 -20.18
CA TRP B 41 -25.39 -27.29 -20.96
C TRP B 41 -26.06 -26.21 -20.15
N PRO B 42 -26.45 -25.12 -20.80
CA PRO B 42 -27.10 -23.95 -20.20
C PRO B 42 -28.09 -24.22 -19.09
N LYS B 43 -29.27 -24.77 -19.41
CA LYS B 43 -30.27 -25.06 -18.40
C LYS B 43 -31.28 -26.13 -18.72
N ASP B 44 -31.85 -26.67 -17.65
CA ASP B 44 -32.86 -27.70 -17.76
C ASP B 44 -34.18 -27.04 -18.15
N PHE B 45 -35.15 -27.89 -18.50
CA PHE B 45 -36.46 -27.43 -18.88
C PHE B 45 -36.31 -26.29 -19.87
N THR B 46 -35.35 -26.46 -20.77
CA THR B 46 -35.09 -25.47 -21.79
C THR B 46 -36.32 -25.41 -22.66
N PHE B 47 -36.43 -24.34 -23.42
CA PHE B 47 -37.53 -24.14 -24.34
C PHE B 47 -37.17 -24.66 -25.71
N VAL B 48 -35.88 -24.63 -26.02
CA VAL B 48 -35.41 -25.13 -27.30
C VAL B 48 -35.23 -26.65 -27.16
N CYS B 49 -34.16 -27.19 -27.71
CA CYS B 49 -33.94 -28.63 -27.64
C CYS B 49 -32.79 -29.03 -26.77
N PRO B 50 -32.89 -30.22 -26.17
CA PRO B 50 -31.88 -30.80 -25.30
C PRO B 50 -30.80 -31.45 -26.19
N THR B 51 -30.67 -30.91 -27.40
CA THR B 51 -29.69 -31.38 -28.38
C THR B 51 -28.56 -32.09 -27.68
N GLU B 52 -27.90 -31.36 -26.79
CA GLU B 52 -26.79 -31.84 -25.98
C GLU B 52 -27.14 -33.14 -25.28
N ILE B 53 -27.96 -33.00 -24.24
CA ILE B 53 -28.38 -34.11 -23.42
C ILE B 53 -28.84 -35.30 -24.26
N ILE B 54 -29.46 -34.99 -25.38
CA ILE B 54 -29.95 -36.03 -26.28
C ILE B 54 -28.77 -36.80 -26.87
N ALA B 55 -28.03 -36.12 -27.73
CA ALA B 55 -26.87 -36.67 -28.40
C ALA B 55 -26.08 -37.53 -27.43
N PHE B 56 -25.73 -36.95 -26.30
CA PHE B 56 -24.97 -37.65 -25.30
C PHE B 56 -25.61 -38.88 -24.73
N ASP B 57 -26.91 -38.82 -24.44
CA ASP B 57 -27.55 -39.99 -23.87
C ASP B 57 -27.50 -41.14 -24.85
N LYS B 58 -27.49 -40.81 -26.13
CA LYS B 58 -27.46 -41.82 -27.18
C LYS B 58 -26.10 -42.49 -27.36
N ARG B 59 -25.04 -41.87 -26.87
CA ARG B 59 -23.70 -42.44 -26.97
C ARG B 59 -23.20 -43.04 -25.67
N VAL B 60 -23.87 -42.75 -24.55
CA VAL B 60 -23.43 -43.26 -23.25
C VAL B 60 -22.91 -44.69 -23.35
N LYS B 61 -23.60 -45.51 -24.12
CA LYS B 61 -23.17 -46.90 -24.24
C LYS B 61 -21.96 -47.03 -25.12
N ASP B 62 -21.90 -46.25 -26.19
CA ASP B 62 -20.75 -46.30 -27.06
C ASP B 62 -19.50 -45.91 -26.27
N PHE B 63 -19.62 -44.86 -25.46
CA PHE B 63 -18.52 -44.41 -24.65
C PHE B 63 -18.13 -45.46 -23.63
N HIS B 64 -19.10 -46.10 -22.98
CA HIS B 64 -18.77 -47.14 -22.00
C HIS B 64 -17.90 -48.17 -22.64
N GLU B 65 -18.28 -48.56 -23.85
CA GLU B 65 -17.56 -49.57 -24.61
C GLU B 65 -16.14 -49.08 -24.90
N LYS B 66 -15.94 -47.76 -24.92
CA LYS B 66 -14.61 -47.21 -25.17
C LYS B 66 -13.87 -46.92 -23.86
N GLY B 67 -14.48 -47.29 -22.74
CA GLY B 67 -13.86 -47.09 -21.44
C GLY B 67 -14.06 -45.72 -20.84
N PHE B 68 -15.00 -44.96 -21.38
CA PHE B 68 -15.26 -43.62 -20.87
C PHE B 68 -16.63 -43.49 -20.25
N ASN B 69 -16.76 -42.58 -19.29
CA ASN B 69 -18.04 -42.36 -18.68
C ASN B 69 -18.51 -41.00 -19.12
N VAL B 70 -19.81 -40.78 -19.08
CA VAL B 70 -20.36 -39.50 -19.48
C VAL B 70 -20.93 -38.88 -18.23
N ILE B 71 -20.60 -37.62 -18.03
CA ILE B 71 -21.07 -36.91 -16.86
C ILE B 71 -21.44 -35.53 -17.32
N GLY B 72 -22.72 -35.20 -17.21
CA GLY B 72 -23.17 -33.89 -17.64
C GLY B 72 -23.46 -33.05 -16.42
N VAL B 73 -23.25 -31.74 -16.53
CA VAL B 73 -23.52 -30.87 -15.40
C VAL B 73 -24.21 -29.59 -15.86
N SER B 74 -25.00 -29.01 -14.97
CA SER B 74 -25.73 -27.80 -15.27
C SER B 74 -25.87 -26.99 -13.98
N ILE B 75 -25.96 -25.67 -14.10
CA ILE B 75 -26.12 -24.84 -12.92
C ILE B 75 -27.45 -25.02 -12.21
N ASP B 76 -28.25 -26.00 -12.65
CA ASP B 76 -29.56 -26.24 -12.03
C ASP B 76 -29.43 -27.18 -10.84
N SER B 77 -30.34 -27.09 -9.88
CA SER B 77 -30.29 -27.94 -8.69
C SER B 77 -30.54 -29.38 -9.08
N GLU B 78 -30.31 -30.31 -8.19
CA GLU B 78 -30.54 -31.70 -8.54
C GLU B 78 -32.01 -32.04 -8.53
N GLN B 79 -32.83 -31.22 -7.88
CA GLN B 79 -34.28 -31.46 -7.85
C GLN B 79 -34.79 -31.27 -9.26
N VAL B 80 -34.48 -30.10 -9.81
CA VAL B 80 -34.91 -29.80 -11.16
C VAL B 80 -34.32 -30.81 -12.12
N HIS B 81 -33.13 -31.32 -11.84
CA HIS B 81 -32.51 -32.32 -12.73
C HIS B 81 -33.45 -33.51 -12.74
N PHE B 82 -33.73 -34.01 -11.55
CA PHE B 82 -34.61 -35.15 -11.36
C PHE B 82 -35.94 -34.92 -12.09
N ALA B 83 -36.50 -33.73 -11.89
CA ALA B 83 -37.76 -33.36 -12.50
C ALA B 83 -37.72 -33.61 -13.99
N TRP B 84 -36.80 -32.94 -14.67
CA TRP B 84 -36.62 -33.06 -16.11
C TRP B 84 -36.53 -34.52 -16.57
N LYS B 85 -35.84 -35.34 -15.78
CA LYS B 85 -35.68 -36.76 -16.11
C LYS B 85 -37.02 -37.47 -16.07
N ASN B 86 -37.89 -37.05 -15.17
CA ASN B 86 -39.21 -37.69 -15.01
C ASN B 86 -40.35 -37.03 -15.74
N THR B 87 -40.06 -35.92 -16.39
CA THR B 87 -41.06 -35.24 -17.17
C THR B 87 -41.10 -35.98 -18.52
N PRO B 88 -42.28 -36.44 -18.93
CA PRO B 88 -42.42 -37.15 -20.20
C PRO B 88 -41.79 -36.38 -21.35
N VAL B 89 -40.97 -37.08 -22.11
CA VAL B 89 -40.27 -36.49 -23.26
C VAL B 89 -41.11 -35.57 -24.16
N GLU B 90 -42.35 -35.97 -24.45
CA GLU B 90 -43.23 -35.17 -25.30
C GLU B 90 -43.74 -33.93 -24.58
N LYS B 91 -43.78 -34.02 -23.26
CA LYS B 91 -44.22 -32.94 -22.39
C LYS B 91 -43.07 -31.95 -22.18
N GLY B 92 -41.97 -32.16 -22.92
CA GLY B 92 -40.82 -31.29 -22.80
C GLY B 92 -39.73 -31.93 -21.95
N GLY B 93 -40.12 -32.99 -21.25
CA GLY B 93 -39.19 -33.70 -20.38
C GLY B 93 -37.94 -34.16 -21.09
N ILE B 94 -37.07 -34.84 -20.35
CA ILE B 94 -35.82 -35.32 -20.90
C ILE B 94 -35.83 -36.83 -20.97
N GLY B 95 -36.72 -37.46 -20.22
CA GLY B 95 -36.75 -38.91 -20.24
C GLY B 95 -35.67 -39.42 -19.32
N GLN B 96 -35.86 -40.60 -18.78
CA GLN B 96 -34.91 -41.21 -17.86
C GLN B 96 -33.55 -41.58 -18.48
N VAL B 97 -32.69 -40.58 -18.69
CA VAL B 97 -31.35 -40.78 -19.28
C VAL B 97 -30.47 -41.74 -18.48
N SER B 98 -29.42 -42.23 -19.12
CA SER B 98 -28.52 -43.21 -18.51
C SER B 98 -27.21 -42.71 -17.88
N PHE B 99 -27.03 -41.40 -17.81
CA PHE B 99 -25.81 -40.85 -17.22
C PHE B 99 -26.06 -39.91 -16.02
N PRO B 100 -25.01 -39.71 -15.19
CA PRO B 100 -25.13 -38.85 -14.02
C PRO B 100 -25.27 -37.41 -14.44
N MET B 101 -26.13 -36.69 -13.73
CA MET B 101 -26.33 -35.27 -14.02
C MET B 101 -25.95 -34.59 -12.74
N VAL B 102 -24.96 -33.70 -12.82
CA VAL B 102 -24.44 -33.00 -11.66
C VAL B 102 -25.06 -31.62 -11.47
N ALA B 103 -25.31 -31.26 -10.22
CA ALA B 103 -25.91 -29.99 -9.88
C ALA B 103 -24.89 -28.95 -9.42
N ASP B 104 -24.40 -28.16 -10.35
CA ASP B 104 -23.43 -27.13 -9.99
C ASP B 104 -24.18 -25.90 -9.48
N ILE B 105 -25.06 -26.14 -8.51
CA ILE B 105 -25.90 -25.09 -7.92
C ILE B 105 -25.20 -23.76 -7.58
N THR B 106 -23.92 -23.84 -7.22
CA THR B 106 -23.14 -22.64 -6.87
C THR B 106 -22.35 -22.11 -8.06
N LYS B 107 -22.50 -22.78 -9.21
CA LYS B 107 -21.81 -22.36 -10.40
C LYS B 107 -20.29 -22.48 -10.29
N SER B 108 -19.81 -23.09 -9.21
CA SER B 108 -18.37 -23.23 -9.03
C SER B 108 -17.74 -24.09 -10.15
N ILE B 109 -18.26 -25.30 -10.37
CA ILE B 109 -17.72 -26.18 -11.40
C ILE B 109 -17.60 -25.49 -12.74
N SER B 110 -18.69 -24.87 -13.18
CA SER B 110 -18.71 -24.17 -14.45
C SER B 110 -17.60 -23.15 -14.48
N ARG B 111 -17.42 -22.47 -13.37
CA ARG B 111 -16.39 -21.47 -13.26
C ARG B 111 -15.03 -22.12 -13.43
N ASP B 112 -14.86 -23.24 -12.73
CA ASP B 112 -13.61 -23.95 -12.79
C ASP B 112 -13.19 -24.33 -14.19
N TYR B 113 -14.15 -24.76 -15.00
CA TYR B 113 -13.83 -25.13 -16.34
C TYR B 113 -13.95 -23.97 -17.26
N ASP B 114 -14.25 -22.82 -16.71
CA ASP B 114 -14.37 -21.62 -17.49
C ASP B 114 -15.42 -21.67 -18.62
N VAL B 115 -16.59 -22.20 -18.30
CA VAL B 115 -17.68 -22.27 -19.27
C VAL B 115 -18.85 -21.47 -18.69
N LEU B 116 -18.64 -20.95 -17.48
CA LEU B 116 -19.69 -20.19 -16.84
C LEU B 116 -19.88 -18.89 -17.61
N PHE B 117 -21.05 -18.75 -18.23
CA PHE B 117 -21.37 -17.58 -19.03
C PHE B 117 -22.11 -16.50 -18.29
N GLU B 118 -21.57 -15.28 -18.34
CA GLU B 118 -22.13 -14.12 -17.66
C GLU B 118 -22.69 -14.38 -16.25
N GLU B 119 -21.89 -15.05 -15.42
CA GLU B 119 -22.25 -15.34 -14.03
C GLU B 119 -23.57 -16.06 -13.84
N ALA B 120 -24.14 -16.61 -14.90
CA ALA B 120 -25.41 -17.28 -14.78
C ALA B 120 -25.47 -18.73 -15.19
N ILE B 121 -25.23 -19.01 -16.48
CA ILE B 121 -25.29 -20.39 -16.93
C ILE B 121 -24.08 -20.89 -17.73
N ALA B 122 -23.96 -22.20 -17.77
CA ALA B 122 -22.87 -22.87 -18.46
C ALA B 122 -23.01 -22.92 -19.98
N LEU B 123 -21.90 -22.76 -20.69
CA LEU B 123 -21.89 -22.86 -22.14
C LEU B 123 -22.03 -24.34 -22.51
N ARG B 124 -22.17 -24.63 -23.79
CA ARG B 124 -22.28 -26.01 -24.22
C ARG B 124 -20.86 -26.50 -24.49
N GLY B 125 -20.25 -27.12 -23.49
CA GLY B 125 -18.89 -27.60 -23.67
C GLY B 125 -18.70 -29.03 -23.22
N ALA B 126 -17.67 -29.67 -23.76
CA ALA B 126 -17.37 -31.04 -23.37
C ALA B 126 -15.86 -31.21 -23.21
N PHE B 127 -15.48 -32.03 -22.23
CA PHE B 127 -14.08 -32.25 -21.93
C PHE B 127 -13.71 -33.70 -21.88
N LEU B 128 -12.61 -34.01 -22.55
CA LEU B 128 -12.09 -35.36 -22.60
C LEU B 128 -11.09 -35.45 -21.45
N ILE B 129 -11.44 -36.20 -20.41
CA ILE B 129 -10.58 -36.32 -19.27
C ILE B 129 -10.04 -37.75 -19.21
N ASP B 130 -8.71 -37.90 -19.13
CA ASP B 130 -8.11 -39.24 -19.10
C ASP B 130 -8.09 -39.88 -17.73
N LYS B 131 -7.49 -41.07 -17.66
CA LYS B 131 -7.40 -41.82 -16.41
C LYS B 131 -6.53 -41.12 -15.36
N ASN B 132 -5.79 -40.09 -15.76
CA ASN B 132 -4.95 -39.38 -14.82
C ASN B 132 -5.50 -38.00 -14.51
N MET B 133 -6.82 -37.85 -14.65
CA MET B 133 -7.47 -36.56 -14.39
C MET B 133 -6.89 -35.38 -15.16
N LYS B 134 -6.38 -35.64 -16.37
CA LYS B 134 -5.83 -34.59 -17.21
C LYS B 134 -6.80 -34.32 -18.37
N VAL B 135 -7.09 -33.06 -18.67
CA VAL B 135 -7.99 -32.78 -19.78
C VAL B 135 -7.16 -32.77 -21.04
N ARG B 136 -7.40 -33.76 -21.89
CA ARG B 136 -6.67 -33.92 -23.15
C ARG B 136 -7.30 -33.11 -24.28
N HIS B 137 -8.62 -33.17 -24.35
CA HIS B 137 -9.34 -32.45 -25.40
C HIS B 137 -10.50 -31.70 -24.83
N ALA B 138 -10.81 -30.57 -25.44
CA ALA B 138 -11.92 -29.76 -24.99
C ALA B 138 -12.58 -29.03 -26.16
N VAL B 139 -13.91 -29.13 -26.25
CA VAL B 139 -14.66 -28.44 -27.29
C VAL B 139 -15.81 -27.71 -26.63
N ILE B 140 -15.84 -26.40 -26.80
CA ILE B 140 -16.91 -25.64 -26.21
C ILE B 140 -17.55 -24.89 -27.34
N ASN B 141 -18.86 -24.80 -27.27
CA ASN B 141 -19.65 -24.18 -28.31
C ASN B 141 -20.77 -23.32 -27.72
N ASP B 142 -21.19 -22.32 -28.49
CA ASP B 142 -22.27 -21.46 -28.02
C ASP B 142 -23.54 -21.49 -28.90
N LEU B 143 -23.79 -22.61 -29.56
CA LEU B 143 -24.99 -22.74 -30.38
C LEU B 143 -25.81 -24.01 -30.07
N PRO B 144 -27.07 -24.07 -30.54
CA PRO B 144 -27.99 -25.19 -30.31
C PRO B 144 -27.53 -26.56 -30.82
N LEU B 145 -26.85 -26.53 -31.95
CA LEU B 145 -26.33 -27.73 -32.60
C LEU B 145 -25.34 -28.52 -31.73
N GLY B 146 -25.90 -29.37 -30.85
CA GLY B 146 -25.08 -30.18 -29.96
C GLY B 146 -24.31 -31.25 -30.70
N ARG B 147 -23.40 -30.82 -31.56
CA ARG B 147 -22.58 -31.71 -32.37
C ARG B 147 -21.45 -32.37 -31.57
N ASN B 148 -20.92 -31.65 -30.60
CA ASN B 148 -19.83 -32.15 -29.79
C ASN B 148 -20.07 -33.45 -29.04
N ALA B 149 -21.33 -33.82 -28.83
CA ALA B 149 -21.59 -35.08 -28.14
C ALA B 149 -21.11 -36.21 -29.04
N ASP B 150 -21.33 -36.00 -30.33
CA ASP B 150 -20.94 -36.91 -31.39
C ASP B 150 -19.42 -36.80 -31.55
N GLU B 151 -19.01 -35.61 -31.97
CA GLU B 151 -17.62 -35.26 -32.16
C GLU B 151 -16.73 -35.92 -31.10
N MET B 152 -17.04 -35.70 -29.82
CA MET B 152 -16.26 -36.30 -28.73
C MET B 152 -16.07 -37.77 -28.96
N LEU B 153 -17.16 -38.47 -29.28
CA LEU B 153 -17.05 -39.91 -29.52
C LEU B 153 -16.06 -40.19 -30.61
N ARG B 154 -16.02 -39.30 -31.60
CA ARG B 154 -15.09 -39.48 -32.71
C ARG B 154 -13.65 -39.31 -32.21
N MET B 155 -13.42 -38.33 -31.34
CA MET B 155 -12.10 -38.07 -30.76
C MET B 155 -11.67 -39.23 -29.89
N VAL B 156 -12.59 -39.79 -29.13
CA VAL B 156 -12.29 -40.92 -28.28
C VAL B 156 -11.77 -42.09 -29.10
N ASP B 157 -12.18 -42.17 -30.37
CA ASP B 157 -11.72 -43.26 -31.24
C ASP B 157 -10.33 -42.92 -31.73
N ALA B 158 -10.21 -41.72 -32.28
CA ALA B 158 -8.94 -41.23 -32.80
C ALA B 158 -7.87 -41.40 -31.76
N LEU B 159 -8.25 -41.16 -30.51
CA LEU B 159 -7.32 -41.28 -29.41
C LEU B 159 -6.92 -42.70 -29.11
N LEU B 160 -7.88 -43.63 -29.09
CA LEU B 160 -7.54 -45.01 -28.81
C LEU B 160 -6.80 -45.66 -29.96
N HIS B 161 -6.95 -45.13 -31.16
CA HIS B 161 -6.25 -45.66 -32.31
C HIS B 161 -4.83 -45.16 -32.16
N PHE B 162 -4.69 -43.83 -32.19
CA PHE B 162 -3.41 -43.16 -32.04
C PHE B 162 -2.63 -43.74 -30.88
N GLU B 163 -3.34 -44.01 -29.80
CA GLU B 163 -2.75 -44.57 -28.60
C GLU B 163 -2.20 -45.96 -28.88
N GLU B 164 -2.82 -46.66 -29.81
CA GLU B 164 -2.38 -48.01 -30.19
C GLU B 164 -1.36 -47.96 -31.32
N HIS B 165 -1.79 -48.26 -32.53
CA HIS B 165 -0.89 -48.25 -33.68
C HIS B 165 -0.30 -46.84 -33.96
N GLY B 166 -0.18 -46.03 -32.92
CA GLY B 166 0.38 -44.70 -33.08
C GLY B 166 -0.21 -43.92 -34.24
N GLU B 167 0.47 -42.84 -34.62
CA GLU B 167 0.01 -41.99 -35.72
C GLU B 167 0.72 -42.29 -37.04
N VAL B 168 -0.06 -42.42 -38.11
CA VAL B 168 0.47 -42.66 -39.45
C VAL B 168 -0.08 -41.56 -40.33
N CYS B 169 0.42 -41.45 -41.55
CA CYS B 169 -0.07 -40.39 -42.42
C CYS B 169 0.68 -40.39 -43.75
N PRO B 170 0.30 -39.50 -44.71
CA PRO B 170 0.93 -39.39 -46.03
C PRO B 170 2.24 -40.16 -46.23
N ALA B 171 2.11 -41.36 -46.79
CA ALA B 171 3.23 -42.26 -47.05
C ALA B 171 4.51 -41.60 -47.54
N GLY B 172 4.37 -40.41 -48.11
CA GLY B 172 5.55 -39.73 -48.61
C GLY B 172 5.96 -38.56 -47.75
N TRP B 173 5.77 -38.64 -46.44
CA TRP B 173 6.15 -37.53 -45.58
C TRP B 173 7.60 -37.58 -45.14
N ARG B 174 8.17 -38.76 -45.02
CA ARG B 174 9.55 -38.79 -44.63
C ARG B 174 10.38 -39.78 -45.42
N LYS B 175 9.78 -40.91 -45.79
CA LYS B 175 10.51 -41.89 -46.58
C LYS B 175 11.84 -42.22 -45.88
N MET C 1 -28.36 -3.89 7.32
CA MET C 1 -29.78 -4.33 7.41
C MET C 1 -30.53 -4.00 6.13
N VAL C 2 -31.70 -4.61 5.99
CA VAL C 2 -32.54 -4.41 4.84
C VAL C 2 -33.63 -3.42 5.16
N VAL C 3 -34.32 -3.69 6.28
CA VAL C 3 -35.42 -2.85 6.73
C VAL C 3 -34.99 -1.42 6.97
N THR C 4 -35.93 -0.50 6.72
CA THR C 4 -35.76 0.94 6.88
C THR C 4 -34.95 1.53 5.74
N LYS C 5 -34.63 0.70 4.76
CA LYS C 5 -33.85 1.18 3.63
C LYS C 5 -34.57 0.91 2.34
N LEU C 6 -34.13 1.59 1.29
CA LEU C 6 -34.73 1.41 -0.03
C LEU C 6 -34.59 -0.05 -0.47
N ALA C 7 -35.70 -0.65 -0.90
CA ALA C 7 -35.66 -2.03 -1.34
C ALA C 7 -34.79 -2.10 -2.58
N PRO C 8 -33.75 -2.96 -2.55
CA PRO C 8 -32.83 -3.10 -3.68
C PRO C 8 -33.63 -3.39 -4.93
N ASP C 9 -33.58 -2.50 -5.91
CA ASP C 9 -34.35 -2.77 -7.12
C ASP C 9 -33.65 -3.73 -8.05
N PHE C 10 -34.42 -4.59 -8.71
CA PHE C 10 -33.84 -5.54 -9.65
C PHE C 10 -34.54 -5.54 -10.99
N LYS C 11 -34.06 -6.35 -11.92
CA LYS C 11 -34.62 -6.44 -13.27
C LYS C 11 -34.20 -7.79 -13.84
N ALA C 12 -35.14 -8.74 -13.91
CA ALA C 12 -34.79 -10.07 -14.39
C ALA C 12 -35.94 -10.85 -15.02
N PRO C 13 -35.64 -11.99 -15.66
CA PRO C 13 -36.70 -12.79 -16.28
C PRO C 13 -37.70 -13.19 -15.22
N ALA C 14 -38.98 -13.14 -15.55
CA ALA C 14 -40.05 -13.52 -14.64
C ALA C 14 -41.16 -14.25 -15.39
N VAL C 15 -41.83 -15.17 -14.71
CA VAL C 15 -42.93 -15.91 -15.32
C VAL C 15 -44.24 -15.47 -14.66
N LEU C 16 -44.82 -14.44 -15.26
CA LEU C 16 -46.07 -13.84 -14.83
C LEU C 16 -47.13 -14.90 -14.55
N GLY C 17 -48.09 -14.55 -13.71
CA GLY C 17 -49.13 -15.50 -13.36
C GLY C 17 -49.77 -16.17 -14.56
N ASN C 18 -49.84 -15.45 -15.67
CA ASN C 18 -50.43 -15.94 -16.92
C ASN C 18 -49.41 -16.59 -17.84
N ASN C 19 -48.44 -17.28 -17.24
CA ASN C 19 -47.35 -17.95 -17.96
C ASN C 19 -46.68 -17.15 -19.05
N GLU C 20 -46.95 -15.85 -19.09
CA GLU C 20 -46.28 -15.02 -20.08
C GLU C 20 -44.92 -14.85 -19.44
N VAL C 21 -43.88 -14.72 -20.26
CA VAL C 21 -42.54 -14.55 -19.70
C VAL C 21 -41.94 -13.17 -19.94
N ASP C 22 -41.87 -12.37 -18.89
CA ASP C 22 -41.28 -11.05 -19.02
C ASP C 22 -39.78 -11.20 -18.87
N GLU C 23 -39.02 -10.52 -19.73
CA GLU C 23 -37.57 -10.61 -19.69
C GLU C 23 -36.91 -9.59 -18.81
N HIS C 24 -37.54 -8.43 -18.68
CA HIS C 24 -36.97 -7.37 -17.87
C HIS C 24 -37.90 -6.86 -16.79
N PHE C 25 -38.34 -7.78 -15.94
CA PHE C 25 -39.23 -7.47 -14.83
C PHE C 25 -38.49 -6.64 -13.78
N GLU C 26 -38.85 -5.36 -13.65
CA GLU C 26 -38.21 -4.49 -12.66
C GLU C 26 -39.08 -4.37 -11.43
N LEU C 27 -38.53 -4.68 -10.26
CA LEU C 27 -39.30 -4.58 -9.03
C LEU C 27 -39.89 -3.17 -8.93
N SER C 28 -39.03 -2.18 -9.07
CA SER C 28 -39.40 -0.78 -8.97
C SER C 28 -40.56 -0.36 -9.83
N LYS C 29 -41.08 -1.30 -10.61
CA LYS C 29 -42.21 -1.01 -11.49
C LYS C 29 -43.46 -1.71 -11.02
N ASN C 30 -43.43 -3.03 -11.07
CA ASN C 30 -44.56 -3.85 -10.68
C ASN C 30 -45.01 -3.76 -9.23
N LEU C 31 -44.96 -2.56 -8.64
CA LEU C 31 -45.38 -2.40 -7.25
C LEU C 31 -46.90 -2.43 -7.18
N GLY C 32 -47.44 -2.44 -5.96
CA GLY C 32 -48.88 -2.43 -5.78
C GLY C 32 -49.24 -0.96 -5.69
N LYS C 33 -50.31 -0.63 -5.00
CA LYS C 33 -50.71 0.76 -4.88
C LYS C 33 -50.11 1.30 -3.58
N ASN C 34 -49.92 0.39 -2.63
CA ASN C 34 -49.35 0.72 -1.33
C ASN C 34 -47.97 0.13 -1.17
N GLY C 35 -47.58 -0.71 -2.12
CA GLY C 35 -46.28 -1.33 -2.08
C GLY C 35 -46.34 -2.78 -2.51
N VAL C 36 -45.40 -3.59 -2.06
CA VAL C 36 -45.39 -4.99 -2.45
C VAL C 36 -44.87 -5.92 -1.38
N ILE C 37 -45.06 -7.20 -1.64
CA ILE C 37 -44.60 -8.26 -0.77
C ILE C 37 -43.68 -9.14 -1.61
N LEU C 38 -42.38 -8.94 -1.46
CA LEU C 38 -41.38 -9.71 -2.18
C LEU C 38 -41.03 -10.93 -1.34
N PHE C 39 -41.00 -12.12 -1.91
CA PHE C 39 -40.69 -13.28 -1.07
C PHE C 39 -39.86 -14.34 -1.78
N PHE C 40 -39.02 -15.03 -1.02
CA PHE C 40 -38.13 -16.05 -1.56
C PHE C 40 -38.45 -17.45 -1.10
N TRP C 41 -37.87 -18.42 -1.79
CA TRP C 41 -38.02 -19.81 -1.41
C TRP C 41 -36.80 -20.48 -1.99
N PRO C 42 -36.29 -21.50 -1.29
CA PRO C 42 -35.11 -22.29 -1.63
C PRO C 42 -34.98 -22.69 -3.08
N LYS C 43 -35.83 -23.62 -3.50
CA LYS C 43 -35.75 -24.09 -4.86
C LYS C 43 -37.03 -24.74 -5.39
N ASP C 44 -37.22 -24.61 -6.71
CA ASP C 44 -38.37 -25.18 -7.40
C ASP C 44 -38.19 -26.68 -7.36
N PHE C 45 -39.24 -27.43 -7.70
CA PHE C 45 -39.20 -28.90 -7.70
C PHE C 45 -38.70 -29.55 -6.43
N THR C 46 -38.84 -28.83 -5.32
CA THR C 46 -38.45 -29.32 -4.01
C THR C 46 -39.24 -30.59 -3.67
N PHE C 47 -38.69 -31.44 -2.82
CA PHE C 47 -39.41 -32.64 -2.41
C PHE C 47 -40.06 -32.35 -1.09
N VAL C 48 -39.83 -31.14 -0.57
CA VAL C 48 -40.43 -30.74 0.68
C VAL C 48 -41.65 -29.94 0.24
N CYS C 49 -42.64 -29.74 1.09
CA CYS C 49 -43.81 -29.02 0.66
C CYS C 49 -43.50 -27.57 0.31
N PRO C 50 -43.98 -27.12 -0.85
CA PRO C 50 -43.80 -25.76 -1.36
C PRO C 50 -44.32 -24.67 -0.45
N THR C 51 -44.93 -25.10 0.66
CA THR C 51 -45.50 -24.20 1.68
C THR C 51 -45.51 -22.71 1.36
N GLU C 52 -44.33 -22.15 1.18
CA GLU C 52 -44.18 -20.74 0.85
C GLU C 52 -45.08 -20.36 -0.31
N ILE C 53 -44.91 -21.08 -1.42
CA ILE C 53 -45.68 -20.84 -2.64
C ILE C 53 -47.17 -21.01 -2.43
N ILE C 54 -47.57 -22.11 -1.77
CA ILE C 54 -48.97 -22.38 -1.49
C ILE C 54 -49.63 -21.24 -0.73
N ALA C 55 -49.16 -21.01 0.49
CA ALA C 55 -49.68 -19.95 1.34
C ALA C 55 -49.74 -18.61 0.65
N PHE C 56 -48.79 -18.35 -0.24
CA PHE C 56 -48.79 -17.08 -0.93
C PHE C 56 -49.76 -17.06 -2.10
N ASP C 57 -49.95 -18.20 -2.73
CA ASP C 57 -50.87 -18.24 -3.86
C ASP C 57 -52.28 -17.93 -3.37
N LYS C 58 -52.69 -18.59 -2.29
CA LYS C 58 -54.00 -18.34 -1.72
C LYS C 58 -54.23 -16.85 -1.51
N ARG C 59 -53.48 -16.30 -0.57
CA ARG C 59 -53.59 -14.89 -0.21
C ARG C 59 -53.25 -13.84 -1.28
N VAL C 60 -52.95 -14.28 -2.49
CA VAL C 60 -52.58 -13.31 -3.54
C VAL C 60 -53.60 -12.22 -3.73
N LYS C 61 -54.87 -12.63 -3.74
CA LYS C 61 -55.98 -11.73 -3.97
C LYS C 61 -56.15 -10.67 -2.89
N ASP C 62 -56.09 -11.08 -1.64
CA ASP C 62 -56.25 -10.16 -0.53
C ASP C 62 -55.10 -9.17 -0.56
N PHE C 63 -53.88 -9.69 -0.57
CA PHE C 63 -52.72 -8.82 -0.62
C PHE C 63 -52.96 -7.83 -1.74
N HIS C 64 -53.62 -8.32 -2.78
CA HIS C 64 -53.89 -7.49 -3.92
C HIS C 64 -54.92 -6.42 -3.60
N GLU C 65 -56.04 -6.85 -3.02
CA GLU C 65 -57.10 -5.93 -2.65
C GLU C 65 -56.51 -4.74 -1.92
N LYS C 66 -55.83 -5.03 -0.82
CA LYS C 66 -55.22 -4.01 0.03
C LYS C 66 -54.07 -3.24 -0.62
N GLY C 67 -53.98 -3.34 -1.95
CA GLY C 67 -52.96 -2.61 -2.68
C GLY C 67 -51.54 -3.14 -2.67
N PHE C 68 -51.41 -4.46 -2.47
CA PHE C 68 -50.09 -5.05 -2.42
C PHE C 68 -49.86 -6.16 -3.45
N ASN C 69 -48.91 -5.94 -4.33
CA ASN C 69 -48.58 -6.96 -5.30
C ASN C 69 -47.79 -8.05 -4.58
N VAL C 70 -47.65 -9.21 -5.21
CA VAL C 70 -46.91 -10.29 -4.59
C VAL C 70 -45.94 -10.88 -5.60
N ILE C 71 -44.65 -10.63 -5.37
CA ILE C 71 -43.64 -11.15 -6.27
C ILE C 71 -42.79 -12.21 -5.60
N GLY C 72 -42.75 -13.38 -6.22
CA GLY C 72 -41.97 -14.48 -5.69
C GLY C 72 -40.66 -14.55 -6.44
N VAL C 73 -39.61 -15.06 -5.78
CA VAL C 73 -38.31 -15.15 -6.42
C VAL C 73 -37.56 -16.35 -5.94
N SER C 74 -36.79 -16.94 -6.84
CA SER C 74 -36.00 -18.13 -6.56
C SER C 74 -34.72 -18.04 -7.39
N ILE C 75 -33.73 -18.84 -7.04
CA ILE C 75 -32.47 -18.82 -7.77
C ILE C 75 -32.54 -19.65 -9.04
N ASP C 76 -33.70 -20.26 -9.27
CA ASP C 76 -33.94 -21.10 -10.43
C ASP C 76 -34.27 -20.25 -11.67
N SER C 77 -34.19 -20.85 -12.86
CA SER C 77 -34.44 -20.11 -14.10
C SER C 77 -35.90 -20.14 -14.50
N GLU C 78 -36.32 -19.10 -15.22
CA GLU C 78 -37.68 -18.99 -15.68
C GLU C 78 -38.10 -20.28 -16.40
N GLN C 79 -37.20 -20.85 -17.17
CA GLN C 79 -37.52 -22.09 -17.87
C GLN C 79 -38.04 -23.11 -16.87
N VAL C 80 -37.47 -23.14 -15.67
CA VAL C 80 -37.92 -24.12 -14.69
C VAL C 80 -39.10 -23.59 -13.88
N HIS C 81 -39.13 -22.29 -13.63
CA HIS C 81 -40.28 -21.72 -12.93
C HIS C 81 -41.46 -22.19 -13.76
N PHE C 82 -41.42 -21.83 -15.02
CA PHE C 82 -42.45 -22.19 -16.00
C PHE C 82 -42.80 -23.66 -15.86
N ALA C 83 -41.85 -24.52 -16.19
CA ALA C 83 -42.08 -25.95 -16.11
C ALA C 83 -42.66 -26.41 -14.77
N TRP C 84 -42.34 -25.70 -13.70
CA TRP C 84 -42.88 -26.11 -12.39
C TRP C 84 -44.38 -25.85 -12.29
N LYS C 85 -44.85 -24.75 -12.90
CA LYS C 85 -46.28 -24.40 -12.90
C LYS C 85 -47.04 -25.44 -13.72
N ASN C 86 -46.47 -25.82 -14.87
CA ASN C 86 -47.11 -26.79 -15.75
C ASN C 86 -46.83 -28.23 -15.34
N THR C 87 -47.01 -28.55 -14.06
CA THR C 87 -46.75 -29.91 -13.63
C THR C 87 -47.83 -30.40 -12.68
N PRO C 88 -48.26 -31.65 -12.87
CA PRO C 88 -49.29 -32.27 -12.03
C PRO C 88 -48.88 -32.13 -10.60
N VAL C 89 -49.68 -31.45 -9.78
CA VAL C 89 -49.30 -31.29 -8.39
C VAL C 89 -49.05 -32.63 -7.70
N GLU C 90 -49.53 -33.74 -8.26
CA GLU C 90 -49.27 -35.05 -7.64
C GLU C 90 -47.90 -35.49 -8.12
N LYS C 91 -47.47 -34.85 -9.20
CA LYS C 91 -46.17 -35.10 -9.81
C LYS C 91 -45.19 -34.09 -9.18
N GLY C 92 -45.60 -33.47 -8.08
CA GLY C 92 -44.75 -32.50 -7.41
C GLY C 92 -44.79 -31.11 -8.04
N GLY C 93 -45.64 -30.95 -9.04
CA GLY C 93 -45.74 -29.67 -9.70
C GLY C 93 -46.31 -28.60 -8.80
N ILE C 94 -46.22 -27.35 -9.25
CA ILE C 94 -46.72 -26.25 -8.44
C ILE C 94 -48.12 -25.84 -8.88
N GLY C 95 -48.40 -25.96 -10.18
CA GLY C 95 -49.72 -25.58 -10.68
C GLY C 95 -49.79 -24.09 -10.98
N GLN C 96 -50.55 -23.74 -12.00
CA GLN C 96 -50.70 -22.34 -12.41
C GLN C 96 -50.91 -21.46 -11.20
N VAL C 97 -50.00 -20.51 -10.99
CA VAL C 97 -50.13 -19.61 -9.86
C VAL C 97 -50.38 -18.21 -10.37
N SER C 98 -50.97 -17.42 -9.50
CA SER C 98 -51.34 -16.04 -9.81
C SER C 98 -50.20 -15.03 -9.86
N PHE C 99 -49.25 -15.14 -8.93
CA PHE C 99 -48.14 -14.18 -8.89
C PHE C 99 -46.99 -14.49 -9.81
N PRO C 100 -46.22 -13.46 -10.16
CA PRO C 100 -45.06 -13.59 -11.04
C PRO C 100 -43.94 -14.26 -10.27
N MET C 101 -43.13 -15.05 -10.98
CA MET C 101 -42.00 -15.74 -10.39
C MET C 101 -40.75 -15.22 -11.07
N VAL C 102 -39.88 -14.56 -10.30
CA VAL C 102 -38.63 -14.02 -10.83
C VAL C 102 -37.50 -15.06 -10.77
N ALA C 103 -36.69 -15.10 -11.82
CA ALA C 103 -35.57 -16.03 -11.89
C ALA C 103 -34.32 -15.30 -11.49
N ASP C 104 -33.80 -15.64 -10.32
CA ASP C 104 -32.58 -15.01 -9.81
C ASP C 104 -31.43 -15.96 -10.11
N ILE C 105 -31.17 -16.10 -11.40
CA ILE C 105 -30.13 -17.00 -11.93
C ILE C 105 -28.71 -16.65 -11.46
N THR C 106 -28.44 -15.36 -11.28
CA THR C 106 -27.13 -14.95 -10.81
C THR C 106 -27.11 -14.75 -9.29
N LYS C 107 -28.17 -15.18 -8.62
CA LYS C 107 -28.27 -15.08 -7.16
C LYS C 107 -28.04 -13.65 -6.64
N SER C 108 -27.94 -12.68 -7.54
CA SER C 108 -27.70 -11.31 -7.13
C SER C 108 -28.80 -10.72 -6.28
N ILE C 109 -30.04 -11.10 -6.56
CA ILE C 109 -31.16 -10.56 -5.80
C ILE C 109 -31.13 -11.12 -4.37
N SER C 110 -31.01 -12.44 -4.26
CA SER C 110 -30.97 -13.07 -2.95
C SER C 110 -29.89 -12.42 -2.11
N ARG C 111 -28.84 -11.95 -2.77
CA ARG C 111 -27.75 -11.32 -2.06
C ARG C 111 -28.14 -9.94 -1.61
N ASP C 112 -28.68 -9.14 -2.51
CA ASP C 112 -29.08 -7.78 -2.15
C ASP C 112 -30.01 -7.76 -0.95
N TYR C 113 -30.86 -8.78 -0.85
CA TYR C 113 -31.82 -8.89 0.25
C TYR C 113 -31.20 -9.72 1.36
N ASP C 114 -30.01 -10.22 1.07
CA ASP C 114 -29.25 -11.03 2.00
C ASP C 114 -29.97 -12.27 2.50
N VAL C 115 -30.39 -13.11 1.59
CA VAL C 115 -31.08 -14.33 1.98
C VAL C 115 -30.35 -15.49 1.35
N LEU C 116 -29.29 -15.18 0.59
CA LEU C 116 -28.51 -16.22 -0.07
C LEU C 116 -27.79 -17.04 0.97
N PHE C 117 -28.08 -18.30 0.97
CA PHE C 117 -27.51 -19.18 1.91
C PHE C 117 -26.47 -20.09 1.24
N GLU C 118 -25.23 -19.92 1.66
CA GLU C 118 -24.12 -20.72 1.16
C GLU C 118 -23.86 -20.55 -0.32
N GLU C 119 -24.06 -19.33 -0.80
CA GLU C 119 -23.84 -19.05 -2.21
C GLU C 119 -24.62 -20.00 -3.11
N ALA C 120 -25.69 -20.60 -2.58
CA ALA C 120 -26.46 -21.55 -3.35
C ALA C 120 -27.93 -21.20 -3.53
N ILE C 121 -28.70 -21.31 -2.45
CA ILE C 121 -30.11 -21.06 -2.52
C ILE C 121 -30.59 -19.99 -1.56
N ALA C 122 -31.81 -19.49 -1.76
CA ALA C 122 -32.36 -18.44 -0.90
C ALA C 122 -33.14 -18.99 0.27
N LEU C 123 -33.14 -18.21 1.35
CA LEU C 123 -33.86 -18.57 2.57
C LEU C 123 -35.35 -18.24 2.43
N ARG C 124 -36.20 -18.97 3.15
CA ARG C 124 -37.63 -18.69 3.09
C ARG C 124 -37.85 -17.38 3.83
N GLY C 125 -37.94 -16.28 3.10
CA GLY C 125 -38.17 -15.00 3.74
C GLY C 125 -39.02 -14.09 2.90
N ALA C 126 -39.75 -13.18 3.54
CA ALA C 126 -40.62 -12.25 2.83
C ALA C 126 -40.38 -10.83 3.28
N PHE C 127 -40.55 -9.88 2.36
CA PHE C 127 -40.33 -8.48 2.65
C PHE C 127 -41.50 -7.60 2.25
N LEU C 128 -41.83 -6.63 3.10
CA LEU C 128 -42.92 -5.72 2.84
C LEU C 128 -42.32 -4.40 2.37
N ILE C 129 -42.65 -4.02 1.14
CA ILE C 129 -42.13 -2.79 0.55
C ILE C 129 -43.27 -1.80 0.35
N ASP C 130 -43.15 -0.58 0.89
CA ASP C 130 -44.20 0.41 0.72
C ASP C 130 -44.08 1.13 -0.61
N LYS C 131 -45.07 1.96 -0.93
CA LYS C 131 -45.11 2.71 -2.18
C LYS C 131 -43.85 3.51 -2.50
N ASN C 132 -42.89 3.53 -1.59
CA ASN C 132 -41.66 4.28 -1.82
C ASN C 132 -40.43 3.36 -1.85
N MET C 133 -40.63 2.10 -2.22
CA MET C 133 -39.54 1.14 -2.28
C MET C 133 -38.80 1.10 -0.95
N LYS C 134 -39.55 1.14 0.14
CA LYS C 134 -38.97 1.14 1.46
C LYS C 134 -39.29 -0.17 2.13
N VAL C 135 -38.28 -0.89 2.60
CA VAL C 135 -38.55 -2.16 3.26
C VAL C 135 -38.96 -1.77 4.67
N ARG C 136 -40.19 -2.11 5.03
CA ARG C 136 -40.71 -1.73 6.33
C ARG C 136 -40.85 -2.90 7.27
N HIS C 137 -40.83 -4.10 6.73
CA HIS C 137 -40.99 -5.26 7.57
C HIS C 137 -40.37 -6.45 6.87
N ALA C 138 -39.74 -7.33 7.63
CA ALA C 138 -39.11 -8.51 7.06
C ALA C 138 -39.19 -9.68 8.01
N VAL C 139 -39.58 -10.82 7.49
CA VAL C 139 -39.69 -12.02 8.27
C VAL C 139 -38.84 -13.00 7.51
N ILE C 140 -38.04 -13.77 8.20
CA ILE C 140 -37.21 -14.74 7.50
C ILE C 140 -36.86 -15.90 8.40
N ASN C 141 -37.08 -17.11 7.92
CA ASN C 141 -36.78 -18.29 8.69
C ASN C 141 -36.18 -19.34 7.78
N ASP C 142 -35.89 -20.51 8.33
CA ASP C 142 -35.28 -21.54 7.54
C ASP C 142 -35.95 -22.90 7.66
N LEU C 143 -37.28 -22.91 7.65
CA LEU C 143 -37.98 -24.17 7.73
C LEU C 143 -39.25 -24.10 6.93
N PRO C 144 -39.65 -25.23 6.36
CA PRO C 144 -40.86 -25.29 5.54
C PRO C 144 -42.03 -24.52 6.14
N LEU C 145 -42.38 -24.84 7.39
CA LEU C 145 -43.49 -24.18 8.09
C LEU C 145 -43.90 -22.82 7.52
N GLY C 146 -44.62 -22.84 6.39
CA GLY C 146 -45.03 -21.61 5.76
C GLY C 146 -45.98 -20.79 6.60
N ARG C 147 -45.56 -19.59 6.96
CA ARG C 147 -46.39 -18.71 7.76
C ARG C 147 -46.05 -17.32 7.38
N ASN C 148 -45.20 -17.17 6.38
CA ASN C 148 -44.82 -15.85 5.95
C ASN C 148 -45.98 -15.19 5.23
N ALA C 149 -46.63 -15.93 4.34
CA ALA C 149 -47.77 -15.42 3.58
C ALA C 149 -48.78 -14.94 4.59
N ASP C 150 -49.01 -15.78 5.58
CA ASP C 150 -49.93 -15.48 6.66
C ASP C 150 -49.55 -14.16 7.34
N GLU C 151 -48.53 -14.20 8.18
CA GLU C 151 -48.09 -13.03 8.92
C GLU C 151 -47.94 -11.77 8.10
N MET C 152 -47.47 -11.89 6.86
CA MET C 152 -47.31 -10.70 6.04
C MET C 152 -48.66 -10.07 5.76
N LEU C 153 -49.67 -10.91 5.62
CA LEU C 153 -51.02 -10.42 5.36
C LEU C 153 -51.48 -9.68 6.60
N ARG C 154 -51.50 -10.42 7.71
CA ARG C 154 -51.91 -9.86 8.98
C ARG C 154 -51.17 -8.56 9.19
N MET C 155 -49.91 -8.51 8.79
CA MET C 155 -49.13 -7.29 8.92
C MET C 155 -49.64 -6.22 7.98
N VAL C 156 -50.04 -6.64 6.78
CA VAL C 156 -50.57 -5.72 5.79
C VAL C 156 -51.85 -5.09 6.33
N ASP C 157 -52.67 -5.92 6.98
CA ASP C 157 -53.91 -5.44 7.55
C ASP C 157 -53.53 -4.48 8.66
N ALA C 158 -53.06 -5.05 9.77
CA ALA C 158 -52.66 -4.27 10.92
C ALA C 158 -52.14 -2.92 10.49
N LEU C 159 -51.10 -2.92 9.67
CA LEU C 159 -50.51 -1.69 9.18
C LEU C 159 -51.57 -0.71 8.72
N LEU C 160 -52.35 -1.12 7.74
CA LEU C 160 -53.42 -0.28 7.18
C LEU C 160 -54.49 0.11 8.21
N HIS C 161 -54.91 -0.84 9.04
CA HIS C 161 -55.91 -0.54 10.06
C HIS C 161 -55.42 0.68 10.84
N PHE C 162 -54.13 0.67 11.16
CA PHE C 162 -53.51 1.77 11.88
C PHE C 162 -53.44 3.03 11.03
N GLU C 163 -53.24 2.87 9.72
CA GLU C 163 -53.15 4.01 8.82
C GLU C 163 -54.18 5.05 9.24
N GLU C 164 -55.32 4.56 9.70
CA GLU C 164 -56.41 5.42 10.15
C GLU C 164 -56.59 5.29 11.65
N HIS C 165 -57.46 4.37 12.06
CA HIS C 165 -57.70 4.14 13.47
C HIS C 165 -56.38 3.78 14.15
N GLY C 166 -55.99 4.59 15.15
CA GLY C 166 -54.75 4.35 15.86
C GLY C 166 -54.72 3.02 16.57
N GLU C 167 -54.46 3.02 17.88
CA GLU C 167 -54.41 1.77 18.65
C GLU C 167 -54.11 1.94 20.14
N VAL C 168 -54.93 2.74 20.84
CA VAL C 168 -54.72 2.94 22.28
C VAL C 168 -54.48 1.58 22.91
N CYS C 169 -53.21 1.19 22.94
CA CYS C 169 -52.82 -0.10 23.49
C CYS C 169 -53.60 -0.42 24.74
N PRO C 170 -53.84 -1.71 24.99
CA PRO C 170 -54.58 -2.22 26.15
C PRO C 170 -53.95 -1.81 27.48
N MET D 1 -26.22 -11.41 7.28
CA MET D 1 -27.26 -12.44 7.51
C MET D 1 -27.19 -12.97 8.96
N VAL D 2 -28.35 -13.22 9.56
CA VAL D 2 -28.38 -13.69 10.92
C VAL D 2 -28.95 -15.09 11.02
N VAL D 3 -30.10 -15.25 10.40
CA VAL D 3 -30.76 -16.54 10.42
C VAL D 3 -29.82 -17.62 9.89
N THR D 4 -29.89 -18.79 10.53
CA THR D 4 -29.10 -19.98 10.22
C THR D 4 -27.75 -19.95 10.95
N LYS D 5 -27.29 -18.77 11.31
CA LYS D 5 -26.02 -18.65 12.00
C LYS D 5 -26.15 -18.71 13.51
N LEU D 6 -25.01 -18.81 14.18
CA LEU D 6 -24.99 -18.84 15.62
C LEU D 6 -25.51 -17.52 16.11
N ALA D 7 -26.31 -17.58 17.16
CA ALA D 7 -26.85 -16.35 17.73
C ALA D 7 -25.72 -15.68 18.48
N PRO D 8 -25.34 -14.46 18.08
CA PRO D 8 -24.25 -13.83 18.83
C PRO D 8 -24.59 -13.69 20.30
N ASP D 9 -23.68 -14.13 21.16
CA ASP D 9 -23.87 -14.07 22.59
C ASP D 9 -23.53 -12.69 23.12
N PHE D 10 -23.81 -12.48 24.39
CA PHE D 10 -23.52 -11.22 25.05
C PHE D 10 -23.60 -11.42 26.55
N LYS D 11 -22.90 -10.56 27.25
CA LYS D 11 -22.85 -10.59 28.70
C LYS D 11 -23.00 -9.13 29.08
N ALA D 12 -24.22 -8.73 29.39
CA ALA D 12 -24.47 -7.35 29.75
C ALA D 12 -25.33 -7.36 31.00
N PRO D 13 -25.54 -6.18 31.59
CA PRO D 13 -26.36 -6.11 32.79
C PRO D 13 -27.84 -6.10 32.43
N ALA D 14 -28.63 -6.91 33.13
CA ALA D 14 -30.05 -6.99 32.85
C ALA D 14 -30.91 -6.97 34.11
N VAL D 15 -32.02 -6.21 34.08
CA VAL D 15 -32.94 -6.14 35.21
C VAL D 15 -33.89 -7.34 35.10
N LEU D 16 -33.77 -8.27 36.03
CA LEU D 16 -34.58 -9.47 36.00
C LEU D 16 -36.07 -9.21 36.16
N GLY D 17 -36.85 -10.28 36.24
CA GLY D 17 -38.28 -10.13 36.40
C GLY D 17 -38.58 -9.60 37.78
N ASN D 18 -37.92 -10.21 38.77
CA ASN D 18 -38.07 -9.84 40.16
C ASN D 18 -37.38 -8.52 40.45
N ASN D 19 -37.00 -7.82 39.40
CA ASN D 19 -36.36 -6.52 39.54
C ASN D 19 -34.96 -6.45 40.12
N GLU D 20 -34.37 -7.57 40.52
CA GLU D 20 -33.01 -7.45 41.02
C GLU D 20 -32.12 -7.53 39.80
N VAL D 21 -31.10 -6.68 39.75
CA VAL D 21 -30.22 -6.63 38.59
C VAL D 21 -29.11 -7.64 38.55
N ASP D 22 -28.98 -8.29 37.39
CA ASP D 22 -27.93 -9.26 37.16
C ASP D 22 -26.88 -8.48 36.40
N GLU D 23 -25.68 -8.43 36.94
CA GLU D 23 -24.59 -7.69 36.32
C GLU D 23 -24.05 -8.31 35.05
N HIS D 24 -23.94 -9.63 35.03
CA HIS D 24 -23.40 -10.28 33.86
C HIS D 24 -24.36 -11.30 33.32
N PHE D 25 -25.46 -10.81 32.78
CA PHE D 25 -26.47 -11.66 32.19
C PHE D 25 -25.87 -12.18 30.89
N GLU D 26 -25.89 -13.50 30.70
CA GLU D 26 -25.35 -14.09 29.49
C GLU D 26 -26.43 -14.81 28.70
N LEU D 27 -26.67 -14.32 27.49
CA LEU D 27 -27.68 -14.91 26.65
C LEU D 27 -27.71 -16.43 26.67
N SER D 28 -26.58 -17.05 26.34
CA SER D 28 -26.53 -18.52 26.30
C SER D 28 -26.77 -19.24 27.61
N LYS D 29 -26.44 -18.61 28.71
CA LYS D 29 -26.66 -19.29 29.98
C LYS D 29 -28.08 -19.08 30.46
N ASN D 30 -28.86 -18.36 29.68
CA ASN D 30 -30.24 -18.08 30.06
C ASN D 30 -31.24 -18.55 29.05
N LEU D 31 -31.03 -19.74 28.49
CA LEU D 31 -31.97 -20.21 27.50
C LEU D 31 -33.01 -21.12 28.10
N GLY D 32 -34.13 -21.22 27.38
CA GLY D 32 -35.21 -22.08 27.80
C GLY D 32 -34.77 -23.48 27.44
N LYS D 33 -35.61 -24.48 27.65
CA LYS D 33 -35.22 -25.84 27.33
C LYS D 33 -35.19 -26.02 25.82
N ASN D 34 -35.97 -25.20 25.12
CA ASN D 34 -36.04 -25.29 23.68
C ASN D 34 -35.46 -24.07 23.00
N GLY D 35 -34.96 -23.16 23.80
CA GLY D 35 -34.39 -21.98 23.19
C GLY D 35 -34.91 -20.74 23.85
N VAL D 36 -34.95 -19.64 23.10
CA VAL D 36 -35.40 -18.37 23.60
C VAL D 36 -35.78 -17.36 22.52
N ILE D 37 -36.56 -16.35 22.90
CA ILE D 37 -36.98 -15.31 21.99
C ILE D 37 -36.29 -14.05 22.46
N LEU D 38 -35.37 -13.54 21.67
CA LEU D 38 -34.66 -12.34 22.06
C LEU D 38 -35.35 -11.26 21.27
N PHE D 39 -35.73 -10.18 21.92
CA PHE D 39 -36.40 -9.10 21.19
C PHE D 39 -35.90 -7.74 21.59
N PHE D 40 -35.97 -6.80 20.66
CA PHE D 40 -35.50 -5.46 20.87
C PHE D 40 -36.64 -4.49 20.83
N TRP D 41 -36.33 -3.22 21.07
CA TRP D 41 -37.29 -2.13 21.00
C TRP D 41 -36.51 -0.82 21.11
N PRO D 42 -36.89 0.18 20.32
CA PRO D 42 -36.24 1.49 20.28
C PRO D 42 -35.80 2.04 21.62
N LYS D 43 -36.74 2.54 22.42
CA LYS D 43 -36.36 3.08 23.72
C LYS D 43 -37.41 3.05 24.79
N ASP D 44 -36.94 3.13 26.03
CA ASP D 44 -37.79 3.12 27.19
C ASP D 44 -38.39 4.51 27.33
N PHE D 45 -39.38 4.60 28.22
CA PHE D 45 -40.09 5.83 28.51
C PHE D 45 -40.48 6.47 27.20
N THR D 46 -40.91 5.60 26.29
CA THR D 46 -41.34 6.02 24.98
C THR D 46 -42.56 6.89 25.19
N PHE D 47 -42.89 7.67 24.17
CA PHE D 47 -44.04 8.53 24.22
C PHE D 47 -45.24 7.83 23.62
N VAL D 48 -44.97 6.92 22.70
CA VAL D 48 -46.04 6.16 22.07
C VAL D 48 -46.39 4.99 22.99
N CYS D 49 -46.58 3.81 22.41
CA CYS D 49 -46.92 2.65 23.22
C CYS D 49 -45.85 1.61 23.27
N PRO D 50 -45.79 0.88 24.38
CA PRO D 50 -44.85 -0.20 24.63
C PRO D 50 -45.39 -1.47 23.98
N THR D 51 -46.19 -1.26 22.93
CA THR D 51 -46.79 -2.33 22.14
C THR D 51 -45.97 -3.60 22.29
N GLU D 52 -44.68 -3.48 21.93
CA GLU D 52 -43.70 -4.56 22.02
C GLU D 52 -43.69 -5.20 23.40
N ILE D 53 -43.13 -4.46 24.34
CA ILE D 53 -42.97 -4.88 25.72
C ILE D 53 -44.27 -5.46 26.28
N ILE D 54 -45.38 -4.86 25.86
CA ILE D 54 -46.70 -5.29 26.28
C ILE D 54 -46.98 -6.70 25.81
N ALA D 55 -47.19 -6.82 24.51
CA ALA D 55 -47.47 -8.10 23.86
C ALA D 55 -46.60 -9.20 24.43
N PHE D 56 -45.30 -8.97 24.48
CA PHE D 56 -44.39 -9.96 24.99
C PHE D 56 -44.59 -10.32 26.45
N ASP D 57 -44.80 -9.32 27.29
CA ASP D 57 -45.00 -9.62 28.70
C ASP D 57 -46.21 -10.52 28.86
N LYS D 58 -47.19 -10.35 27.98
CA LYS D 58 -48.40 -11.15 28.07
C LYS D 58 -48.23 -12.60 27.61
N ARG D 59 -47.16 -12.87 26.86
CA ARG D 59 -46.92 -14.24 26.39
C ARG D 59 -45.81 -14.94 27.16
N VAL D 60 -45.04 -14.19 27.94
CA VAL D 60 -43.93 -14.79 28.69
C VAL D 60 -44.27 -16.17 29.22
N LYS D 61 -45.49 -16.32 29.72
CA LYS D 61 -45.91 -17.60 30.28
C LYS D 61 -46.21 -18.63 29.21
N ASP D 62 -46.85 -18.20 28.14
CA ASP D 62 -47.15 -19.11 27.06
C ASP D 62 -45.82 -19.67 26.52
N PHE D 63 -44.84 -18.78 26.37
CA PHE D 63 -43.54 -19.20 25.88
C PHE D 63 -42.89 -20.17 26.83
N HIS D 64 -42.92 -19.89 28.13
CA HIS D 64 -42.32 -20.79 29.11
C HIS D 64 -42.88 -22.16 28.93
N GLU D 65 -44.18 -22.21 28.74
CA GLU D 65 -44.89 -23.45 28.55
C GLU D 65 -44.40 -24.15 27.29
N LYS D 66 -43.87 -23.37 26.35
CA LYS D 66 -43.34 -23.96 25.11
C LYS D 66 -41.84 -24.24 25.20
N GLY D 67 -41.23 -23.96 26.35
CA GLY D 67 -39.81 -24.21 26.53
C GLY D 67 -38.92 -23.07 26.09
N PHE D 68 -39.51 -21.90 25.90
CA PHE D 68 -38.74 -20.73 25.46
C PHE D 68 -38.75 -19.61 26.47
N ASN D 69 -37.66 -18.86 26.54
CA ASN D 69 -37.62 -17.76 27.48
C ASN D 69 -37.73 -16.52 26.65
N VAL D 70 -38.11 -15.41 27.28
CA VAL D 70 -38.23 -14.15 26.57
C VAL D 70 -37.19 -13.24 27.18
N ILE D 71 -36.43 -12.60 26.31
CA ILE D 71 -35.37 -11.70 26.73
C ILE D 71 -35.46 -10.50 25.83
N GLY D 72 -35.72 -9.34 26.41
CA GLY D 72 -35.82 -8.15 25.60
C GLY D 72 -34.65 -7.26 25.88
N VAL D 73 -34.19 -6.52 24.89
CA VAL D 73 -33.06 -5.64 25.10
C VAL D 73 -33.32 -4.26 24.48
N SER D 74 -32.65 -3.25 25.01
CA SER D 74 -32.82 -1.90 24.53
C SER D 74 -31.52 -1.15 24.77
N ILE D 75 -31.23 -0.17 23.93
CA ILE D 75 -30.00 0.56 24.11
C ILE D 75 -29.99 1.44 25.36
N ASP D 76 -31.00 1.29 26.22
CA ASP D 76 -31.09 2.10 27.43
C ASP D 76 -30.35 1.41 28.59
N SER D 77 -29.86 2.19 29.56
CA SER D 77 -29.13 1.62 30.71
C SER D 77 -30.05 0.80 31.57
N GLU D 78 -29.51 0.01 32.47
CA GLU D 78 -30.38 -0.80 33.31
C GLU D 78 -31.09 0.02 34.37
N GLN D 79 -30.58 1.22 34.65
CA GLN D 79 -31.20 2.10 35.63
C GLN D 79 -32.55 2.47 35.08
N VAL D 80 -32.52 3.06 33.89
CA VAL D 80 -33.74 3.49 33.23
C VAL D 80 -34.66 2.29 32.99
N HIS D 81 -34.10 1.11 32.75
CA HIS D 81 -34.94 -0.08 32.57
C HIS D 81 -35.76 -0.23 33.84
N PHE D 82 -35.03 -0.32 34.95
CA PHE D 82 -35.61 -0.46 36.28
C PHE D 82 -36.69 0.58 36.51
N ALA D 83 -36.33 1.85 36.26
CA ALA D 83 -37.24 2.97 36.41
C ALA D 83 -38.58 2.68 35.76
N TRP D 84 -38.54 2.45 34.45
CA TRP D 84 -39.72 2.16 33.65
C TRP D 84 -40.56 1.03 34.25
N LYS D 85 -39.90 0.03 34.81
CA LYS D 85 -40.59 -1.10 35.39
C LYS D 85 -41.36 -0.64 36.64
N ASN D 86 -40.79 0.32 37.36
CA ASN D 86 -41.39 0.83 38.59
C ASN D 86 -42.25 2.05 38.44
N THR D 87 -42.34 2.59 37.23
CA THR D 87 -43.19 3.74 37.01
C THR D 87 -44.59 3.16 36.76
N PRO D 88 -45.59 3.69 37.49
CA PRO D 88 -46.97 3.23 37.36
C PRO D 88 -47.43 3.23 35.90
N VAL D 89 -47.95 2.08 35.46
CA VAL D 89 -48.43 1.91 34.10
C VAL D 89 -49.22 3.10 33.53
N GLU D 90 -50.10 3.69 34.33
CA GLU D 90 -50.91 4.85 33.88
C GLU D 90 -50.05 6.10 33.75
N LYS D 91 -49.01 6.15 34.58
CA LYS D 91 -48.08 7.28 34.59
C LYS D 91 -47.10 7.16 33.43
N GLY D 92 -47.37 6.22 32.53
CA GLY D 92 -46.49 6.00 31.39
C GLY D 92 -45.56 4.82 31.63
N GLY D 93 -45.42 4.41 32.90
CA GLY D 93 -44.57 3.30 33.26
C GLY D 93 -44.83 2.04 32.47
N ILE D 94 -44.09 0.99 32.78
CA ILE D 94 -44.23 -0.27 32.05
C ILE D 94 -44.82 -1.33 32.97
N GLY D 95 -44.74 -1.10 34.27
CA GLY D 95 -45.26 -2.09 35.19
C GLY D 95 -44.23 -3.18 35.37
N GLN D 96 -44.26 -3.83 36.52
CA GLN D 96 -43.32 -4.90 36.82
C GLN D 96 -43.44 -6.14 35.92
N VAL D 97 -42.87 -6.08 34.72
CA VAL D 97 -42.92 -7.20 33.77
C VAL D 97 -42.22 -8.47 34.27
N SER D 98 -42.52 -9.60 33.62
CA SER D 98 -41.97 -10.87 34.05
C SER D 98 -40.75 -11.43 33.31
N PHE D 99 -40.13 -10.62 32.47
CA PHE D 99 -38.96 -11.09 31.72
C PHE D 99 -37.74 -10.19 31.89
N PRO D 100 -36.53 -10.75 31.65
CA PRO D 100 -35.29 -9.98 31.79
C PRO D 100 -35.23 -8.89 30.75
N MET D 101 -34.73 -7.73 31.14
CA MET D 101 -34.59 -6.63 30.21
C MET D 101 -33.10 -6.30 30.21
N VAL D 102 -32.45 -6.48 29.05
CA VAL D 102 -31.01 -6.24 28.94
C VAL D 102 -30.63 -4.81 28.55
N ALA D 103 -29.52 -4.32 29.10
CA ALA D 103 -29.07 -2.97 28.82
C ALA D 103 -27.90 -2.93 27.84
N ASP D 104 -28.22 -2.79 26.56
CA ASP D 104 -27.17 -2.73 25.55
C ASP D 104 -26.63 -1.30 25.49
N ILE D 105 -26.25 -0.80 26.65
CA ILE D 105 -25.74 0.56 26.77
C ILE D 105 -24.73 1.01 25.69
N THR D 106 -23.89 0.08 25.24
CA THR D 106 -22.87 0.37 24.23
C THR D 106 -23.37 0.06 22.81
N LYS D 107 -24.64 -0.33 22.71
CA LYS D 107 -25.26 -0.63 21.43
C LYS D 107 -24.57 -1.79 20.70
N SER D 108 -23.67 -2.49 21.39
CA SER D 108 -22.99 -3.59 20.74
C SER D 108 -23.94 -4.72 20.34
N ILE D 109 -24.81 -5.14 21.25
CA ILE D 109 -25.75 -6.23 20.97
C ILE D 109 -26.63 -5.93 19.77
N SER D 110 -27.18 -4.71 19.76
CA SER D 110 -28.02 -4.27 18.66
C SER D 110 -27.25 -4.39 17.37
N ARG D 111 -26.00 -3.92 17.43
CA ARG D 111 -25.12 -3.99 16.27
C ARG D 111 -24.94 -5.44 15.82
N ASP D 112 -24.65 -6.32 16.76
CA ASP D 112 -24.43 -7.73 16.45
C ASP D 112 -25.59 -8.37 15.76
N TYR D 113 -26.79 -7.95 16.12
CA TYR D 113 -27.98 -8.52 15.50
C TYR D 113 -28.43 -7.71 14.30
N ASP D 114 -27.72 -6.63 14.07
CA ASP D 114 -27.98 -5.77 12.94
C ASP D 114 -29.37 -5.16 13.00
N VAL D 115 -29.74 -4.62 14.16
CA VAL D 115 -31.03 -3.99 14.31
C VAL D 115 -30.76 -2.58 14.79
N LEU D 116 -29.49 -2.28 14.98
CA LEU D 116 -29.10 -0.96 15.46
C LEU D 116 -29.37 0.02 14.34
N PHE D 117 -30.29 0.94 14.59
CA PHE D 117 -30.66 1.92 13.58
C PHE D 117 -29.98 3.26 13.74
N GLU D 118 -29.36 3.69 12.65
CA GLU D 118 -28.65 4.95 12.62
C GLU D 118 -27.79 5.24 13.82
N GLU D 119 -27.03 4.25 14.22
CA GLU D 119 -26.11 4.39 15.33
C GLU D 119 -26.72 4.85 16.64
N ALA D 120 -28.04 4.82 16.74
CA ALA D 120 -28.67 5.27 17.97
C ALA D 120 -29.55 4.27 18.70
N ILE D 121 -30.63 3.80 18.07
CA ILE D 121 -31.51 2.87 18.76
C ILE D 121 -31.87 1.62 17.97
N ALA D 122 -32.35 0.62 18.69
CA ALA D 122 -32.71 -0.66 18.10
C ALA D 122 -34.08 -0.67 17.40
N LEU D 123 -34.17 -1.41 16.30
CA LEU D 123 -35.41 -1.57 15.56
C LEU D 123 -36.26 -2.53 16.38
N ARG D 124 -37.51 -2.72 15.98
CA ARG D 124 -38.37 -3.62 16.71
C ARG D 124 -38.19 -4.99 16.06
N GLY D 125 -37.29 -5.80 16.61
CA GLY D 125 -37.06 -7.10 16.02
C GLY D 125 -37.10 -8.23 17.03
N ALA D 126 -37.31 -9.45 16.55
CA ALA D 126 -37.36 -10.58 17.44
C ALA D 126 -36.68 -11.77 16.79
N PHE D 127 -35.98 -12.57 17.59
CA PHE D 127 -35.27 -13.71 17.06
C PHE D 127 -35.58 -14.95 17.80
N LEU D 128 -35.79 -16.02 17.06
CA LEU D 128 -36.08 -17.31 17.63
C LEU D 128 -34.74 -18.02 17.67
N ILE D 129 -34.22 -18.22 18.87
CA ILE D 129 -32.95 -18.89 19.05
C ILE D 129 -33.17 -20.27 19.66
N ASP D 130 -32.62 -21.31 19.04
CA ASP D 130 -32.82 -22.67 19.57
C ASP D 130 -31.87 -23.07 20.69
N LYS D 131 -31.98 -24.32 21.14
CA LYS D 131 -31.16 -24.83 22.21
C LYS D 131 -29.67 -24.88 21.83
N ASN D 132 -29.37 -24.71 20.55
CA ASN D 132 -28.00 -24.74 20.11
C ASN D 132 -27.50 -23.38 19.71
N MET D 133 -28.11 -22.34 20.27
CA MET D 133 -27.71 -20.97 19.99
C MET D 133 -27.71 -20.58 18.51
N LYS D 134 -28.57 -21.22 17.74
CA LYS D 134 -28.73 -20.92 16.31
C LYS D 134 -30.00 -20.11 16.10
N VAL D 135 -29.94 -19.01 15.37
CA VAL D 135 -31.16 -18.25 15.14
C VAL D 135 -31.91 -18.92 13.99
N ARG D 136 -33.08 -19.48 14.28
CA ARG D 136 -33.87 -20.19 13.30
C ARG D 136 -34.81 -19.24 12.59
N HIS D 137 -35.40 -18.32 13.33
CA HIS D 137 -36.33 -17.42 12.70
C HIS D 137 -36.11 -16.01 13.18
N ALA D 138 -36.38 -15.04 12.32
CA ALA D 138 -36.20 -13.67 12.70
C ALA D 138 -37.19 -12.76 12.00
N VAL D 139 -37.80 -11.86 12.75
CA VAL D 139 -38.75 -10.90 12.20
C VAL D 139 -38.43 -9.55 12.77
N ILE D 140 -38.12 -8.62 11.91
CA ILE D 140 -37.79 -7.28 12.38
C ILE D 140 -38.73 -6.37 11.67
N ASN D 141 -39.16 -5.34 12.36
CA ASN D 141 -40.11 -4.42 11.80
C ASN D 141 -39.80 -3.01 12.23
N ASP D 142 -40.30 -2.03 11.48
CA ASP D 142 -40.04 -0.65 11.85
C ASP D 142 -41.32 0.16 12.10
N LEU D 143 -42.38 -0.49 12.59
CA LEU D 143 -43.61 0.21 12.91
C LEU D 143 -44.12 -0.05 14.33
N PRO D 144 -45.07 0.78 14.85
CA PRO D 144 -45.64 0.66 16.20
C PRO D 144 -46.34 -0.65 16.54
N LEU D 145 -47.02 -1.20 15.54
CA LEU D 145 -47.75 -2.44 15.67
C LEU D 145 -46.89 -3.64 16.08
N GLY D 146 -46.68 -3.79 17.39
CA GLY D 146 -45.87 -4.89 17.90
C GLY D 146 -46.53 -6.24 17.73
N ARG D 147 -46.77 -6.61 16.48
CA ARG D 147 -47.41 -7.88 16.17
C ARG D 147 -46.50 -9.08 16.36
N ASN D 148 -45.21 -8.91 16.12
CA ASN D 148 -44.26 -10.01 16.22
C ASN D 148 -44.16 -10.71 17.57
N ALA D 149 -44.60 -10.05 18.64
CA ALA D 149 -44.55 -10.69 19.95
C ALA D 149 -45.49 -11.88 19.88
N ASP D 150 -46.61 -11.63 19.23
CA ASP D 150 -47.67 -12.61 19.02
C ASP D 150 -47.15 -13.63 18.00
N GLU D 151 -46.90 -13.11 16.80
CA GLU D 151 -46.38 -13.87 15.68
C GLU D 151 -45.35 -14.92 16.11
N MET D 152 -44.33 -14.47 16.85
CA MET D 152 -43.29 -15.37 17.35
C MET D 152 -43.91 -16.55 18.03
N LEU D 153 -44.90 -16.30 18.89
CA LEU D 153 -45.55 -17.38 19.61
C LEU D 153 -46.18 -18.35 18.65
N ARG D 154 -46.70 -17.81 17.55
CA ARG D 154 -47.33 -18.64 16.54
C ARG D 154 -46.27 -19.52 15.86
N MET D 155 -45.10 -18.94 15.58
CA MET D 155 -43.99 -19.68 14.96
C MET D 155 -43.48 -20.77 15.89
N VAL D 156 -43.40 -20.45 17.18
CA VAL D 156 -42.94 -21.40 18.17
C VAL D 156 -43.81 -22.64 18.16
N ASP D 157 -45.08 -22.47 17.79
CA ASP D 157 -45.99 -23.60 17.75
C ASP D 157 -45.69 -24.39 16.51
N ALA D 158 -45.76 -23.68 15.38
CA ALA D 158 -45.50 -24.25 14.07
C ALA D 158 -44.24 -25.08 14.14
N LEU D 159 -43.26 -24.55 14.86
CA LEU D 159 -41.98 -25.20 14.99
C LEU D 159 -42.08 -26.48 15.79
N LEU D 160 -42.77 -26.44 16.91
CA LEU D 160 -42.89 -27.62 17.74
C LEU D 160 -43.76 -28.71 17.13
N HIS D 161 -44.67 -28.30 16.24
CA HIS D 161 -45.52 -29.27 15.55
C HIS D 161 -44.65 -29.91 14.50
N PHE D 162 -44.15 -29.08 13.60
CA PHE D 162 -43.27 -29.50 12.52
C PHE D 162 -42.18 -30.40 13.06
N GLU D 163 -41.63 -30.01 14.20
CA GLU D 163 -40.57 -30.75 14.83
C GLU D 163 -41.09 -32.13 15.22
N GLU D 164 -42.37 -32.23 15.54
CA GLU D 164 -42.96 -33.51 15.92
C GLU D 164 -43.46 -34.29 14.71
N HIS D 165 -44.77 -34.25 14.50
CA HIS D 165 -45.39 -34.96 13.37
C HIS D 165 -44.90 -34.42 12.02
N GLY D 166 -43.70 -33.88 11.99
CA GLY D 166 -43.15 -33.35 10.75
C GLY D 166 -44.10 -32.46 9.99
N GLU D 167 -43.78 -32.20 8.73
CA GLU D 167 -44.62 -31.35 7.88
C GLU D 167 -45.54 -32.15 6.97
N VAL D 168 -46.80 -31.72 6.92
CA VAL D 168 -47.81 -32.35 6.07
C VAL D 168 -48.40 -31.21 5.23
N CYS D 169 -49.20 -31.55 4.22
CA CYS D 169 -49.77 -30.51 3.38
C CYS D 169 -50.61 -31.14 2.25
N PRO D 170 -51.26 -30.31 1.39
CA PRO D 170 -52.10 -30.75 0.28
C PRO D 170 -52.02 -32.22 -0.11
N ALA D 171 -52.96 -33.00 0.43
CA ALA D 171 -53.03 -34.45 0.21
C ALA D 171 -52.71 -34.92 -1.19
N GLY D 172 -52.81 -34.04 -2.17
CA GLY D 172 -52.51 -34.44 -3.52
C GLY D 172 -51.22 -33.86 -4.04
N TRP D 173 -50.22 -33.73 -3.18
CA TRP D 173 -48.96 -33.18 -3.63
C TRP D 173 -48.00 -34.21 -4.18
N ARG D 174 -48.07 -35.43 -3.70
CA ARG D 174 -47.19 -36.42 -4.26
C ARG D 174 -47.86 -37.76 -4.53
N LYS D 175 -48.81 -38.14 -3.70
CA LYS D 175 -49.52 -39.40 -3.91
C LYS D 175 -48.52 -40.55 -4.08
N MET E 1 -6.48 17.94 22.68
CA MET E 1 -7.14 18.68 23.80
C MET E 1 -8.41 19.37 23.33
N VAL E 2 -9.21 19.79 24.30
CA VAL E 2 -10.47 20.44 24.04
C VAL E 2 -10.31 21.93 24.22
N VAL E 3 -9.72 22.31 25.35
CA VAL E 3 -9.51 23.70 25.68
C VAL E 3 -8.63 24.39 24.66
N THR E 4 -8.90 25.68 24.48
CA THR E 4 -8.21 26.59 23.55
C THR E 4 -8.67 26.33 22.13
N LYS E 5 -9.66 25.47 21.97
CA LYS E 5 -10.12 25.17 20.63
C LYS E 5 -11.61 25.41 20.54
N LEU E 6 -12.10 25.49 19.31
CA LEU E 6 -13.51 25.70 19.09
C LEU E 6 -14.33 24.56 19.71
N ALA E 7 -15.33 24.92 20.51
CA ALA E 7 -16.17 23.91 21.12
C ALA E 7 -16.91 23.14 20.02
N PRO E 8 -16.72 21.81 19.95
CA PRO E 8 -17.37 20.98 18.94
C PRO E 8 -18.86 21.28 18.93
N ASP E 9 -19.38 21.78 17.82
CA ASP E 9 -20.81 22.09 17.80
C ASP E 9 -21.63 20.83 17.52
N PHE E 10 -22.81 20.76 18.14
CA PHE E 10 -23.69 19.62 17.93
C PHE E 10 -25.12 20.05 17.66
N LYS E 11 -25.99 19.07 17.42
CA LYS E 11 -27.38 19.33 17.12
C LYS E 11 -28.14 18.05 17.44
N ALA E 12 -28.93 18.08 18.52
CA ALA E 12 -29.66 16.88 18.92
C ALA E 12 -30.91 17.14 19.75
N PRO E 13 -31.72 16.10 19.99
CA PRO E 13 -32.94 16.26 20.78
C PRO E 13 -32.57 16.79 22.15
N ALA E 14 -33.36 17.74 22.67
CA ALA E 14 -33.13 18.31 23.98
C ALA E 14 -34.46 18.55 24.68
N VAL E 15 -34.47 18.43 26.01
CA VAL E 15 -35.67 18.67 26.79
C VAL E 15 -35.50 19.96 27.59
N LEU E 16 -35.89 21.04 26.95
CA LEU E 16 -35.83 22.38 27.50
C LEU E 16 -36.38 22.43 28.91
N GLY E 17 -35.92 23.42 29.68
CA GLY E 17 -36.37 23.56 31.06
C GLY E 17 -37.88 23.47 31.21
N ASN E 18 -38.59 23.97 30.21
CA ASN E 18 -40.06 23.97 30.23
C ASN E 18 -40.65 22.73 29.57
N ASN E 19 -39.99 21.60 29.78
CA ASN E 19 -40.41 20.32 29.23
C ASN E 19 -40.79 20.30 27.76
N GLU E 20 -40.48 21.39 27.06
CA GLU E 20 -40.75 21.42 25.65
C GLU E 20 -39.60 20.60 25.08
N VAL E 21 -39.84 19.86 24.01
CA VAL E 21 -38.80 19.05 23.42
C VAL E 21 -38.28 19.53 22.07
N ASP E 22 -37.10 20.15 22.07
CA ASP E 22 -36.52 20.60 20.83
C ASP E 22 -35.85 19.42 20.15
N GLU E 23 -36.02 19.31 18.85
CA GLU E 23 -35.45 18.20 18.10
C GLU E 23 -34.08 18.48 17.53
N HIS E 24 -33.81 19.75 17.23
CA HIS E 24 -32.54 20.10 16.63
C HIS E 24 -31.81 21.19 17.39
N PHE E 25 -31.59 20.93 18.67
CA PHE E 25 -30.91 21.85 19.55
C PHE E 25 -29.42 21.95 19.13
N GLU E 26 -29.02 23.10 18.62
CA GLU E 26 -27.63 23.29 18.21
C GLU E 26 -26.90 24.10 19.27
N LEU E 27 -25.79 23.56 19.74
CA LEU E 27 -25.01 24.25 20.75
C LEU E 27 -24.70 25.66 20.25
N SER E 28 -24.12 25.73 19.06
CA SER E 28 -23.71 26.98 18.42
C SER E 28 -24.78 28.05 18.37
N LYS E 29 -25.97 27.73 18.86
CA LYS E 29 -27.07 28.67 18.86
C LYS E 29 -27.40 29.13 20.27
N ASN E 30 -27.87 28.18 21.08
CA ASN E 30 -28.26 28.44 22.45
C ASN E 30 -27.17 28.94 23.40
N LEU E 31 -26.25 29.75 22.89
CA LEU E 31 -25.20 30.28 23.74
C LEU E 31 -25.78 31.35 24.66
N GLY E 32 -24.95 31.83 25.57
CA GLY E 32 -25.38 32.89 26.46
C GLY E 32 -24.93 34.17 25.79
N LYS E 33 -24.69 35.21 26.56
CA LYS E 33 -24.25 36.47 25.98
C LYS E 33 -22.72 36.46 25.95
N ASN E 34 -22.14 35.79 26.94
CA ASN E 34 -20.69 35.67 27.07
C ASN E 34 -20.20 34.27 26.74
N GLY E 35 -21.14 33.35 26.54
CA GLY E 35 -20.79 31.98 26.23
C GLY E 35 -21.67 31.01 26.98
N VAL E 36 -21.18 29.78 27.20
CA VAL E 36 -21.99 28.78 27.89
C VAL E 36 -21.19 27.84 28.75
N ILE E 37 -21.93 27.07 29.54
CA ILE E 37 -21.38 26.08 30.43
C ILE E 37 -22.02 24.76 30.02
N LEU E 38 -21.29 23.97 29.24
CA LEU E 38 -21.78 22.68 28.80
C LEU E 38 -21.33 21.66 29.83
N PHE E 39 -22.20 20.76 30.27
CA PHE E 39 -21.76 19.78 31.25
C PHE E 39 -22.39 18.40 31.09
N PHE E 40 -21.64 17.38 31.47
CA PHE E 40 -22.10 16.00 31.34
C PHE E 40 -22.32 15.28 32.65
N TRP E 41 -23.01 14.17 32.57
CA TRP E 41 -23.23 13.34 33.73
C TRP E 41 -23.46 11.94 33.17
N PRO E 42 -22.97 10.93 33.89
CA PRO E 42 -23.05 9.51 33.55
C PRO E 42 -24.37 9.03 33.00
N LYS E 43 -25.38 9.00 33.84
CA LYS E 43 -26.68 8.51 33.42
C LYS E 43 -27.88 8.97 34.25
N ASP E 44 -29.03 9.08 33.60
CA ASP E 44 -30.26 9.48 34.26
C ASP E 44 -30.69 8.30 35.12
N PHE E 45 -31.63 8.54 36.03
CA PHE E 45 -32.13 7.51 36.94
C PHE E 45 -31.07 6.77 37.73
N THR E 46 -29.96 7.44 37.96
CA THR E 46 -28.85 6.92 38.72
C THR E 46 -29.30 6.65 40.17
N PHE E 47 -28.66 5.70 40.83
CA PHE E 47 -28.99 5.41 42.20
C PHE E 47 -28.03 6.18 43.08
N VAL E 48 -27.06 6.84 42.45
CA VAL E 48 -26.10 7.64 43.18
C VAL E 48 -26.71 9.03 43.14
N CYS E 49 -26.29 9.93 44.00
CA CYS E 49 -26.86 11.26 43.97
C CYS E 49 -26.55 12.01 42.69
N PRO E 50 -27.60 12.61 42.09
CA PRO E 50 -27.52 13.40 40.85
C PRO E 50 -26.59 14.59 40.95
N THR E 51 -26.01 14.79 42.13
CA THR E 51 -25.08 15.88 42.42
C THR E 51 -24.86 16.90 41.31
N GLU E 52 -24.32 16.44 40.18
CA GLU E 52 -24.07 17.27 39.00
C GLU E 52 -25.29 18.11 38.65
N ILE E 53 -26.40 17.43 38.43
CA ILE E 53 -27.67 18.07 38.08
C ILE E 53 -28.13 19.04 39.16
N ILE E 54 -28.10 18.60 40.42
CA ILE E 54 -28.53 19.44 41.54
C ILE E 54 -27.78 20.76 41.59
N ALA E 55 -26.47 20.65 41.80
CA ALA E 55 -25.59 21.81 41.90
C ALA E 55 -25.75 22.75 40.72
N PHE E 56 -26.01 22.18 39.55
CA PHE E 56 -26.17 22.99 38.36
C PHE E 56 -27.54 23.63 38.29
N ASP E 57 -28.56 22.93 38.78
CA ASP E 57 -29.90 23.49 38.74
C ASP E 57 -29.94 24.76 39.60
N LYS E 58 -29.39 24.67 40.80
CA LYS E 58 -29.35 25.82 41.68
C LYS E 58 -28.75 27.02 40.97
N ARG E 59 -27.46 26.94 40.70
CA ARG E 59 -26.73 28.03 40.06
C ARG E 59 -27.15 28.43 38.63
N VAL E 60 -28.21 27.82 38.10
CA VAL E 60 -28.62 28.16 36.74
C VAL E 60 -28.83 29.64 36.55
N LYS E 61 -29.49 30.26 37.53
CA LYS E 61 -29.82 31.67 37.48
C LYS E 61 -28.62 32.59 37.44
N ASP E 62 -27.65 32.34 38.31
CA ASP E 62 -26.47 33.16 38.38
C ASP E 62 -25.69 33.02 37.08
N PHE E 63 -25.41 31.78 36.70
CA PHE E 63 -24.69 31.53 35.46
C PHE E 63 -25.39 32.32 34.38
N HIS E 64 -26.71 32.40 34.51
CA HIS E 64 -27.50 33.11 33.56
C HIS E 64 -27.30 34.61 33.62
N GLU E 65 -27.39 35.17 34.84
CA GLU E 65 -27.19 36.59 35.05
C GLU E 65 -25.94 37.04 34.33
N LYS E 66 -24.83 36.38 34.69
CA LYS E 66 -23.52 36.69 34.14
C LYS E 66 -23.34 36.34 32.68
N GLY E 67 -24.48 36.18 31.99
CA GLY E 67 -24.46 35.90 30.57
C GLY E 67 -24.03 34.52 30.12
N PHE E 68 -24.25 33.51 30.97
CA PHE E 68 -23.89 32.14 30.62
C PHE E 68 -25.04 31.15 30.67
N ASN E 69 -25.32 30.54 29.53
CA ASN E 69 -26.37 29.54 29.48
C ASN E 69 -25.81 28.27 30.09
N VAL E 70 -26.70 27.34 30.44
CA VAL E 70 -26.25 26.10 31.04
C VAL E 70 -26.93 24.95 30.35
N ILE E 71 -26.13 24.19 29.59
CA ILE E 71 -26.66 23.05 28.87
C ILE E 71 -26.10 21.76 29.43
N GLY E 72 -26.99 20.87 29.81
CA GLY E 72 -26.58 19.59 30.35
C GLY E 72 -26.70 18.55 29.25
N VAL E 73 -25.92 17.48 29.34
CA VAL E 73 -25.98 16.44 28.33
C VAL E 73 -25.71 15.09 28.92
N SER E 74 -26.36 14.07 28.39
CA SER E 74 -26.21 12.71 28.87
C SER E 74 -26.37 11.79 27.67
N ILE E 75 -25.93 10.54 27.79
CA ILE E 75 -26.04 9.61 26.67
C ILE E 75 -27.44 9.02 26.57
N ASP E 76 -28.31 9.44 27.50
CA ASP E 76 -29.69 8.95 27.55
C ASP E 76 -30.59 9.71 26.56
N SER E 77 -31.76 9.13 26.24
CA SER E 77 -32.69 9.74 25.28
C SER E 77 -33.61 10.75 25.93
N GLU E 78 -34.03 11.72 25.12
CA GLU E 78 -34.94 12.75 25.58
C GLU E 78 -36.15 12.12 26.27
N GLN E 79 -36.64 11.01 25.72
CA GLN E 79 -37.78 10.34 26.33
C GLN E 79 -37.52 10.10 27.80
N VAL E 80 -36.27 9.72 28.13
CA VAL E 80 -35.95 9.44 29.53
C VAL E 80 -35.57 10.72 30.24
N HIS E 81 -34.91 11.66 29.55
CA HIS E 81 -34.57 12.91 30.21
C HIS E 81 -35.89 13.40 30.75
N PHE E 82 -36.85 13.48 29.85
CA PHE E 82 -38.21 13.92 30.17
C PHE E 82 -38.76 13.17 31.38
N ALA E 83 -38.96 11.88 31.22
CA ALA E 83 -39.48 11.05 32.29
C ALA E 83 -38.73 11.27 33.62
N TRP E 84 -37.43 11.57 33.56
CA TRP E 84 -36.65 11.78 34.79
C TRP E 84 -37.09 13.06 35.52
N LYS E 85 -37.40 14.11 34.75
CA LYS E 85 -37.86 15.37 35.33
C LYS E 85 -39.21 15.16 36.01
N ASN E 86 -40.09 14.41 35.35
CA ASN E 86 -41.43 14.15 35.88
C ASN E 86 -41.45 12.98 36.82
N THR E 87 -40.53 12.98 37.79
CA THR E 87 -40.51 11.90 38.75
C THR E 87 -40.32 12.39 40.18
N PRO E 88 -41.08 11.83 41.13
CA PRO E 88 -40.98 12.18 42.55
C PRO E 88 -39.53 12.07 42.98
N VAL E 89 -38.94 13.17 43.45
CA VAL E 89 -37.55 13.11 43.86
C VAL E 89 -37.30 12.04 44.93
N GLU E 90 -38.34 11.58 45.63
CA GLU E 90 -38.16 10.52 46.63
C GLU E 90 -38.19 9.20 45.86
N LYS E 91 -38.73 9.29 44.65
CA LYS E 91 -38.81 8.15 43.74
C LYS E 91 -37.54 8.16 42.88
N GLY E 92 -36.57 8.98 43.29
CA GLY E 92 -35.31 9.07 42.56
C GLY E 92 -35.40 10.03 41.38
N GLY E 93 -36.55 10.66 41.24
CA GLY E 93 -36.74 11.59 40.14
C GLY E 93 -35.79 12.75 40.23
N ILE E 94 -35.71 13.54 39.16
CA ILE E 94 -34.83 14.69 39.12
C ILE E 94 -35.63 15.95 39.41
N GLY E 95 -36.89 15.96 38.98
CA GLY E 95 -37.74 17.13 39.19
C GLY E 95 -37.51 18.21 38.13
N GLN E 96 -38.58 18.92 37.78
CA GLN E 96 -38.51 19.99 36.78
C GLN E 96 -37.26 20.84 36.97
N VAL E 97 -36.39 20.85 35.97
CA VAL E 97 -35.18 21.66 36.08
C VAL E 97 -35.22 22.78 35.06
N SER E 98 -34.46 23.83 35.35
CA SER E 98 -34.39 25.01 34.51
C SER E 98 -33.63 24.88 33.20
N PHE E 99 -32.50 24.18 33.20
CA PHE E 99 -31.70 24.05 31.99
C PHE E 99 -32.15 22.93 31.05
N PRO E 100 -31.78 23.06 29.77
CA PRO E 100 -32.12 22.08 28.75
C PRO E 100 -31.24 20.86 28.91
N MET E 101 -31.79 19.70 28.63
CA MET E 101 -31.04 18.44 28.74
C MET E 101 -30.92 17.84 27.32
N VAL E 102 -29.70 17.73 26.82
CA VAL E 102 -29.47 17.16 25.50
C VAL E 102 -29.33 15.65 25.54
N ALA E 103 -29.92 14.97 24.56
CA ALA E 103 -29.86 13.51 24.48
C ALA E 103 -28.77 13.12 23.49
N ASP E 104 -27.65 12.63 24.01
CA ASP E 104 -26.52 12.21 23.19
C ASP E 104 -26.64 10.70 22.99
N ILE E 105 -27.70 10.31 22.29
CA ILE E 105 -28.02 8.92 22.00
C ILE E 105 -26.94 8.19 21.22
N THR E 106 -26.23 8.91 20.34
CA THR E 106 -25.17 8.25 19.56
C THR E 106 -23.80 8.46 20.22
N LYS E 107 -23.80 8.99 21.43
CA LYS E 107 -22.59 9.22 22.21
C LYS E 107 -21.56 10.06 21.45
N SER E 108 -21.96 10.60 20.30
CA SER E 108 -21.06 11.40 19.49
C SER E 108 -20.58 12.67 20.18
N ILE E 109 -21.44 13.27 20.99
CA ILE E 109 -21.06 14.50 21.69
C ILE E 109 -20.03 14.21 22.75
N SER E 110 -20.32 13.20 23.58
CA SER E 110 -19.41 12.82 24.65
C SER E 110 -18.05 12.56 24.07
N ARG E 111 -18.02 12.02 22.85
CA ARG E 111 -16.76 11.73 22.18
C ARG E 111 -16.07 12.99 21.74
N ASP E 112 -16.79 13.90 21.08
CA ASP E 112 -16.17 15.14 20.61
C ASP E 112 -15.52 15.91 21.77
N TYR E 113 -16.13 15.81 22.95
CA TYR E 113 -15.61 16.51 24.12
C TYR E 113 -14.68 15.56 24.88
N ASP E 114 -14.64 14.33 24.39
CA ASP E 114 -13.81 13.28 24.94
C ASP E 114 -14.07 12.98 26.39
N VAL E 115 -15.31 12.63 26.69
CA VAL E 115 -15.68 12.30 28.05
C VAL E 115 -16.34 10.94 28.04
N LEU E 116 -16.46 10.37 26.84
CA LEU E 116 -17.06 9.06 26.72
C LEU E 116 -16.17 8.02 27.38
N PHE E 117 -16.74 7.39 28.38
CA PHE E 117 -16.01 6.40 29.11
C PHE E 117 -16.45 4.99 28.74
N GLU E 118 -15.52 4.23 28.20
CA GLU E 118 -15.79 2.85 27.81
C GLU E 118 -16.89 2.68 26.78
N GLU E 119 -16.96 3.63 25.86
CA GLU E 119 -17.96 3.56 24.82
C GLU E 119 -19.36 3.42 25.41
N ALA E 120 -19.54 3.84 26.65
CA ALA E 120 -20.84 3.70 27.30
C ALA E 120 -21.45 4.97 27.83
N ILE E 121 -20.86 5.53 28.86
CA ILE E 121 -21.40 6.73 29.48
C ILE E 121 -20.39 7.86 29.58
N ALA E 122 -20.89 9.06 29.86
CA ALA E 122 -20.03 10.22 29.95
C ALA E 122 -19.55 10.48 31.36
N LEU E 123 -18.37 11.09 31.45
CA LEU E 123 -17.72 11.42 32.72
C LEU E 123 -18.33 12.70 33.25
N ARG E 124 -18.29 12.90 34.57
CA ARG E 124 -18.81 14.10 35.15
C ARG E 124 -17.84 15.22 34.83
N GLY E 125 -18.13 15.98 33.78
CA GLY E 125 -17.25 17.07 33.40
C GLY E 125 -18.02 18.27 32.88
N ALA E 126 -17.44 19.45 33.03
CA ALA E 126 -18.07 20.68 32.59
C ALA E 126 -17.11 21.54 31.78
N PHE E 127 -17.65 22.24 30.80
CA PHE E 127 -16.85 23.08 29.92
C PHE E 127 -17.37 24.52 29.81
N LEU E 128 -16.45 25.46 29.84
CA LEU E 128 -16.76 26.88 29.75
C LEU E 128 -16.47 27.33 28.33
N ILE E 129 -17.53 27.73 27.62
CA ILE E 129 -17.41 28.17 26.24
C ILE E 129 -17.68 29.66 26.15
N ASP E 130 -16.76 30.43 25.57
CA ASP E 130 -16.99 31.88 25.44
C ASP E 130 -17.85 32.22 24.22
N LYS E 131 -18.22 33.49 24.09
CA LYS E 131 -19.06 33.94 22.98
C LYS E 131 -18.56 33.57 21.59
N ASN E 132 -17.39 32.95 21.51
CA ASN E 132 -16.84 32.56 20.22
C ASN E 132 -16.68 31.04 20.10
N MET E 133 -17.52 30.29 20.81
CA MET E 133 -17.45 28.83 20.77
C MET E 133 -16.03 28.36 21.10
N LYS E 134 -15.39 29.04 22.04
CA LYS E 134 -14.03 28.69 22.42
C LYS E 134 -14.04 28.06 23.80
N VAL E 135 -13.48 26.86 23.92
CA VAL E 135 -13.43 26.20 25.22
C VAL E 135 -12.28 26.86 25.94
N ARG E 136 -12.58 27.54 27.03
CA ARG E 136 -11.55 28.26 27.75
C ARG E 136 -11.21 27.61 29.07
N HIS E 137 -12.08 26.72 29.54
CA HIS E 137 -11.83 26.08 30.80
C HIS E 137 -12.58 24.77 30.85
N ALA E 138 -11.95 23.75 31.43
CA ALA E 138 -12.59 22.45 31.54
C ALA E 138 -12.19 21.76 32.84
N VAL E 139 -13.20 21.22 33.51
CA VAL E 139 -12.99 20.52 34.76
C VAL E 139 -13.64 19.18 34.50
N ILE E 140 -12.99 18.11 34.91
CA ILE E 140 -13.58 16.80 34.69
C ILE E 140 -13.06 15.82 35.71
N ASN E 141 -13.98 15.11 36.35
CA ASN E 141 -13.62 14.12 37.34
C ASN E 141 -14.49 12.90 37.20
N ASP E 142 -14.29 11.92 38.06
CA ASP E 142 -15.05 10.70 37.96
C ASP E 142 -15.68 10.24 39.26
N LEU E 143 -16.22 11.18 40.02
CA LEU E 143 -16.88 10.84 41.27
C LEU E 143 -18.05 11.74 41.51
N PRO E 144 -19.08 11.23 42.19
CA PRO E 144 -20.28 12.00 42.49
C PRO E 144 -19.99 13.42 42.98
N LEU E 145 -19.16 13.56 44.02
CA LEU E 145 -18.78 14.85 44.60
C LEU E 145 -18.97 16.06 43.68
N GLY E 146 -20.22 16.48 43.51
CA GLY E 146 -20.52 17.59 42.63
C GLY E 146 -19.91 18.89 43.08
N ARG E 147 -19.03 19.44 42.25
CA ARG E 147 -18.39 20.71 42.58
C ARG E 147 -18.10 21.42 41.30
N ASN E 148 -18.57 20.83 40.20
CA ASN E 148 -18.34 21.42 38.89
C ASN E 148 -19.19 22.68 38.76
N ALA E 149 -20.47 22.56 39.13
CA ALA E 149 -21.39 23.71 39.07
C ALA E 149 -20.77 24.84 39.87
N ASP E 150 -20.31 24.47 41.06
CA ASP E 150 -19.68 25.41 41.95
C ASP E 150 -18.50 26.10 41.27
N GLU E 151 -17.38 25.38 41.14
CA GLU E 151 -16.17 25.91 40.53
C GLU E 151 -16.38 26.64 39.19
N MET E 152 -17.28 26.11 38.35
CA MET E 152 -17.50 26.77 37.06
C MET E 152 -18.04 28.18 37.28
N LEU E 153 -18.86 28.31 38.32
CA LEU E 153 -19.45 29.60 38.65
C LEU E 153 -18.33 30.52 39.10
N ARG E 154 -17.64 30.10 40.15
CA ARG E 154 -16.53 30.86 40.69
C ARG E 154 -15.61 31.24 39.53
N MET E 155 -15.45 30.33 38.59
CA MET E 155 -14.60 30.60 37.44
C MET E 155 -15.25 31.65 36.54
N VAL E 156 -16.57 31.58 36.42
CA VAL E 156 -17.30 32.54 35.61
C VAL E 156 -17.12 33.94 36.22
N ASP E 157 -17.20 34.01 37.54
CA ASP E 157 -17.04 35.28 38.24
C ASP E 157 -15.62 35.73 38.00
N ALA E 158 -14.69 35.05 38.67
CA ALA E 158 -13.27 35.35 38.54
C ALA E 158 -12.97 35.90 37.15
N LEU E 159 -13.25 35.09 36.13
CA LEU E 159 -13.02 35.50 34.75
C LEU E 159 -13.49 36.92 34.51
N LEU E 160 -14.80 37.12 34.68
CA LEU E 160 -15.40 38.44 34.48
C LEU E 160 -14.82 39.53 35.38
N HIS E 161 -14.60 39.23 36.65
CA HIS E 161 -14.03 40.22 37.56
C HIS E 161 -12.76 40.75 36.90
N PHE E 162 -11.98 39.83 36.33
CA PHE E 162 -10.75 40.20 35.66
C PHE E 162 -11.00 40.97 34.36
N GLU E 163 -12.08 40.63 33.68
CA GLU E 163 -12.42 41.31 32.43
C GLU E 163 -12.12 42.80 32.57
N GLU E 164 -12.37 43.32 33.77
CA GLU E 164 -12.14 44.73 34.07
C GLU E 164 -10.96 44.84 35.02
N HIS E 165 -11.28 44.87 36.32
CA HIS E 165 -10.27 44.96 37.35
C HIS E 165 -9.27 43.80 37.17
N GLY E 166 -8.00 44.14 36.96
CA GLY E 166 -6.98 43.13 36.78
C GLY E 166 -6.83 42.21 37.98
N GLU E 167 -5.60 42.14 38.52
CA GLU E 167 -5.35 41.28 39.70
C GLU E 167 -3.91 41.29 40.20
N VAL E 168 -3.37 42.47 40.52
CA VAL E 168 -2.00 42.56 41.03
C VAL E 168 -1.81 41.49 42.09
N CYS E 169 -1.42 40.30 41.63
CA CYS E 169 -1.23 39.16 42.51
C CYS E 169 -0.58 39.60 43.81
N PRO E 170 -0.91 38.89 44.90
CA PRO E 170 -0.40 39.15 46.26
C PRO E 170 1.13 39.07 46.34
N MET F 1 -8.24 11.10 26.19
CA MET F 1 -8.81 11.15 27.57
C MET F 1 -7.74 10.86 28.63
N VAL F 2 -7.74 11.62 29.72
CA VAL F 2 -6.75 11.41 30.78
C VAL F 2 -7.37 10.87 32.06
N VAL F 3 -8.40 11.53 32.52
CA VAL F 3 -9.09 11.12 33.72
C VAL F 3 -9.54 9.67 33.61
N THR F 4 -9.43 8.95 34.73
CA THR F 4 -9.78 7.53 34.88
C THR F 4 -8.64 6.61 34.45
N LYS F 5 -7.72 7.14 33.67
CA LYS F 5 -6.60 6.33 33.21
C LYS F 5 -5.37 6.48 34.09
N LEU F 6 -4.39 5.62 33.87
CA LEU F 6 -3.15 5.69 34.60
C LEU F 6 -2.50 7.03 34.30
N ALA F 7 -1.97 7.66 35.33
CA ALA F 7 -1.29 8.92 35.13
C ALA F 7 0.02 8.60 34.46
N PRO F 8 0.24 9.15 33.27
CA PRO F 8 1.52 8.82 32.64
C PRO F 8 2.72 9.25 33.51
N ASP F 9 3.66 8.33 33.69
CA ASP F 9 4.84 8.59 34.51
C ASP F 9 5.87 9.37 33.72
N PHE F 10 6.90 9.83 34.42
CA PHE F 10 8.00 10.55 33.80
C PHE F 10 9.19 10.53 34.74
N LYS F 11 10.37 10.64 34.17
CA LYS F 11 11.62 10.63 34.91
C LYS F 11 12.37 11.78 34.27
N ALA F 12 12.25 12.96 34.87
CA ALA F 12 12.94 14.11 34.34
C ALA F 12 13.68 14.81 35.47
N PRO F 13 14.51 15.80 35.14
CA PRO F 13 15.23 16.50 36.19
C PRO F 13 14.34 17.57 36.81
N ALA F 14 14.34 17.67 38.12
CA ALA F 14 13.52 18.66 38.81
C ALA F 14 14.26 19.34 39.97
N VAL F 15 14.02 20.64 40.13
CA VAL F 15 14.64 21.40 41.21
C VAL F 15 13.75 21.23 42.44
N LEU F 16 14.29 20.58 43.46
CA LEU F 16 13.53 20.33 44.66
C LEU F 16 13.18 21.62 45.41
N GLY F 17 12.55 21.46 46.57
CA GLY F 17 12.18 22.62 47.37
C GLY F 17 13.43 23.26 47.92
N ASN F 18 14.32 22.43 48.45
CA ASN F 18 15.58 22.88 49.04
C ASN F 18 16.55 23.33 47.96
N ASN F 19 16.05 23.46 46.73
CA ASN F 19 16.87 23.89 45.61
C ASN F 19 17.94 22.96 45.07
N GLU F 20 18.16 21.80 45.68
CA GLU F 20 19.15 20.93 45.08
C GLU F 20 18.43 20.17 43.98
N VAL F 21 19.09 19.99 42.85
CA VAL F 21 18.46 19.34 41.71
C VAL F 21 18.51 17.82 41.71
N ASP F 22 17.36 17.21 41.44
CA ASP F 22 17.25 15.77 41.36
C ASP F 22 17.29 15.50 39.87
N GLU F 23 18.27 14.70 39.44
CA GLU F 23 18.42 14.38 38.03
C GLU F 23 17.32 13.51 37.45
N HIS F 24 16.93 12.48 38.18
CA HIS F 24 15.90 11.58 37.70
C HIS F 24 14.70 11.53 38.60
N PHE F 25 14.00 12.64 38.66
CA PHE F 25 12.81 12.75 39.47
C PHE F 25 11.75 11.89 38.79
N GLU F 26 11.15 10.97 39.53
CA GLU F 26 10.12 10.10 38.97
C GLU F 26 8.78 10.32 39.64
N LEU F 27 7.79 10.73 38.85
CA LEU F 27 6.46 11.00 39.35
C LEU F 27 5.96 9.95 40.35
N SER F 28 5.91 8.69 39.93
CA SER F 28 5.41 7.64 40.79
C SER F 28 6.19 7.41 42.07
N LYS F 29 7.49 7.68 42.04
CA LYS F 29 8.30 7.49 43.23
C LYS F 29 8.23 8.70 44.14
N ASN F 30 7.43 9.69 43.76
CA ASN F 30 7.31 10.88 44.56
C ASN F 30 5.89 11.21 44.92
N LEU F 31 5.09 10.19 45.24
CA LEU F 31 3.71 10.47 45.57
C LEU F 31 3.47 10.65 47.07
N GLY F 32 2.37 11.33 47.39
CA GLY F 32 2.00 11.52 48.77
C GLY F 32 1.42 10.18 49.24
N LYS F 33 0.94 10.11 50.47
CA LYS F 33 0.37 8.86 50.93
C LYS F 33 -0.97 8.64 50.25
N ASN F 34 -1.59 9.74 49.84
CA ASN F 34 -2.89 9.67 49.18
C ASN F 34 -2.83 10.04 47.70
N GLY F 35 -1.63 10.33 47.22
CA GLY F 35 -1.49 10.68 45.83
C GLY F 35 -0.77 12.00 45.69
N VAL F 36 -1.04 12.71 44.60
CA VAL F 36 -0.39 13.97 44.34
C VAL F 36 -1.14 14.89 43.37
N ILE F 37 -0.73 16.16 43.35
CA ILE F 37 -1.32 17.13 42.46
C ILE F 37 -0.20 17.55 41.53
N LEU F 38 -0.33 17.18 40.26
CA LEU F 38 0.65 17.54 39.26
C LEU F 38 0.06 18.74 38.56
N PHE F 39 0.81 19.82 38.43
CA PHE F 39 0.29 20.99 37.77
C PHE F 39 1.29 21.61 36.80
N PHE F 40 0.77 22.25 35.77
CA PHE F 40 1.63 22.84 34.77
C PHE F 40 1.44 24.34 34.78
N TRP F 41 2.23 25.01 33.94
CA TRP F 41 2.14 26.45 33.74
C TRP F 41 3.01 26.77 32.53
N PRO F 42 2.55 27.71 31.70
CA PRO F 42 3.19 28.19 30.47
C PRO F 42 4.70 28.29 30.51
N LYS F 43 5.21 29.32 31.18
CA LYS F 43 6.65 29.52 31.28
C LYS F 43 7.13 30.34 32.46
N ASP F 44 8.39 30.12 32.79
CA ASP F 44 9.03 30.81 33.88
C ASP F 44 9.35 32.20 33.44
N PHE F 45 9.79 33.01 34.40
CA PHE F 45 10.15 34.39 34.18
C PHE F 45 9.08 35.06 33.34
N THR F 46 7.85 34.67 33.60
CA THR F 46 6.72 35.22 32.89
C THR F 46 6.70 36.72 33.14
N PHE F 47 5.96 37.42 32.30
CA PHE F 47 5.84 38.86 32.42
C PHE F 47 4.60 39.19 33.23
N VAL F 48 3.61 38.31 33.16
CA VAL F 48 2.39 38.52 33.92
C VAL F 48 2.64 38.03 35.36
N CYS F 49 1.67 37.30 35.93
CA CYS F 49 1.84 36.80 37.29
C CYS F 49 1.96 35.31 37.35
N PRO F 50 2.67 34.83 38.36
CA PRO F 50 2.91 33.41 38.63
C PRO F 50 1.69 32.86 39.37
N THR F 51 0.56 33.54 39.18
CA THR F 51 -0.72 33.18 39.80
C THR F 51 -0.69 31.72 40.22
N GLU F 52 -0.45 30.86 39.23
CA GLU F 52 -0.36 29.43 39.40
C GLU F 52 0.60 29.06 40.51
N ILE F 53 1.88 29.25 40.22
CA ILE F 53 2.97 28.92 41.13
C ILE F 53 2.74 29.51 42.52
N ILE F 54 2.18 30.71 42.56
CA ILE F 54 1.90 31.36 43.83
C ILE F 54 0.86 30.55 44.62
N ALA F 55 -0.38 30.55 44.12
CA ALA F 55 -1.49 29.84 44.75
C ALA F 55 -1.02 28.47 45.26
N PHE F 56 -0.40 27.70 44.39
CA PHE F 56 0.06 26.39 44.77
C PHE F 56 1.09 26.36 45.88
N ASP F 57 2.06 27.25 45.84
CA ASP F 57 3.08 27.26 46.89
C ASP F 57 2.45 27.51 48.25
N LYS F 58 1.37 28.29 48.25
CA LYS F 58 0.69 28.64 49.49
C LYS F 58 -0.13 27.48 50.06
N ARG F 59 -0.41 26.48 49.24
CA ARG F 59 -1.18 25.32 49.70
C ARG F 59 -0.33 24.08 49.91
N VAL F 60 0.91 24.10 49.44
CA VAL F 60 1.77 22.92 49.58
C VAL F 60 1.61 22.25 50.92
N LYS F 61 1.52 23.06 51.96
CA LYS F 61 1.40 22.52 53.32
C LYS F 61 0.02 21.94 53.59
N ASP F 62 -1.01 22.64 53.12
CA ASP F 62 -2.36 22.15 53.31
C ASP F 62 -2.47 20.80 52.61
N PHE F 63 -1.91 20.69 51.41
CA PHE F 63 -1.95 19.45 50.66
C PHE F 63 -1.21 18.35 51.39
N HIS F 64 -0.02 18.67 51.92
CA HIS F 64 0.75 17.68 52.67
C HIS F 64 -0.09 17.12 53.77
N GLU F 65 -0.78 18.01 54.47
CA GLU F 65 -1.64 17.63 55.58
C GLU F 65 -2.75 16.69 55.08
N LYS F 66 -3.10 16.80 53.79
CA LYS F 66 -4.13 15.94 53.23
C LYS F 66 -3.55 14.68 52.60
N GLY F 67 -2.23 14.52 52.68
CA GLY F 67 -1.57 13.34 52.13
C GLY F 67 -1.19 13.43 50.66
N PHE F 68 -1.20 14.63 50.11
CA PHE F 68 -0.87 14.85 48.70
C PHE F 68 0.35 15.70 48.51
N ASN F 69 1.09 15.44 47.45
CA ASN F 69 2.26 16.24 47.18
C ASN F 69 1.94 17.14 46.03
N VAL F 70 2.70 18.22 45.91
CA VAL F 70 2.48 19.12 44.83
C VAL F 70 3.71 19.04 43.96
N ILE F 71 3.50 18.86 42.67
CA ILE F 71 4.59 18.76 41.72
C ILE F 71 4.21 19.61 40.53
N GLY F 72 4.97 20.65 40.25
CA GLY F 72 4.65 21.53 39.14
C GLY F 72 5.65 21.31 38.03
N VAL F 73 5.21 21.45 36.78
CA VAL F 73 6.13 21.24 35.68
C VAL F 73 5.96 22.31 34.63
N SER F 74 7.02 22.56 33.87
CA SER F 74 7.01 23.57 32.82
C SER F 74 8.00 23.17 31.76
N ILE F 75 7.76 23.61 30.52
CA ILE F 75 8.66 23.24 29.45
C ILE F 75 10.03 23.91 29.53
N ASP F 76 10.29 24.61 30.64
CA ASP F 76 11.56 25.30 30.81
C ASP F 76 12.60 24.36 31.43
N SER F 77 13.89 24.61 31.19
CA SER F 77 14.95 23.77 31.72
C SER F 77 15.03 23.92 33.23
N GLU F 78 15.77 23.04 33.89
CA GLU F 78 15.87 23.14 35.33
C GLU F 78 16.74 24.30 35.75
N GLN F 79 17.59 24.76 34.85
CA GLN F 79 18.48 25.89 35.16
C GLN F 79 17.60 27.10 35.38
N VAL F 80 16.77 27.37 34.38
CA VAL F 80 15.88 28.49 34.44
C VAL F 80 14.91 28.33 35.61
N HIS F 81 14.55 27.08 35.93
CA HIS F 81 13.66 26.86 37.06
C HIS F 81 14.39 27.45 38.27
N PHE F 82 15.57 26.90 38.52
CA PHE F 82 16.43 27.32 39.64
C PHE F 82 16.53 28.83 39.69
N ALA F 83 16.89 29.41 38.55
CA ALA F 83 17.03 30.84 38.43
C ALA F 83 15.84 31.58 39.03
N TRP F 84 14.66 31.29 38.51
CA TRP F 84 13.41 31.91 38.95
C TRP F 84 13.21 31.78 40.46
N LYS F 85 13.61 30.65 41.00
CA LYS F 85 13.49 30.39 42.43
C LYS F 85 14.37 31.36 43.20
N ASN F 86 15.56 31.63 42.65
CA ASN F 86 16.52 32.51 43.30
C ASN F 86 16.44 33.98 42.93
N THR F 87 15.54 34.31 42.02
CA THR F 87 15.39 35.69 41.65
C THR F 87 14.45 36.29 42.70
N PRO F 88 14.86 37.41 43.31
CA PRO F 88 14.04 38.07 44.33
C PRO F 88 12.62 38.33 43.82
N VAL F 89 11.64 37.91 44.60
CA VAL F 89 10.23 38.07 44.27
C VAL F 89 9.83 39.43 43.66
N GLU F 90 10.37 40.52 44.21
CA GLU F 90 10.05 41.86 43.71
C GLU F 90 10.70 42.13 42.35
N LYS F 91 11.82 41.46 42.12
CA LYS F 91 12.58 41.58 40.88
C LYS F 91 11.94 40.71 39.82
N GLY F 92 10.74 40.21 40.12
CA GLY F 92 10.04 39.35 39.19
C GLY F 92 10.23 37.87 39.53
N GLY F 93 11.22 37.59 40.37
CA GLY F 93 11.51 36.21 40.78
C GLY F 93 10.30 35.46 41.31
N ILE F 94 10.53 34.22 41.71
CA ILE F 94 9.45 33.39 42.21
C ILE F 94 9.62 33.15 43.71
N GLY F 95 10.84 33.33 44.20
CA GLY F 95 11.09 33.11 45.61
C GLY F 95 11.28 31.62 45.81
N GLN F 96 12.02 31.26 46.84
CA GLN F 96 12.33 29.87 47.14
C GLN F 96 11.10 29.01 47.55
N VAL F 97 10.32 28.55 46.56
CA VAL F 97 9.11 27.74 46.79
C VAL F 97 9.38 26.40 47.46
N SER F 98 8.33 25.78 47.98
CA SER F 98 8.46 24.53 48.72
C SER F 98 8.15 23.24 48.01
N PHE F 99 7.89 23.29 46.72
CA PHE F 99 7.56 22.09 45.94
C PHE F 99 8.52 21.83 44.77
N PRO F 100 8.59 20.57 44.31
CA PRO F 100 9.47 20.23 43.19
C PRO F 100 8.99 20.88 41.91
N MET F 101 9.92 21.32 41.10
CA MET F 101 9.60 21.92 39.83
C MET F 101 10.29 21.06 38.79
N VAL F 102 9.51 20.42 37.92
CA VAL F 102 10.06 19.54 36.90
C VAL F 102 10.34 20.25 35.57
N ALA F 103 11.41 19.84 34.92
CA ALA F 103 11.80 20.45 33.66
C ALA F 103 11.45 19.57 32.47
N ASP F 104 10.30 19.85 31.86
CA ASP F 104 9.86 19.07 30.71
C ASP F 104 10.52 19.66 29.47
N ILE F 105 11.85 19.75 29.52
CA ILE F 105 12.63 20.32 28.43
C ILE F 105 12.27 19.84 27.01
N THR F 106 11.91 18.56 26.88
CA THR F 106 11.53 17.99 25.58
C THR F 106 10.03 18.04 25.34
N LYS F 107 9.30 18.69 26.25
CA LYS F 107 7.87 18.85 26.15
C LYS F 107 7.11 17.53 26.12
N SER F 108 7.81 16.42 26.36
CA SER F 108 7.12 15.14 26.34
C SER F 108 6.04 15.02 27.42
N ILE F 109 6.33 15.41 28.65
CA ILE F 109 5.36 15.31 29.74
C ILE F 109 4.09 16.06 29.40
N SER F 110 4.26 17.31 28.97
CA SER F 110 3.11 18.13 28.62
C SER F 110 2.29 17.44 27.53
N ARG F 111 2.99 16.85 26.58
CA ARG F 111 2.32 16.13 25.52
C ARG F 111 1.51 14.98 26.12
N ASP F 112 2.16 14.17 26.96
CA ASP F 112 1.52 13.04 27.59
C ASP F 112 0.23 13.40 28.30
N TYR F 113 0.22 14.54 28.98
CA TYR F 113 -0.97 14.96 29.68
C TYR F 113 -1.88 15.77 28.78
N ASP F 114 -1.44 15.99 27.55
CA ASP F 114 -2.22 16.73 26.57
C ASP F 114 -2.50 18.16 26.98
N VAL F 115 -1.49 18.85 27.49
CA VAL F 115 -1.68 20.24 27.87
C VAL F 115 -0.69 21.05 27.07
N LEU F 116 0.12 20.35 26.27
CA LEU F 116 1.12 21.01 25.45
C LEU F 116 0.38 21.80 24.38
N PHE F 117 0.55 23.11 24.44
CA PHE F 117 -0.13 24.00 23.52
C PHE F 117 0.72 24.45 22.36
N GLU F 118 0.19 24.25 21.16
CA GLU F 118 0.86 24.62 19.92
C GLU F 118 2.34 24.26 19.88
N GLU F 119 2.66 23.02 20.26
CA GLU F 119 4.02 22.53 20.23
C GLU F 119 5.07 23.37 20.95
N ALA F 120 4.63 24.28 21.82
CA ALA F 120 5.57 25.13 22.52
C ALA F 120 5.50 25.13 24.05
N ILE F 121 4.37 25.55 24.61
CA ILE F 121 4.25 25.61 26.07
C ILE F 121 3.00 24.95 26.65
N ALA F 122 3.09 24.60 27.94
CA ALA F 122 1.98 23.94 28.63
C ALA F 122 0.87 24.88 29.09
N LEU F 123 -0.35 24.38 29.06
CA LEU F 123 -1.52 25.13 29.49
C LEU F 123 -1.49 25.12 31.01
N ARG F 124 -2.36 25.90 31.64
CA ARG F 124 -2.40 25.93 33.10
C ARG F 124 -3.36 24.84 33.53
N GLY F 125 -2.83 23.66 33.82
CA GLY F 125 -3.69 22.57 34.23
C GLY F 125 -3.20 21.88 35.45
N ALA F 126 -4.09 21.16 36.12
CA ALA F 126 -3.72 20.43 37.32
C ALA F 126 -4.45 19.08 37.36
N PHE F 127 -3.76 18.06 37.85
CA PHE F 127 -4.31 16.73 37.90
C PHE F 127 -4.25 16.12 39.26
N LEU F 128 -5.35 15.50 39.67
CA LEU F 128 -5.38 14.86 40.95
C LEU F 128 -5.04 13.41 40.68
N ILE F 129 -3.86 12.99 41.13
CA ILE F 129 -3.42 11.61 40.94
C ILE F 129 -3.47 10.85 42.27
N ASP F 130 -4.13 9.70 42.29
CA ASP F 130 -4.24 8.94 43.53
C ASP F 130 -3.04 8.02 43.80
N LYS F 131 -3.14 7.28 44.90
CA LYS F 131 -2.07 6.37 45.32
C LYS F 131 -1.82 5.23 44.33
N ASN F 132 -2.73 5.04 43.38
CA ASN F 132 -2.56 3.99 42.39
C ASN F 132 -2.19 4.55 41.03
N MET F 133 -1.66 5.78 41.03
CA MET F 133 -1.25 6.41 39.79
C MET F 133 -2.40 6.61 38.78
N LYS F 134 -3.63 6.78 39.28
CA LYS F 134 -4.79 6.98 38.41
C LYS F 134 -5.20 8.46 38.50
N VAL F 135 -5.45 9.13 37.38
CA VAL F 135 -5.87 10.52 37.50
C VAL F 135 -7.38 10.50 37.72
N ARG F 136 -7.77 10.96 38.90
CA ARG F 136 -9.17 10.98 39.30
C ARG F 136 -9.85 12.27 38.88
N HIS F 137 -9.15 13.39 39.02
CA HIS F 137 -9.73 14.66 38.66
C HIS F 137 -8.75 15.52 37.88
N ALA F 138 -9.26 16.30 36.94
CA ALA F 138 -8.40 17.14 36.15
C ALA F 138 -9.08 18.44 35.80
N VAL F 139 -8.34 19.54 35.94
CA VAL F 139 -8.87 20.84 35.60
C VAL F 139 -7.81 21.59 34.83
N ILE F 140 -8.12 21.94 33.59
CA ILE F 140 -7.16 22.65 32.78
C ILE F 140 -7.82 23.96 32.38
N ASN F 141 -7.02 25.00 32.36
CA ASN F 141 -7.53 26.31 32.05
C ASN F 141 -6.57 27.08 31.17
N ASP F 142 -7.09 28.05 30.43
CA ASP F 142 -6.23 28.85 29.58
C ASP F 142 -6.23 30.35 29.90
N LEU F 143 -6.44 30.70 31.17
CA LEU F 143 -6.42 32.10 31.58
C LEU F 143 -5.51 32.35 32.79
N PRO F 144 -5.14 33.63 33.05
CA PRO F 144 -4.26 34.04 34.16
C PRO F 144 -4.71 33.69 35.57
N LEU F 145 -6.02 33.71 35.78
CA LEU F 145 -6.64 33.39 37.06
C LEU F 145 -6.36 31.97 37.54
N GLY F 146 -5.22 31.79 38.19
CA GLY F 146 -4.82 30.47 38.70
C GLY F 146 -5.68 30.01 39.86
N ARG F 147 -6.97 29.83 39.60
CA ARG F 147 -7.93 29.41 40.61
C ARG F 147 -7.82 27.93 40.96
N ASN F 148 -7.45 27.12 39.98
CA ASN F 148 -7.33 25.68 40.18
C ASN F 148 -6.37 25.23 41.27
N ALA F 149 -5.43 26.08 41.66
CA ALA F 149 -4.51 25.69 42.72
C ALA F 149 -5.35 25.55 43.99
N ASP F 150 -6.29 26.48 44.13
CA ASP F 150 -7.22 26.54 45.24
C ASP F 150 -8.23 25.40 45.07
N GLU F 151 -8.99 25.52 43.99
CA GLU F 151 -10.00 24.55 43.61
C GLU F 151 -9.53 23.13 43.93
N MET F 152 -8.37 22.74 43.41
CA MET F 152 -7.84 21.39 43.65
C MET F 152 -7.90 21.06 45.13
N LEU F 153 -7.44 21.98 45.96
CA LEU F 153 -7.46 21.75 47.40
C LEU F 153 -8.86 21.44 47.87
N ARG F 154 -9.83 22.15 47.29
CA ARG F 154 -11.22 21.96 47.65
C ARG F 154 -11.67 20.54 47.25
N MET F 155 -11.21 20.08 46.09
CA MET F 155 -11.56 18.73 45.60
C MET F 155 -10.91 17.67 46.48
N VAL F 156 -9.68 17.93 46.90
CA VAL F 156 -9.00 16.97 47.75
C VAL F 156 -9.78 16.77 49.04
N ASP F 157 -10.51 17.79 49.49
CA ASP F 157 -11.30 17.64 50.71
C ASP F 157 -12.53 16.81 50.39
N ALA F 158 -13.29 17.29 49.40
CA ALA F 158 -14.51 16.62 48.97
C ALA F 158 -14.23 15.13 48.77
N LEU F 159 -13.05 14.85 48.24
CA LEU F 159 -12.66 13.50 47.96
C LEU F 159 -12.43 12.70 49.24
N LEU F 160 -11.76 13.32 50.21
CA LEU F 160 -11.49 12.62 51.46
C LEU F 160 -12.73 12.47 52.35
N HIS F 161 -13.72 13.34 52.13
CA HIS F 161 -14.98 13.25 52.87
C HIS F 161 -15.75 12.10 52.24
N PHE F 162 -16.07 12.28 50.97
CA PHE F 162 -16.79 11.29 50.18
C PHE F 162 -16.19 9.90 50.38
N GLU F 163 -14.85 9.85 50.43
CA GLU F 163 -14.11 8.61 50.62
C GLU F 163 -14.42 8.02 51.99
N GLU F 164 -14.71 8.90 52.94
CA GLU F 164 -15.04 8.48 54.30
C GLU F 164 -16.54 8.25 54.49
N HIS F 165 -17.23 9.22 55.08
CA HIS F 165 -18.67 9.10 55.31
C HIS F 165 -19.46 9.07 53.98
N GLY F 166 -18.83 8.56 52.93
CA GLY F 166 -19.47 8.46 51.62
C GLY F 166 -20.19 9.71 51.18
N GLU F 167 -21.08 9.57 50.19
CA GLU F 167 -21.84 10.69 49.66
C GLU F 167 -23.26 10.75 50.22
N VAL F 168 -23.66 11.95 50.67
CA VAL F 168 -24.99 12.18 51.21
C VAL F 168 -25.56 13.34 50.38
N CYS F 169 -26.85 13.63 50.52
CA CYS F 169 -27.44 14.72 49.75
C CYS F 169 -28.94 14.83 50.02
N PRO F 170 -29.63 15.83 49.42
CA PRO F 170 -31.08 16.06 49.60
C PRO F 170 -31.86 14.93 50.26
N ALA F 171 -32.03 15.08 51.59
CA ALA F 171 -32.73 14.10 52.43
C ALA F 171 -33.98 13.46 51.82
N GLY F 172 -34.57 14.12 50.82
CA GLY F 172 -35.76 13.56 50.20
C GLY F 172 -35.48 12.98 48.82
N TRP F 173 -34.30 12.41 48.62
CA TRP F 173 -33.99 11.85 47.31
C TRP F 173 -34.45 10.40 47.14
N ARG F 174 -34.49 9.64 48.22
CA ARG F 174 -34.94 8.27 48.07
C ARG F 174 -35.89 7.81 49.15
N LYS F 175 -35.70 8.32 50.37
CA LYS F 175 -36.58 7.93 51.47
C LYS F 175 -36.73 6.38 51.53
N MET G 1 22.59 18.53 4.06
CA MET G 1 23.53 19.57 4.55
C MET G 1 22.87 20.94 4.61
N VAL G 2 23.53 21.84 5.30
CA VAL G 2 23.03 23.18 5.46
C VAL G 2 23.75 24.12 4.52
N VAL G 3 25.07 24.02 4.52
CA VAL G 3 25.91 24.85 3.69
C VAL G 3 25.60 24.66 2.22
N THR G 4 25.79 25.74 1.46
CA THR G 4 25.57 25.82 0.02
C THR G 4 24.08 25.88 -0.32
N LYS G 5 23.25 25.97 0.71
CA LYS G 5 21.82 26.03 0.49
C LYS G 5 21.25 27.26 1.13
N LEU G 6 20.02 27.56 0.76
CA LEU G 6 19.34 28.72 1.31
C LEU G 6 19.14 28.55 2.82
N ALA G 7 19.57 29.55 3.58
CA ALA G 7 19.42 29.49 5.02
C ALA G 7 17.93 29.44 5.35
N PRO G 8 17.51 28.38 6.06
CA PRO G 8 16.10 28.22 6.43
C PRO G 8 15.61 29.49 7.10
N ASP G 9 14.63 30.16 6.49
CA ASP G 9 14.14 31.38 7.12
C ASP G 9 13.16 31.10 8.24
N PHE G 10 13.20 31.91 9.29
CA PHE G 10 12.30 31.74 10.42
C PHE G 10 11.63 33.06 10.82
N LYS G 11 10.74 32.99 11.81
CA LYS G 11 10.00 34.15 12.28
C LYS G 11 9.55 33.83 13.68
N ALA G 12 10.18 34.45 14.67
CA ALA G 12 9.85 34.17 16.06
C ALA G 12 10.13 35.29 17.05
N PRO G 13 9.64 35.14 18.30
CA PRO G 13 9.88 36.18 19.30
C PRO G 13 11.38 36.34 19.47
N ALA G 14 11.81 37.59 19.63
CA ALA G 14 13.23 37.88 19.83
C ALA G 14 13.38 39.05 20.80
N VAL G 15 14.48 39.06 21.53
CA VAL G 15 14.77 40.14 22.47
C VAL G 15 15.95 40.97 21.96
N LEU G 16 15.60 41.98 21.18
CA LEU G 16 16.55 42.88 20.59
C LEU G 16 17.55 43.39 21.62
N GLY G 17 18.73 43.78 21.14
CA GLY G 17 19.77 44.27 22.03
C GLY G 17 19.27 45.30 23.03
N ASN G 18 18.30 46.11 22.60
CA ASN G 18 17.71 47.16 23.44
C ASN G 18 16.50 46.67 24.22
N ASN G 19 16.56 45.43 24.67
CA ASN G 19 15.51 44.79 25.43
C ASN G 19 14.10 44.99 24.88
N GLU G 20 13.99 45.50 23.67
CA GLU G 20 12.67 45.63 23.08
C GLU G 20 12.37 44.21 22.65
N VAL G 21 11.10 43.82 22.67
CA VAL G 21 10.74 42.47 22.29
C VAL G 21 9.97 42.38 20.98
N ASP G 22 10.63 41.91 19.93
CA ASP G 22 9.97 41.75 18.65
C ASP G 22 9.26 40.40 18.66
N GLU G 23 8.03 40.38 18.18
CA GLU G 23 7.25 39.16 18.14
C GLU G 23 7.41 38.34 16.90
N HIS G 24 7.67 39.01 15.78
CA HIS G 24 7.81 38.33 14.52
C HIS G 24 9.11 38.61 13.82
N PHE G 25 10.20 38.34 14.52
CA PHE G 25 11.53 38.55 13.99
C PHE G 25 11.79 37.54 12.86
N GLU G 26 11.91 38.03 11.62
CA GLU G 26 12.18 37.16 10.48
C GLU G 26 13.65 37.24 10.10
N LEU G 27 14.31 36.10 10.05
CA LEU G 27 15.72 36.08 9.69
C LEU G 27 15.89 36.82 8.36
N SER G 28 15.13 36.36 7.36
CA SER G 28 15.16 36.91 6.01
C SER G 28 15.06 38.41 5.93
N LYS G 29 14.88 39.08 7.07
CA LYS G 29 14.78 40.51 7.08
C LYS G 29 15.99 41.14 7.72
N ASN G 30 16.16 40.84 9.00
CA ASN G 30 17.26 41.38 9.78
C ASN G 30 18.67 41.00 9.35
N LEU G 31 18.91 40.92 8.03
CA LEU G 31 20.24 40.58 7.54
C LEU G 31 21.16 41.78 7.65
N GLY G 32 22.44 41.56 7.39
CA GLY G 32 23.40 42.65 7.44
C GLY G 32 23.42 43.20 6.02
N LYS G 33 24.54 43.79 5.61
CA LYS G 33 24.62 44.31 4.26
C LYS G 33 25.22 43.22 3.37
N ASN G 34 26.04 42.39 3.98
CA ASN G 34 26.68 41.30 3.27
C ASN G 34 26.12 39.95 3.70
N GLY G 35 25.29 39.98 4.73
CA GLY G 35 24.70 38.76 5.23
C GLY G 35 24.66 38.76 6.74
N VAL G 36 24.63 37.57 7.34
CA VAL G 36 24.56 37.49 8.79
C VAL G 36 25.29 36.32 9.37
N ILE G 37 25.40 36.33 10.69
CA ILE G 37 26.04 35.28 11.46
C ILE G 37 25.00 34.80 12.46
N LEU G 38 24.36 33.68 12.13
CA LEU G 38 23.36 33.11 13.02
C LEU G 38 24.08 32.12 13.93
N PHE G 39 23.81 32.16 15.23
CA PHE G 39 24.49 31.22 16.12
C PHE G 39 23.62 30.72 17.28
N PHE G 40 23.87 29.48 17.67
CA PHE G 40 23.11 28.84 18.73
C PHE G 40 23.92 28.54 19.98
N TRP G 41 23.20 28.31 21.07
CA TRP G 41 23.81 27.94 22.32
C TRP G 41 22.77 27.08 23.04
N PRO G 42 23.24 26.07 23.78
CA PRO G 42 22.44 25.11 24.55
C PRO G 42 21.28 25.69 25.31
N LYS G 43 21.58 26.46 26.35
CA LYS G 43 20.53 27.03 27.18
C LYS G 43 20.94 28.25 28.01
N ASP G 44 19.97 29.13 28.23
CA ASP G 44 20.18 30.33 29.03
C ASP G 44 20.38 29.86 30.47
N PHE G 45 20.81 30.76 31.35
CA PHE G 45 21.03 30.43 32.77
C PHE G 45 21.89 29.20 33.03
N THR G 46 22.77 28.90 32.09
CA THR G 46 23.68 27.78 32.19
C THR G 46 24.62 27.99 33.38
N PHE G 47 25.16 26.91 33.93
CA PHE G 47 26.09 27.02 35.02
C PHE G 47 27.47 26.91 34.43
N VAL G 48 27.54 26.65 33.14
CA VAL G 48 28.83 26.56 32.46
C VAL G 48 29.02 27.96 31.89
N CYS G 49 30.24 28.35 31.57
CA CYS G 49 30.40 29.69 31.05
C CYS G 49 29.69 29.91 29.72
N PRO G 50 28.96 31.03 29.62
CA PRO G 50 28.20 31.44 28.43
C PRO G 50 29.05 31.62 27.19
N THR G 51 30.36 31.42 27.33
CA THR G 51 31.35 31.53 26.25
C THR G 51 30.82 32.02 24.91
N GLU G 52 29.92 31.25 24.31
CA GLU G 52 29.32 31.59 23.04
C GLU G 52 28.82 33.01 23.04
N ILE G 53 27.96 33.32 24.01
CA ILE G 53 27.37 34.64 24.13
C ILE G 53 28.42 35.74 24.36
N ILE G 54 29.38 35.47 25.24
CA ILE G 54 30.43 36.43 25.54
C ILE G 54 31.20 36.81 24.28
N ALA G 55 31.91 35.82 23.72
CA ALA G 55 32.70 36.01 22.52
C ALA G 55 31.91 36.70 21.40
N PHE G 56 30.61 36.41 21.31
CA PHE G 56 29.83 37.03 20.27
C PHE G 56 29.43 38.45 20.61
N ASP G 57 29.21 38.72 21.89
CA ASP G 57 28.84 40.08 22.29
C ASP G 57 29.99 41.03 21.98
N LYS G 58 31.21 40.65 22.33
CA LYS G 58 32.37 41.49 22.06
C LYS G 58 32.41 41.85 20.57
N ARG G 59 32.63 40.85 19.75
CA ARG G 59 32.75 41.03 18.33
C ARG G 59 31.51 41.54 17.58
N VAL G 60 30.42 41.83 18.28
CA VAL G 60 29.22 42.29 17.59
C VAL G 60 29.46 43.48 16.67
N LYS G 61 30.24 44.44 17.15
CA LYS G 61 30.54 45.65 16.41
C LYS G 61 31.31 45.43 15.12
N ASP G 62 32.36 44.63 15.18
CA ASP G 62 33.18 44.34 14.01
C ASP G 62 32.32 43.62 12.98
N PHE G 63 31.73 42.50 13.39
CA PHE G 63 30.86 41.75 12.49
C PHE G 63 29.93 42.75 11.86
N HIS G 64 29.53 43.74 12.64
CA HIS G 64 28.64 44.76 12.15
C HIS G 64 29.29 45.66 11.13
N GLU G 65 30.47 46.17 11.46
CA GLU G 65 31.21 47.05 10.56
C GLU G 65 31.26 46.42 9.17
N LYS G 66 31.79 45.21 9.13
CA LYS G 66 31.94 44.45 7.90
C LYS G 66 30.63 44.01 7.26
N GLY G 67 29.53 44.64 7.66
CA GLY G 67 28.23 44.34 7.10
C GLY G 67 27.55 43.05 7.50
N PHE G 68 27.85 42.55 8.69
CA PHE G 68 27.25 41.31 9.19
C PHE G 68 26.51 41.44 10.50
N ASN G 69 25.21 41.19 10.45
CA ASN G 69 24.41 41.24 11.66
C ASN G 69 24.73 39.99 12.46
N VAL G 70 24.36 39.99 13.73
CA VAL G 70 24.63 38.84 14.57
C VAL G 70 23.38 38.47 15.32
N ILE G 71 22.80 37.33 14.96
CA ILE G 71 21.60 36.86 15.61
C ILE G 71 21.85 35.59 16.38
N GLY G 72 21.53 35.65 17.68
CA GLY G 72 21.70 34.50 18.54
C GLY G 72 20.35 33.80 18.71
N VAL G 73 20.38 32.50 18.96
CA VAL G 73 19.15 31.76 19.11
C VAL G 73 19.34 30.63 20.11
N SER G 74 18.28 30.37 20.87
CA SER G 74 18.25 29.34 21.89
C SER G 74 16.84 28.75 21.96
N ILE G 75 16.70 27.55 22.54
CA ILE G 75 15.40 26.92 22.63
C ILE G 75 14.56 27.51 23.76
N ASP G 76 15.14 28.48 24.47
CA ASP G 76 14.48 29.15 25.60
C ASP G 76 13.53 30.26 25.14
N SER G 77 12.63 30.67 26.03
CA SER G 77 11.65 31.70 25.67
C SER G 77 12.16 33.09 25.87
N GLU G 78 11.64 34.02 25.09
CA GLU G 78 12.02 35.42 25.19
C GLU G 78 11.91 35.89 26.64
N GLN G 79 10.86 35.45 27.34
CA GLN G 79 10.70 35.84 28.73
C GLN G 79 12.00 35.54 29.49
N VAL G 80 12.62 34.40 29.21
CA VAL G 80 13.84 34.06 29.92
C VAL G 80 15.06 34.72 29.27
N HIS G 81 15.05 34.87 27.95
CA HIS G 81 16.17 35.55 27.29
C HIS G 81 16.25 36.87 28.03
N PHE G 82 15.13 37.57 28.02
CA PHE G 82 15.02 38.86 28.69
C PHE G 82 15.59 38.77 30.09
N ALA G 83 14.93 38.02 30.94
CA ALA G 83 15.36 37.85 32.31
C ALA G 83 16.85 37.53 32.43
N TRP G 84 17.43 36.83 31.45
CA TRP G 84 18.85 36.49 31.53
C TRP G 84 19.73 37.73 31.36
N LYS G 85 19.30 38.67 30.50
CA LYS G 85 20.05 39.90 30.27
C LYS G 85 20.02 40.76 31.52
N ASN G 86 18.85 40.83 32.16
CA ASN G 86 18.68 41.64 33.37
C ASN G 86 19.10 40.91 34.64
N THR G 87 20.27 40.30 34.62
CA THR G 87 20.72 39.57 35.80
C THR G 87 22.19 39.86 36.09
N PRO G 88 22.50 40.09 37.38
CA PRO G 88 23.87 40.36 37.81
C PRO G 88 24.78 39.27 37.28
N VAL G 89 25.78 39.63 36.49
CA VAL G 89 26.67 38.61 35.95
C VAL G 89 27.33 37.75 37.03
N GLU G 90 27.33 38.21 38.28
CA GLU G 90 27.92 37.41 39.36
C GLU G 90 26.82 36.44 39.81
N LYS G 91 25.59 36.81 39.46
CA LYS G 91 24.39 36.03 39.75
C LYS G 91 24.16 35.10 38.55
N GLY G 92 25.17 34.96 37.71
CA GLY G 92 25.06 34.10 36.53
C GLY G 92 24.36 34.74 35.37
N GLY G 93 23.95 36.00 35.54
CA GLY G 93 23.26 36.71 34.48
C GLY G 93 24.13 36.87 33.25
N ILE G 94 23.51 37.30 32.15
CA ILE G 94 24.23 37.50 30.90
C ILE G 94 24.60 38.96 30.72
N GLY G 95 23.72 39.86 31.18
CA GLY G 95 23.99 41.28 31.04
C GLY G 95 23.53 41.82 29.70
N GLN G 96 23.05 43.07 29.68
CA GLN G 96 22.58 43.69 28.45
C GLN G 96 23.53 43.39 27.30
N VAL G 97 23.02 42.72 26.27
CA VAL G 97 23.86 42.42 25.12
C VAL G 97 23.35 43.18 23.91
N SER G 98 24.25 43.37 22.97
CA SER G 98 23.98 44.11 21.74
C SER G 98 23.11 43.39 20.71
N PHE G 99 23.34 42.10 20.50
CA PHE G 99 22.58 41.36 19.51
C PHE G 99 21.23 40.83 19.96
N PRO G 100 20.33 40.60 19.00
CA PRO G 100 19.01 40.09 19.29
C PRO G 100 19.09 38.61 19.67
N MET G 101 18.19 38.19 20.55
CA MET G 101 18.15 36.79 20.98
C MET G 101 16.80 36.22 20.55
N VAL G 102 16.83 35.20 19.70
CA VAL G 102 15.59 34.59 19.23
C VAL G 102 15.17 33.42 20.11
N ALA G 103 13.87 33.33 20.37
CA ALA G 103 13.33 32.26 21.21
C ALA G 103 12.80 31.16 20.33
N ASP G 104 13.52 30.05 20.30
CA ASP G 104 13.13 28.90 19.48
C ASP G 104 12.40 27.92 20.38
N ILE G 105 11.24 28.38 20.87
CA ILE G 105 10.41 27.62 21.79
C ILE G 105 9.91 26.27 21.23
N THR G 106 9.70 26.20 19.92
CA THR G 106 9.24 24.97 19.33
C THR G 106 10.39 24.16 18.76
N LYS G 107 11.62 24.60 19.06
CA LYS G 107 12.85 23.94 18.60
C LYS G 107 12.91 23.75 17.07
N SER G 108 11.96 24.35 16.36
CA SER G 108 11.88 24.21 14.91
C SER G 108 13.09 24.78 14.20
N ILE G 109 13.61 25.90 14.69
CA ILE G 109 14.77 26.50 14.07
C ILE G 109 16.02 25.63 14.24
N SER G 110 16.25 25.17 15.46
CA SER G 110 17.39 24.33 15.74
C SER G 110 17.36 23.13 14.81
N ARG G 111 16.15 22.69 14.50
CA ARG G 111 15.97 21.55 13.62
C ARG G 111 16.32 21.89 12.20
N ASP G 112 15.78 22.99 11.69
CA ASP G 112 16.04 23.41 10.31
C ASP G 112 17.54 23.56 10.06
N TYR G 113 18.28 23.99 11.08
CA TYR G 113 19.72 24.14 10.95
C TYR G 113 20.40 22.88 11.41
N ASP G 114 19.58 21.95 11.88
CA ASP G 114 20.03 20.64 12.37
C ASP G 114 21.07 20.70 13.46
N VAL G 115 20.74 21.39 14.54
CA VAL G 115 21.63 21.50 15.67
C VAL G 115 20.91 21.02 16.92
N LEU G 116 19.65 20.63 16.73
CA LEU G 116 18.84 20.14 17.85
C LEU G 116 19.42 18.82 18.30
N PHE G 117 19.82 18.81 19.55
CA PHE G 117 20.41 17.64 20.15
C PHE G 117 19.45 16.97 21.12
N GLU G 118 19.07 15.75 20.79
CA GLU G 118 18.18 14.96 21.61
C GLU G 118 16.81 15.57 21.81
N GLU G 119 16.32 16.26 20.79
CA GLU G 119 15.01 16.86 20.86
C GLU G 119 14.88 17.80 22.04
N ALA G 120 16.02 18.26 22.55
CA ALA G 120 16.00 19.14 23.71
C ALA G 120 16.65 20.51 23.54
N ILE G 121 17.97 20.51 23.38
CA ILE G 121 18.68 21.77 23.25
C ILE G 121 19.57 21.84 22.01
N ALA G 122 19.96 23.06 21.66
CA ALA G 122 20.78 23.28 20.48
C ALA G 122 22.27 23.17 20.77
N LEU G 123 23.02 22.76 19.76
CA LEU G 123 24.47 22.61 19.81
C LEU G 123 25.13 23.98 19.65
N ARG G 124 26.34 24.12 20.17
CA ARG G 124 27.04 25.40 20.03
C ARG G 124 27.53 25.45 18.58
N GLY G 125 26.78 26.16 17.74
CA GLY G 125 27.17 26.27 16.35
C GLY G 125 26.80 27.61 15.74
N ALA G 126 27.59 28.04 14.76
CA ALA G 126 27.38 29.31 14.09
C ALA G 126 27.34 29.15 12.57
N PHE G 127 26.56 30.00 11.92
CA PHE G 127 26.39 29.94 10.48
C PHE G 127 26.56 31.29 9.82
N LEU G 128 27.29 31.28 8.73
CA LEU G 128 27.56 32.49 7.97
C LEU G 128 26.59 32.53 6.79
N ILE G 129 25.74 33.54 6.76
CA ILE G 129 24.77 33.67 5.69
C ILE G 129 25.08 34.91 4.86
N ASP G 130 25.20 34.77 3.53
CA ASP G 130 25.48 35.93 2.69
C ASP G 130 24.21 36.69 2.33
N LYS G 131 24.38 37.83 1.68
CA LYS G 131 23.26 38.68 1.31
C LYS G 131 22.14 37.98 0.53
N ASN G 132 22.35 36.70 0.20
CA ASN G 132 21.34 35.96 -0.53
C ASN G 132 20.79 34.79 0.27
N MET G 133 20.78 34.91 1.60
CA MET G 133 20.29 33.85 2.45
C MET G 133 20.95 32.54 2.09
N LYS G 134 22.25 32.59 1.81
CA LYS G 134 22.98 31.39 1.43
C LYS G 134 23.94 31.02 2.55
N VAL G 135 23.86 29.78 3.06
CA VAL G 135 24.78 29.36 4.11
C VAL G 135 26.08 29.04 3.41
N ARG G 136 27.12 29.79 3.73
CA ARG G 136 28.40 29.60 3.07
C ARG G 136 29.44 28.96 3.97
N HIS G 137 29.21 29.02 5.27
CA HIS G 137 30.17 28.47 6.18
C HIS G 137 29.46 28.13 7.47
N ALA G 138 29.87 27.00 8.06
CA ALA G 138 29.26 26.56 9.30
C ALA G 138 30.29 25.86 10.17
N VAL G 139 30.28 26.26 11.43
CA VAL G 139 31.17 25.69 12.42
C VAL G 139 30.26 25.19 13.51
N ILE G 140 30.50 24.00 14.00
CA ILE G 140 29.65 23.49 15.05
C ILE G 140 30.39 22.48 15.92
N ASN G 141 30.33 22.70 17.23
CA ASN G 141 30.98 21.80 18.16
C ASN G 141 30.09 21.59 19.37
N ASP G 142 30.56 20.79 20.31
CA ASP G 142 29.77 20.49 21.49
C ASP G 142 30.50 20.71 22.81
N LEU G 143 31.22 21.81 22.93
CA LEU G 143 31.92 22.11 24.17
C LEU G 143 31.98 23.59 24.39
N PRO G 144 31.93 24.01 25.65
CA PRO G 144 31.98 25.41 26.01
C PRO G 144 32.99 26.21 25.18
N LEU G 145 34.25 25.76 25.17
CA LEU G 145 35.33 26.44 24.43
C LEU G 145 34.85 27.36 23.28
N GLY G 146 34.39 28.55 23.64
CA GLY G 146 33.89 29.49 22.66
C GLY G 146 34.96 30.00 21.72
N ARG G 147 34.82 29.68 20.44
CA ARG G 147 35.77 30.13 19.45
C ARG G 147 35.02 30.33 18.18
N ASN G 148 33.71 30.18 18.24
CA ASN G 148 32.90 30.36 17.06
C ASN G 148 32.86 31.85 16.69
N ALA G 149 32.63 32.70 17.68
CA ALA G 149 32.59 34.14 17.45
C ALA G 149 33.89 34.53 16.79
N ASP G 150 34.97 34.00 17.35
CA ASP G 150 36.31 34.25 16.86
C ASP G 150 36.43 33.86 15.39
N GLU G 151 36.53 32.56 15.14
CA GLU G 151 36.67 32.03 13.79
C GLU G 151 35.69 32.60 12.76
N MET G 152 34.44 32.83 13.17
CA MET G 152 33.48 33.38 12.22
C MET G 152 33.92 34.77 11.78
N LEU G 153 34.52 35.51 12.70
CA LEU G 153 35.00 36.86 12.40
C LEU G 153 36.13 36.72 11.39
N ARG G 154 37.17 36.00 11.81
CA ARG G 154 38.31 35.77 10.97
C ARG G 154 37.82 35.32 9.60
N MET G 155 36.78 34.48 9.58
CA MET G 155 36.23 34.02 8.32
C MET G 155 35.58 35.17 7.57
N VAL G 156 34.91 36.05 8.31
CA VAL G 156 34.25 37.20 7.71
C VAL G 156 35.31 38.08 7.07
N ASP G 157 36.43 38.25 7.75
CA ASP G 157 37.51 39.06 7.21
C ASP G 157 38.03 38.35 5.98
N ALA G 158 38.74 37.25 6.21
CA ALA G 158 39.31 36.44 5.14
C ALA G 158 38.44 36.52 3.89
N LEU G 159 37.18 36.10 4.04
CA LEU G 159 36.24 36.15 2.94
C LEU G 159 36.31 37.46 2.20
N LEU G 160 36.04 38.55 2.91
CA LEU G 160 36.05 39.89 2.32
C LEU G 160 37.41 40.30 1.76
N HIS G 161 38.48 39.99 2.49
CA HIS G 161 39.82 40.33 1.99
C HIS G 161 39.94 39.77 0.59
N PHE G 162 39.48 38.53 0.42
CA PHE G 162 39.51 37.86 -0.88
C PHE G 162 38.56 38.50 -1.87
N GLU G 163 37.42 39.01 -1.40
CA GLU G 163 36.44 39.65 -2.28
C GLU G 163 37.18 40.49 -3.31
N GLU G 164 38.28 41.08 -2.88
CA GLU G 164 39.11 41.91 -3.74
C GLU G 164 40.43 41.22 -3.99
N HIS G 165 41.42 41.53 -3.16
CA HIS G 165 42.74 40.93 -3.28
C HIS G 165 42.60 39.40 -3.20
N GLY G 166 43.04 38.71 -4.27
CA GLY G 166 42.95 37.27 -4.31
C GLY G 166 43.73 36.59 -3.20
N GLU G 167 44.65 35.70 -3.56
CA GLU G 167 45.46 34.99 -2.57
C GLU G 167 46.46 34.00 -3.15
N VAL G 168 47.34 34.45 -4.04
CA VAL G 168 48.35 33.55 -4.62
C VAL G 168 48.97 32.74 -3.48
N CYS G 169 48.34 31.59 -3.20
CA CYS G 169 48.78 30.71 -2.13
C CYS G 169 50.29 30.62 -2.09
N PRO G 170 50.85 30.41 -0.89
CA PRO G 170 52.30 30.29 -0.65
C PRO G 170 52.97 29.15 -1.43
N MET H 1 22.61 15.27 11.17
CA MET H 1 23.58 15.79 12.18
C MET H 1 24.80 14.86 12.29
N VAL H 2 25.98 15.45 12.43
CA VAL H 2 27.20 14.66 12.54
C VAL H 2 27.85 14.79 13.90
N VAL H 3 28.04 16.03 14.31
CA VAL H 3 28.66 16.30 15.59
C VAL H 3 27.91 15.58 16.70
N THR H 4 28.66 15.05 17.67
CA THR H 4 28.17 14.32 18.86
C THR H 4 27.95 12.84 18.56
N LYS H 5 27.82 12.50 17.29
CA LYS H 5 27.61 11.10 16.93
C LYS H 5 28.90 10.39 16.57
N LEU H 6 28.81 9.07 16.47
CA LEU H 6 29.96 8.28 16.08
C LEU H 6 30.41 8.72 14.70
N ALA H 7 31.72 8.85 14.54
CA ALA H 7 32.28 9.25 13.24
C ALA H 7 32.11 8.03 12.35
N PRO H 8 31.41 8.18 11.22
CA PRO H 8 31.25 7.00 10.37
C PRO H 8 32.60 6.53 9.86
N ASP H 9 32.84 5.23 10.01
CA ASP H 9 34.10 4.64 9.59
C ASP H 9 34.07 4.34 8.10
N PHE H 10 35.22 3.93 7.57
CA PHE H 10 35.36 3.60 6.17
C PHE H 10 36.63 2.83 5.98
N LYS H 11 36.65 2.03 4.93
CA LYS H 11 37.81 1.21 4.60
C LYS H 11 37.95 1.43 3.10
N ALA H 12 38.80 2.37 2.72
CA ALA H 12 39.01 2.69 1.33
C ALA H 12 40.49 2.68 1.06
N PRO H 13 40.89 2.76 -0.22
CA PRO H 13 42.32 2.78 -0.52
C PRO H 13 42.85 4.19 -0.37
N ALA H 14 44.00 4.32 0.27
CA ALA H 14 44.58 5.64 0.47
C ALA H 14 46.07 5.67 0.20
N VAL H 15 46.55 6.79 -0.36
CA VAL H 15 47.97 6.95 -0.66
C VAL H 15 48.63 7.55 0.58
N LEU H 16 49.49 6.76 1.19
CA LEU H 16 50.17 7.20 2.40
C LEU H 16 51.09 8.38 2.18
N GLY H 17 51.78 8.78 3.24
CA GLY H 17 52.69 9.89 3.13
C GLY H 17 53.87 9.47 2.30
N ASN H 18 54.40 8.29 2.61
CA ASN H 18 55.55 7.74 1.90
C ASN H 18 55.15 7.30 0.50
N ASN H 19 53.96 7.68 0.08
CA ASN H 19 53.45 7.34 -1.24
C ASN H 19 53.12 5.90 -1.54
N GLU H 20 53.32 4.96 -0.61
CA GLU H 20 52.93 3.61 -0.95
C GLU H 20 51.46 3.53 -0.61
N VAL H 21 50.70 2.85 -1.46
CA VAL H 21 49.26 2.76 -1.29
C VAL H 21 48.76 1.68 -0.36
N ASP H 22 47.88 2.07 0.55
CA ASP H 22 47.27 1.15 1.49
C ASP H 22 45.93 0.82 0.84
N GLU H 23 45.69 -0.45 0.58
CA GLU H 23 44.45 -0.87 -0.05
C GLU H 23 43.24 -0.72 0.83
N HIS H 24 43.36 -1.12 2.09
CA HIS H 24 42.24 -1.05 3.01
C HIS H 24 42.49 -0.17 4.20
N PHE H 25 42.62 1.12 3.94
CA PHE H 25 42.85 2.09 4.98
C PHE H 25 41.56 2.21 5.78
N GLU H 26 41.64 2.04 7.09
CA GLU H 26 40.46 2.13 7.94
C GLU H 26 40.56 3.30 8.90
N LEU H 27 39.62 4.22 8.79
CA LEU H 27 39.62 5.41 9.63
C LEU H 27 39.93 5.12 11.08
N SER H 28 39.13 4.25 11.69
CA SER H 28 39.29 3.91 13.09
C SER H 28 40.63 3.25 13.47
N LYS H 29 41.25 2.52 12.54
CA LYS H 29 42.52 1.88 12.87
C LYS H 29 43.67 2.83 12.59
N ASN H 30 43.36 4.07 12.25
CA ASN H 30 44.40 5.02 11.96
C ASN H 30 44.24 6.30 12.76
N LEU H 31 43.86 6.18 14.02
CA LEU H 31 43.67 7.38 14.81
C LEU H 31 44.91 7.77 15.60
N GLY H 32 45.01 9.05 15.95
CA GLY H 32 46.11 9.54 16.76
C GLY H 32 45.80 9.08 18.17
N LYS H 33 46.64 9.43 19.13
CA LYS H 33 46.38 9.00 20.51
C LYS H 33 45.17 9.75 21.06
N ASN H 34 44.94 10.94 20.51
CA ASN H 34 43.85 11.75 20.97
C ASN H 34 42.75 11.89 19.93
N GLY H 35 42.91 11.16 18.83
CA GLY H 35 41.93 11.23 17.78
C GLY H 35 42.53 11.62 16.44
N VAL H 36 41.74 12.27 15.59
CA VAL H 36 42.20 12.66 14.27
C VAL H 36 41.38 13.78 13.62
N ILE H 37 41.95 14.40 12.59
CA ILE H 37 41.28 15.43 11.85
C ILE H 37 41.04 14.87 10.46
N LEU H 38 39.77 14.66 10.12
CA LEU H 38 39.44 14.14 8.80
C LEU H 38 39.01 15.34 8.00
N PHE H 39 39.61 15.53 6.83
CA PHE H 39 39.21 16.67 6.04
C PHE H 39 39.01 16.31 4.57
N PHE H 40 38.12 17.06 3.93
CA PHE H 40 37.77 16.84 2.54
C PHE H 40 38.23 18.01 1.70
N TRP H 41 38.03 17.87 0.39
CA TRP H 41 38.34 18.91 -0.59
C TRP H 41 37.76 18.46 -1.92
N PRO H 42 37.16 19.39 -2.65
CA PRO H 42 36.53 19.19 -3.95
C PRO H 42 37.23 18.19 -4.85
N LYS H 43 38.35 18.61 -5.45
CA LYS H 43 39.09 17.74 -6.35
C LYS H 43 40.56 18.01 -6.54
N ASP H 44 41.26 16.97 -6.96
CA ASP H 44 42.68 17.03 -7.23
C ASP H 44 42.89 17.76 -8.53
N PHE H 45 44.16 18.07 -8.80
CA PHE H 45 44.57 18.79 -10.00
C PHE H 45 43.64 19.94 -10.24
N THR H 46 43.26 20.58 -9.14
CA THR H 46 42.39 21.73 -9.20
C THR H 46 43.10 22.79 -10.00
N PHE H 47 42.34 23.78 -10.45
CA PHE H 47 42.90 24.87 -11.23
C PHE H 47 43.20 26.03 -10.30
N VAL H 48 42.45 26.11 -9.21
CA VAL H 48 42.67 27.17 -8.24
C VAL H 48 43.82 26.74 -7.34
N CYS H 49 43.69 26.95 -6.03
CA CYS H 49 44.74 26.56 -5.12
C CYS H 49 44.35 25.44 -4.20
N PRO H 50 45.34 24.67 -3.78
CA PRO H 50 45.18 23.53 -2.88
C PRO H 50 45.17 24.07 -1.45
N THR H 51 44.77 25.35 -1.32
CA THR H 51 44.68 26.04 -0.04
C THR H 51 44.55 25.02 1.08
N GLU H 52 43.50 24.20 0.98
CA GLU H 52 43.21 23.14 1.93
C GLU H 52 44.43 22.27 2.18
N ILE H 53 44.71 21.44 1.19
CA ILE H 53 45.82 20.49 1.22
C ILE H 53 47.10 21.15 1.72
N ILE H 54 47.31 22.38 1.31
CA ILE H 54 48.49 23.12 1.71
C ILE H 54 48.49 23.34 3.22
N ALA H 55 47.58 24.21 3.67
CA ALA H 55 47.43 24.53 5.07
C ALA H 55 47.62 23.28 5.92
N PHE H 56 46.83 22.25 5.61
CA PHE H 56 46.90 21.01 6.37
C PHE H 56 48.25 20.32 6.39
N ASP H 57 48.91 20.25 5.23
CA ASP H 57 50.20 19.57 5.21
C ASP H 57 51.19 20.30 6.10
N LYS H 58 51.00 21.61 6.22
CA LYS H 58 51.88 22.43 7.03
C LYS H 58 51.66 22.26 8.53
N ARG H 59 50.53 21.69 8.92
CA ARG H 59 50.23 21.46 10.33
C ARG H 59 50.35 20.00 10.74
N VAL H 60 50.43 19.10 9.76
CA VAL H 60 50.51 17.68 10.07
C VAL H 60 51.37 17.39 11.28
N LYS H 61 52.50 18.08 11.39
CA LYS H 61 53.41 17.86 12.51
C LYS H 61 52.89 18.46 13.80
N ASP H 62 52.33 19.66 13.71
CA ASP H 62 51.77 20.31 14.87
C ASP H 62 50.67 19.42 15.44
N PHE H 63 49.87 18.85 14.57
CA PHE H 63 48.80 17.96 14.99
C PHE H 63 49.35 16.71 15.63
N HIS H 64 50.40 16.13 15.04
CA HIS H 64 50.99 14.92 15.61
C HIS H 64 51.40 15.20 17.04
N GLU H 65 52.01 16.36 17.22
CA GLU H 65 52.48 16.80 18.52
C GLU H 65 51.28 16.90 19.48
N LYS H 66 50.09 17.15 18.95
CA LYS H 66 48.90 17.25 19.79
C LYS H 66 48.18 15.91 19.94
N GLY H 67 48.73 14.86 19.33
CA GLY H 67 48.13 13.54 19.42
C GLY H 67 47.05 13.25 18.39
N PHE H 68 47.00 14.07 17.34
CA PHE H 68 46.01 13.93 16.29
C PHE H 68 46.64 13.64 14.94
N ASN H 69 45.94 12.83 14.14
CA ASN H 69 46.43 12.53 12.81
C ASN H 69 45.61 13.31 11.80
N VAL H 70 46.18 13.54 10.63
CA VAL H 70 45.47 14.26 9.60
C VAL H 70 45.20 13.26 8.51
N ILE H 71 43.95 13.24 8.07
CA ILE H 71 43.53 12.32 7.03
C ILE H 71 42.63 13.12 6.12
N GLY H 72 43.07 13.28 4.88
CA GLY H 72 42.28 14.02 3.92
C GLY H 72 41.66 13.07 2.92
N VAL H 73 40.49 13.41 2.42
CA VAL H 73 39.86 12.54 1.45
C VAL H 73 39.26 13.36 0.30
N SER H 74 39.15 12.72 -0.85
CA SER H 74 38.61 13.36 -2.04
C SER H 74 37.93 12.32 -2.88
N ILE H 75 36.92 12.74 -3.65
CA ILE H 75 36.22 11.79 -4.48
C ILE H 75 37.06 11.29 -5.66
N ASP H 76 38.34 11.66 -5.68
CA ASP H 76 39.24 11.23 -6.77
C ASP H 76 39.86 9.87 -6.46
N SER H 77 40.23 9.12 -7.50
CA SER H 77 40.83 7.79 -7.31
C SER H 77 42.19 7.94 -6.66
N GLU H 78 42.76 6.83 -6.19
CA GLU H 78 44.07 6.90 -5.55
C GLU H 78 45.18 7.13 -6.55
N GLN H 79 44.95 6.75 -7.81
CA GLN H 79 45.95 6.95 -8.86
C GLN H 79 46.16 8.44 -9.00
N VAL H 80 45.06 9.15 -9.26
CA VAL H 80 45.13 10.58 -9.42
C VAL H 80 45.70 11.21 -8.15
N HIS H 81 45.42 10.62 -6.99
CA HIS H 81 45.96 11.16 -5.73
C HIS H 81 47.47 11.12 -5.84
N PHE H 82 47.97 9.93 -6.09
CA PHE H 82 49.40 9.68 -6.26
C PHE H 82 49.98 10.67 -7.24
N ALA H 83 49.37 10.74 -8.41
CA ALA H 83 49.78 11.64 -9.47
C ALA H 83 50.07 13.03 -8.94
N TRP H 84 49.04 13.65 -8.39
CA TRP H 84 49.11 14.98 -7.82
C TRP H 84 50.28 15.14 -6.84
N LYS H 85 50.54 14.10 -6.05
CA LYS H 85 51.62 14.13 -5.07
C LYS H 85 52.96 14.19 -5.79
N ASN H 86 53.05 13.51 -6.94
CA ASN H 86 54.29 13.44 -7.71
C ASN H 86 54.43 14.49 -8.79
N THR H 87 53.41 15.30 -8.98
CA THR H 87 53.48 16.37 -9.96
C THR H 87 54.19 17.53 -9.27
N PRO H 88 55.26 18.06 -9.89
CA PRO H 88 56.02 19.18 -9.32
C PRO H 88 55.13 20.34 -8.92
N VAL H 89 55.26 20.77 -7.67
CA VAL H 89 54.47 21.86 -7.11
C VAL H 89 54.24 23.06 -8.04
N GLU H 90 55.28 23.47 -8.76
CA GLU H 90 55.17 24.59 -9.69
C GLU H 90 54.39 24.22 -10.94
N LYS H 91 54.43 22.93 -11.28
CA LYS H 91 53.72 22.40 -12.45
C LYS H 91 52.25 22.19 -12.09
N GLY H 92 51.85 22.71 -10.92
CA GLY H 92 50.48 22.56 -10.47
C GLY H 92 50.35 21.42 -9.47
N GLY H 93 51.35 20.55 -9.42
CA GLY H 93 51.36 19.42 -8.50
C GLY H 93 51.08 19.83 -7.06
N ILE H 94 51.07 18.84 -6.17
CA ILE H 94 50.80 19.07 -4.77
C ILE H 94 52.07 18.85 -3.93
N GLY H 95 53.04 18.15 -4.50
CA GLY H 95 54.26 17.88 -3.76
C GLY H 95 53.99 16.71 -2.84
N GLN H 96 55.06 16.00 -2.48
CA GLN H 96 54.97 14.82 -1.61
C GLN H 96 54.53 15.12 -0.16
N VAL H 97 53.23 15.35 0.05
CA VAL H 97 52.70 15.65 1.38
C VAL H 97 52.94 14.54 2.41
N SER H 98 52.80 14.90 3.68
CA SER H 98 53.03 13.99 4.79
C SER H 98 51.83 13.26 5.41
N PHE H 99 50.65 13.39 4.82
CA PHE H 99 49.46 12.73 5.36
C PHE H 99 48.75 11.81 4.38
N PRO H 100 47.99 10.84 4.90
CA PRO H 100 47.26 9.91 4.05
C PRO H 100 46.18 10.64 3.27
N MET H 101 46.00 10.24 2.03
CA MET H 101 44.98 10.82 1.18
C MET H 101 44.11 9.66 0.82
N VAL H 102 42.83 9.74 1.18
CA VAL H 102 41.87 8.67 0.91
C VAL H 102 41.08 8.89 -0.39
N ALA H 103 40.83 7.78 -1.10
CA ALA H 103 40.11 7.84 -2.35
C ALA H 103 38.66 7.41 -2.20
N ASP H 104 37.78 8.37 -2.04
CA ASP H 104 36.37 8.08 -1.89
C ASP H 104 35.77 7.96 -3.30
N ILE H 105 36.38 7.10 -4.11
CA ILE H 105 35.94 6.88 -5.48
C ILE H 105 34.41 6.72 -5.69
N THR H 106 33.74 6.06 -4.75
CA THR H 106 32.29 5.85 -4.83
C THR H 106 31.51 6.94 -4.11
N LYS H 107 32.20 7.98 -3.69
CA LYS H 107 31.56 9.09 -2.98
C LYS H 107 30.78 8.67 -1.74
N SER H 108 30.96 7.44 -1.28
CA SER H 108 30.25 7.01 -0.08
C SER H 108 30.67 7.79 1.16
N ILE H 109 31.97 7.89 1.43
CA ILE H 109 32.45 8.60 2.60
C ILE H 109 31.92 10.03 2.65
N SER H 110 32.06 10.76 1.55
CA SER H 110 31.58 12.13 1.48
C SER H 110 30.09 12.19 1.83
N ARG H 111 29.36 11.19 1.33
CA ARG H 111 27.94 11.09 1.59
C ARG H 111 27.74 10.89 3.08
N ASP H 112 28.48 9.95 3.66
CA ASP H 112 28.38 9.65 5.09
C ASP H 112 28.58 10.85 5.97
N TYR H 113 29.50 11.72 5.60
CA TYR H 113 29.77 12.91 6.39
C TYR H 113 28.92 14.07 5.92
N ASP H 114 28.10 13.81 4.91
CA ASP H 114 27.19 14.80 4.39
C ASP H 114 27.91 16.04 3.87
N VAL H 115 28.97 15.82 3.10
CA VAL H 115 29.73 16.92 2.52
C VAL H 115 29.73 16.75 1.00
N LEU H 116 29.16 15.63 0.56
CA LEU H 116 29.06 15.33 -0.86
C LEU H 116 28.11 16.35 -1.47
N PHE H 117 28.66 17.18 -2.35
CA PHE H 117 27.89 18.24 -3.01
C PHE H 117 27.37 17.88 -4.39
N GLU H 118 26.06 18.04 -4.56
CA GLU H 118 25.41 17.73 -5.81
C GLU H 118 25.86 16.44 -6.45
N GLU H 119 25.89 15.38 -5.65
CA GLU H 119 26.26 14.07 -6.17
C GLU H 119 27.58 13.95 -6.92
N ALA H 120 28.42 14.96 -6.81
CA ALA H 120 29.68 14.89 -7.53
C ALA H 120 30.96 15.01 -6.69
N ILE H 121 31.14 16.15 -6.02
CA ILE H 121 32.34 16.36 -5.22
C ILE H 121 32.13 16.84 -3.78
N ALA H 122 33.14 16.60 -2.95
CA ALA H 122 33.10 16.98 -1.55
C ALA H 122 33.33 18.46 -1.28
N LEU H 123 32.64 18.97 -0.27
CA LEU H 123 32.78 20.35 0.17
C LEU H 123 34.10 20.44 0.95
N ARG H 124 34.53 21.65 1.26
CA ARG H 124 35.75 21.81 2.03
C ARG H 124 35.36 21.74 3.51
N GLY H 125 35.42 20.54 4.08
CA GLY H 125 35.06 20.38 5.48
C GLY H 125 36.09 19.63 6.28
N ALA H 126 36.08 19.84 7.59
CA ALA H 126 37.02 19.15 8.46
C ALA H 126 36.29 18.70 9.72
N PHE H 127 36.70 17.53 10.21
CA PHE H 127 36.08 16.95 11.39
C PHE H 127 37.06 16.55 12.47
N LEU H 128 36.75 16.97 13.69
CA LEU H 128 37.58 16.65 14.83
C LEU H 128 36.98 15.36 15.41
N ILE H 129 37.69 14.26 15.23
CA ILE H 129 37.25 12.96 15.75
C ILE H 129 38.11 12.54 16.93
N ASP H 130 37.48 12.25 18.07
CA ASP H 130 38.24 11.87 19.27
C ASP H 130 38.69 10.40 19.29
N LYS H 131 39.33 10.00 20.38
CA LYS H 131 39.83 8.64 20.55
C LYS H 131 38.70 7.61 20.63
N ASN H 132 37.46 8.10 20.75
CA ASN H 132 36.32 7.20 20.83
C ASN H 132 35.48 7.24 19.54
N MET H 133 36.08 7.69 18.47
CA MET H 133 35.39 7.77 17.19
C MET H 133 34.14 8.64 17.23
N LYS H 134 34.15 9.67 18.07
CA LYS H 134 33.01 10.58 18.15
C LYS H 134 33.41 11.90 17.50
N VAL H 135 32.55 12.48 16.68
CA VAL H 135 32.95 13.75 16.07
C VAL H 135 32.55 14.82 17.07
N ARG H 136 33.55 15.52 17.59
CA ARG H 136 33.36 16.56 18.59
C ARG H 136 33.17 17.92 17.96
N HIS H 137 33.94 18.19 16.92
CA HIS H 137 33.83 19.47 16.26
C HIS H 137 33.83 19.30 14.75
N ALA H 138 33.14 20.18 14.06
CA ALA H 138 33.08 20.10 12.62
C ALA H 138 32.92 21.47 11.99
N VAL H 139 33.73 21.75 10.98
CA VAL H 139 33.63 23.03 10.27
C VAL H 139 33.65 22.71 8.79
N ILE H 140 32.62 23.13 8.08
CA ILE H 140 32.57 22.88 6.66
C ILE H 140 32.37 24.22 6.03
N ASN H 141 33.04 24.41 4.89
CA ASN H 141 32.99 25.67 4.21
C ASN H 141 32.90 25.47 2.71
N ASP H 142 32.41 26.46 2.01
CA ASP H 142 32.29 26.34 0.57
C ASP H 142 33.07 27.42 -0.19
N LEU H 143 34.19 27.87 0.37
CA LEU H 143 35.01 28.87 -0.29
C LEU H 143 36.50 28.45 -0.40
N PRO H 144 37.28 29.14 -1.26
CA PRO H 144 38.72 28.85 -1.48
C PRO H 144 39.61 28.99 -0.25
N LEU H 145 39.29 29.97 0.58
CA LEU H 145 40.03 30.26 1.80
C LEU H 145 40.07 29.08 2.78
N GLY H 146 41.01 28.16 2.56
CA GLY H 146 41.14 27.00 3.43
C GLY H 146 41.63 27.35 4.83
N ARG H 147 40.84 28.16 5.52
CA ARG H 147 41.16 28.60 6.88
C ARG H 147 41.03 27.52 7.94
N ASN H 148 40.06 26.62 7.74
CA ASN H 148 39.81 25.55 8.70
C ASN H 148 40.96 24.61 9.00
N ALA H 149 41.96 24.54 8.13
CA ALA H 149 43.11 23.66 8.40
C ALA H 149 43.82 24.24 9.62
N ASP H 150 43.87 25.57 9.65
CA ASP H 150 44.47 26.36 10.73
C ASP H 150 43.52 26.27 11.91
N GLU H 151 42.35 26.84 11.72
CA GLU H 151 41.28 26.86 12.70
C GLU H 151 41.25 25.55 13.51
N MET H 152 41.14 24.42 12.83
CA MET H 152 41.11 23.12 13.51
C MET H 152 42.23 23.03 14.52
N LEU H 153 43.43 23.38 14.11
CA LEU H 153 44.57 23.32 15.02
C LEU H 153 44.33 24.14 16.25
N ARG H 154 43.67 25.28 16.06
CA ARG H 154 43.34 26.17 17.17
C ARG H 154 42.35 25.47 18.11
N MET H 155 41.36 24.78 17.55
CA MET H 155 40.37 24.07 18.35
C MET H 155 41.04 22.92 19.11
N VAL H 156 41.96 22.23 18.45
CA VAL H 156 42.63 21.12 19.10
C VAL H 156 43.35 21.60 20.36
N ASP H 157 43.75 22.88 20.37
CA ASP H 157 44.44 23.43 21.54
C ASP H 157 43.39 23.72 22.60
N ALA H 158 42.40 24.51 22.20
CA ALA H 158 41.32 24.89 23.08
C ALA H 158 40.79 23.66 23.77
N LEU H 159 40.74 22.58 23.03
CA LEU H 159 40.23 21.33 23.55
C LEU H 159 41.14 20.69 24.57
N LEU H 160 42.43 20.67 24.29
CA LEU H 160 43.37 20.08 25.22
C LEU H 160 43.57 20.93 26.47
N HIS H 161 43.29 22.21 26.37
CA HIS H 161 43.40 23.09 27.53
C HIS H 161 42.17 22.80 28.37
N PHE H 162 41.02 23.06 27.76
CA PHE H 162 39.72 22.84 28.40
C PHE H 162 39.69 21.46 29.03
N GLU H 163 40.24 20.49 28.32
CA GLU H 163 40.28 19.11 28.78
C GLU H 163 41.13 19.03 30.05
N GLU H 164 42.11 19.92 30.17
CA GLU H 164 42.99 19.95 31.34
C GLU H 164 42.46 20.87 32.43
N HIS H 165 43.02 22.06 32.54
CA HIS H 165 42.59 23.02 33.55
C HIS H 165 41.13 23.46 33.35
N GLY H 166 40.33 22.59 32.76
CA GLY H 166 38.93 22.90 32.53
C GLY H 166 38.69 24.27 31.93
N GLU H 167 37.45 24.73 31.99
CA GLU H 167 37.07 26.03 31.44
C GLU H 167 37.01 27.12 32.51
N VAL H 168 37.61 28.26 32.22
CA VAL H 168 37.61 29.42 33.11
C VAL H 168 37.07 30.59 32.29
N CYS H 169 36.77 31.71 32.92
CA CYS H 169 36.22 32.84 32.18
C CYS H 169 35.90 34.00 33.13
N PRO H 170 35.46 35.17 32.58
CA PRO H 170 35.11 36.38 33.34
C PRO H 170 35.02 36.23 34.85
N ALA H 171 36.11 36.57 35.53
CA ALA H 171 36.24 36.48 36.98
C ALA H 171 35.01 36.83 37.80
N GLY H 172 34.14 37.64 37.21
CA GLY H 172 32.93 38.01 37.93
C GLY H 172 31.68 37.33 37.43
N TRP H 173 31.79 36.07 36.99
CA TRP H 173 30.59 35.39 36.50
C TRP H 173 29.79 34.71 37.58
N ARG H 174 30.45 34.28 38.65
CA ARG H 174 29.66 33.66 39.69
C ARG H 174 30.05 34.08 41.08
N LYS H 175 31.35 34.33 41.28
CA LYS H 175 31.81 34.76 42.60
C LYS H 175 31.30 33.80 43.68
N MET I 1 18.82 -3.17 -22.61
CA MET I 1 19.97 -3.07 -23.56
C MET I 1 20.21 -1.65 -24.02
N VAL I 2 21.37 -1.45 -24.61
CA VAL I 2 21.76 -0.13 -25.09
C VAL I 2 21.58 -0.05 -26.60
N VAL I 3 22.07 -1.07 -27.29
CA VAL I 3 22.00 -1.13 -28.73
C VAL I 3 20.54 -1.16 -29.18
N THR I 4 20.32 -0.57 -30.36
CA THR I 4 19.02 -0.45 -31.04
C THR I 4 18.17 0.61 -30.41
N LYS I 5 18.75 1.35 -29.48
CA LYS I 5 17.99 2.38 -28.81
C LYS I 5 18.71 3.68 -28.93
N LEU I 6 18.00 4.76 -28.62
CA LEU I 6 18.59 6.08 -28.68
C LEU I 6 19.74 6.21 -27.67
N ALA I 7 20.91 6.65 -28.15
CA ALA I 7 22.05 6.81 -27.27
C ALA I 7 21.71 7.86 -26.22
N PRO I 8 21.78 7.48 -24.94
CA PRO I 8 21.47 8.37 -23.83
C PRO I 8 22.25 9.66 -23.99
N ASP I 9 21.56 10.78 -24.16
CA ASP I 9 22.29 12.02 -24.34
C ASP I 9 22.76 12.59 -23.01
N PHE I 10 23.93 13.22 -23.01
CA PHE I 10 24.45 13.82 -21.79
C PHE I 10 24.95 15.24 -22.04
N LYS I 11 25.41 15.90 -20.98
CA LYS I 11 25.90 17.27 -21.07
C LYS I 11 26.83 17.47 -19.86
N ALA I 12 28.14 17.51 -20.09
CA ALA I 12 29.10 17.66 -18.99
C ALA I 12 30.43 18.31 -19.36
N PRO I 13 31.25 18.65 -18.34
CA PRO I 13 32.54 19.26 -18.62
C PRO I 13 33.35 18.33 -19.49
N ALA I 14 34.07 18.89 -20.45
CA ALA I 14 34.90 18.11 -21.36
C ALA I 14 36.17 18.86 -21.69
N VAL I 15 37.26 18.13 -21.93
CA VAL I 15 38.52 18.75 -22.28
C VAL I 15 38.85 18.45 -23.73
N LEU I 16 38.36 19.33 -24.59
CA LEU I 16 38.54 19.26 -26.03
C LEU I 16 40.00 18.97 -26.41
N GLY I 17 40.19 18.37 -27.58
CA GLY I 17 41.54 18.03 -28.01
C GLY I 17 42.52 19.17 -27.86
N ASN I 18 42.03 20.39 -28.01
CA ASN I 18 42.87 21.59 -27.93
C ASN I 18 42.90 22.17 -26.52
N ASN I 19 42.87 21.29 -25.53
CA ASN I 19 42.88 21.66 -24.13
C ASN I 19 41.92 22.76 -23.73
N GLU I 20 41.01 23.12 -24.61
CA GLU I 20 40.03 24.11 -24.26
C GLU I 20 39.06 23.30 -23.41
N VAL I 21 38.44 23.94 -22.43
CA VAL I 21 37.52 23.21 -21.57
C VAL I 21 36.05 23.59 -21.75
N ASP I 22 35.27 22.72 -22.37
CA ASP I 22 33.87 23.01 -22.55
C ASP I 22 33.14 22.58 -21.28
N GLU I 23 32.22 23.41 -20.82
CA GLU I 23 31.47 23.12 -19.61
C GLU I 23 30.19 22.34 -19.84
N HIS I 24 29.57 22.56 -20.98
CA HIS I 24 28.30 21.90 -21.29
C HIS I 24 28.32 21.11 -22.59
N PHE I 25 29.29 20.20 -22.68
CA PHE I 25 29.45 19.36 -23.85
C PHE I 25 28.27 18.38 -23.94
N GLU I 26 27.42 18.56 -24.96
CA GLU I 26 26.28 17.67 -25.14
C GLU I 26 26.58 16.66 -26.24
N LEU I 27 26.43 15.40 -25.92
CA LEU I 27 26.69 14.35 -26.90
C LEU I 27 25.88 14.65 -28.16
N SER I 28 24.57 14.81 -27.96
CA SER I 28 23.60 15.07 -29.03
C SER I 28 23.99 16.21 -29.95
N LYS I 29 25.12 16.85 -29.68
CA LYS I 29 25.56 17.94 -30.53
C LYS I 29 26.80 17.57 -31.30
N ASN I 30 27.87 17.31 -30.55
CA ASN I 30 29.16 16.97 -31.13
C ASN I 30 29.23 15.67 -31.92
N LEU I 31 28.17 15.35 -32.65
CA LEU I 31 28.19 14.13 -33.46
C LEU I 31 29.08 14.33 -34.67
N GLY I 32 29.28 13.27 -35.42
CA GLY I 32 30.06 13.36 -36.64
C GLY I 32 29.04 13.62 -37.74
N LYS I 33 29.33 13.20 -38.95
CA LYS I 33 28.39 13.40 -40.05
C LYS I 33 27.51 12.15 -40.16
N ASN I 34 28.09 11.01 -39.79
CA ASN I 34 27.39 9.73 -39.82
C ASN I 34 27.09 9.23 -38.42
N GLY I 35 27.62 9.93 -37.41
CA GLY I 35 27.40 9.52 -36.04
C GLY I 35 28.67 9.66 -35.22
N VAL I 36 28.79 8.90 -34.14
CA VAL I 36 29.96 8.98 -33.29
C VAL I 36 30.36 7.68 -32.66
N ILE I 37 31.55 7.71 -32.07
CA ILE I 37 32.11 6.56 -31.37
C ILE I 37 32.37 7.05 -29.96
N LEU I 38 31.47 6.71 -29.04
CA LEU I 38 31.62 7.10 -27.64
C LEU I 38 32.37 5.97 -26.95
N PHE I 39 33.38 6.29 -26.15
CA PHE I 39 34.09 5.20 -25.48
C PHE I 39 34.56 5.55 -24.07
N PHE I 40 34.60 4.52 -23.23
CA PHE I 40 34.99 4.68 -21.83
C PHE I 40 36.29 3.97 -21.47
N TRP I 41 36.84 4.38 -20.33
CA TRP I 41 38.04 3.77 -19.79
C TRP I 41 37.93 3.97 -18.29
N PRO I 42 38.39 2.97 -17.53
CA PRO I 42 38.39 2.94 -16.06
C PRO I 42 38.76 4.24 -15.38
N LYS I 43 40.03 4.62 -15.49
CA LYS I 43 40.50 5.82 -14.81
C LYS I 43 41.78 6.42 -15.38
N ASP I 44 41.87 7.74 -15.25
CA ASP I 44 43.04 8.47 -15.71
C ASP I 44 44.20 8.10 -14.77
N PHE I 45 45.41 8.48 -15.15
CA PHE I 45 46.60 8.20 -14.35
C PHE I 45 46.78 6.76 -13.91
N THR I 46 46.22 5.86 -14.71
CA THR I 46 46.30 4.43 -14.48
C THR I 46 47.77 3.99 -14.54
N PHE I 47 48.10 2.90 -13.84
CA PHE I 47 49.46 2.38 -13.87
C PHE I 47 49.48 1.26 -14.90
N VAL I 48 48.31 0.95 -15.45
CA VAL I 48 48.22 -0.07 -16.48
C VAL I 48 48.30 0.74 -17.77
N CYS I 49 48.61 0.10 -18.89
CA CYS I 49 48.68 0.88 -20.11
C CYS I 49 47.35 1.46 -20.54
N PRO I 50 47.34 2.76 -20.89
CA PRO I 50 46.16 3.52 -21.33
C PRO I 50 45.50 2.93 -22.57
N THR I 51 46.11 1.87 -23.12
CA THR I 51 45.63 1.15 -24.30
C THR I 51 44.43 1.78 -25.02
N GLU I 52 43.29 1.83 -24.34
CA GLU I 52 42.06 2.43 -24.87
C GLU I 52 42.34 3.79 -25.49
N ILE I 53 42.90 4.69 -24.69
CA ILE I 53 43.21 6.05 -25.14
C ILE I 53 44.18 6.08 -26.32
N ILE I 54 45.26 5.29 -26.23
CA ILE I 54 46.27 5.21 -27.29
C ILE I 54 45.65 4.84 -28.62
N ALA I 55 45.12 3.62 -28.68
CA ALA I 55 44.49 3.08 -29.88
C ALA I 55 43.46 4.05 -30.46
N PHE I 56 42.75 4.75 -29.58
CA PHE I 56 41.75 5.68 -30.07
C PHE I 56 42.36 6.96 -30.56
N ASP I 57 43.44 7.40 -29.94
CA ASP I 57 44.07 8.64 -30.37
C ASP I 57 44.56 8.47 -31.81
N LYS I 58 45.24 7.34 -32.07
CA LYS I 58 45.75 7.07 -33.40
C LYS I 58 44.64 7.21 -34.43
N ARG I 59 43.70 6.27 -34.38
CA ARG I 59 42.59 6.23 -35.31
C ARG I 59 41.60 7.41 -35.30
N VAL I 60 41.88 8.46 -34.52
CA VAL I 60 40.96 9.59 -34.46
C VAL I 60 40.66 10.18 -35.83
N LYS I 61 41.71 10.34 -36.63
CA LYS I 61 41.61 10.91 -37.97
C LYS I 61 40.75 10.13 -38.93
N ASP I 62 40.96 8.83 -38.97
CA ASP I 62 40.21 7.96 -39.85
C ASP I 62 38.75 7.99 -39.44
N PHE I 63 38.49 7.68 -38.17
CA PHE I 63 37.12 7.71 -37.66
C PHE I 63 36.52 9.03 -38.11
N HIS I 64 37.37 10.05 -38.12
CA HIS I 64 36.93 11.37 -38.50
C HIS I 64 36.61 11.47 -39.98
N GLU I 65 37.54 11.02 -40.81
CA GLU I 65 37.36 11.03 -42.25
C GLU I 65 35.99 10.46 -42.59
N LYS I 66 35.76 9.22 -42.16
CA LYS I 66 34.52 8.49 -42.40
C LYS I 66 33.30 9.07 -41.71
N GLY I 67 33.41 10.32 -41.28
CA GLY I 67 32.29 11.01 -40.65
C GLY I 67 31.93 10.63 -39.23
N PHE I 68 32.92 10.16 -38.47
CA PHE I 68 32.68 9.77 -37.09
C PHE I 68 33.52 10.49 -36.06
N ASN I 69 32.86 11.21 -35.15
CA ASN I 69 33.57 11.89 -34.10
C ASN I 69 33.97 10.85 -33.07
N VAL I 70 34.91 11.20 -32.20
CA VAL I 70 35.36 10.26 -31.18
C VAL I 70 35.37 10.95 -29.85
N ILE I 71 34.44 10.54 -29.00
CA ILE I 71 34.37 11.14 -27.67
C ILE I 71 34.71 10.12 -26.59
N GLY I 72 35.71 10.46 -25.79
CA GLY I 72 36.14 9.60 -24.71
C GLY I 72 35.50 10.08 -23.42
N VAL I 73 35.28 9.17 -22.48
CA VAL I 73 34.67 9.55 -21.23
C VAL I 73 35.21 8.72 -20.09
N SER I 74 35.35 9.35 -18.94
CA SER I 74 35.87 8.70 -17.73
C SER I 74 35.14 9.28 -16.52
N ILE I 75 35.21 8.59 -15.39
CA ILE I 75 34.54 9.08 -14.19
C ILE I 75 35.36 10.16 -13.51
N ASP I 76 36.53 10.47 -14.06
CA ASP I 76 37.43 11.47 -13.51
C ASP I 76 37.00 12.89 -13.92
N SER I 77 37.52 13.90 -13.21
CA SER I 77 37.15 15.30 -13.50
C SER I 77 38.02 15.93 -14.56
N GLU I 78 37.44 16.91 -15.24
CA GLU I 78 38.16 17.61 -16.30
C GLU I 78 39.49 18.10 -15.80
N GLN I 79 39.53 18.59 -14.56
CA GLN I 79 40.78 19.07 -13.98
C GLN I 79 41.85 18.01 -14.14
N VAL I 80 41.48 16.74 -13.93
CA VAL I 80 42.47 15.67 -14.04
C VAL I 80 42.62 15.22 -15.48
N HIS I 81 41.52 15.24 -16.26
CA HIS I 81 41.64 14.86 -17.66
C HIS I 81 42.76 15.77 -18.15
N PHE I 82 42.54 17.07 -17.95
CA PHE I 82 43.48 18.08 -18.35
C PHE I 82 44.90 17.73 -17.92
N ALA I 83 45.09 17.71 -16.60
CA ALA I 83 46.40 17.39 -16.05
C ALA I 83 47.01 16.12 -16.65
N TRP I 84 46.18 15.13 -17.00
CA TRP I 84 46.70 13.89 -17.56
C TRP I 84 47.33 14.12 -18.94
N LYS I 85 46.73 15.01 -19.74
CA LYS I 85 47.23 15.34 -21.08
C LYS I 85 48.57 16.05 -20.97
N ASN I 86 48.66 16.98 -20.01
CA ASN I 86 49.87 17.74 -19.79
C ASN I 86 50.88 17.02 -18.90
N THR I 87 51.14 15.75 -19.22
CA THR I 87 52.08 15.00 -18.42
C THR I 87 53.01 14.16 -19.28
N PRO I 88 54.32 14.18 -18.95
CA PRO I 88 55.37 13.42 -19.65
C PRO I 88 54.92 11.97 -19.74
N VAL I 89 54.75 11.47 -20.96
CA VAL I 89 54.31 10.09 -21.10
C VAL I 89 55.21 9.08 -20.36
N GLU I 90 56.44 9.47 -20.02
CA GLU I 90 57.32 8.57 -19.27
C GLU I 90 56.95 8.74 -17.79
N LYS I 91 56.28 9.85 -17.51
CA LYS I 91 55.79 10.17 -16.18
C LYS I 91 54.37 9.58 -16.06
N GLY I 92 54.01 8.73 -17.03
CA GLY I 92 52.69 8.11 -17.05
C GLY I 92 51.61 8.98 -17.68
N GLY I 93 52.04 10.16 -18.15
CA GLY I 93 51.12 11.09 -18.76
C GLY I 93 50.45 10.51 -20.00
N ILE I 94 49.40 11.18 -20.45
CA ILE I 94 48.67 10.72 -21.62
C ILE I 94 49.16 11.47 -22.85
N GLY I 95 49.50 12.74 -22.66
CA GLY I 95 49.94 13.57 -23.78
C GLY I 95 48.79 14.15 -24.58
N GLN I 96 49.00 15.35 -25.10
CA GLN I 96 47.97 16.04 -25.90
C GLN I 96 47.28 15.08 -26.86
N VAL I 97 45.99 14.89 -26.68
CA VAL I 97 45.24 14.00 -27.55
C VAL I 97 44.24 14.81 -28.37
N SER I 98 43.88 14.26 -29.52
CA SER I 98 42.96 14.89 -30.44
C SER I 98 41.50 14.96 -30.02
N PHE I 99 40.98 13.87 -29.45
CA PHE I 99 39.58 13.83 -29.05
C PHE I 99 39.25 14.48 -27.71
N PRO I 100 37.98 14.86 -27.55
CA PRO I 100 37.51 15.49 -26.32
C PRO I 100 37.35 14.42 -25.24
N MET I 101 37.63 14.81 -24.00
CA MET I 101 37.51 13.90 -22.87
C MET I 101 36.42 14.44 -21.95
N VAL I 102 35.34 13.66 -21.79
CA VAL I 102 34.24 14.08 -20.93
C VAL I 102 34.43 13.61 -19.50
N ALA I 103 34.11 14.50 -18.55
CA ALA I 103 34.24 14.18 -17.14
C ALA I 103 32.90 13.72 -16.59
N ASP I 104 32.81 12.42 -16.31
CA ASP I 104 31.58 11.85 -15.78
C ASP I 104 31.73 11.74 -14.25
N ILE I 105 31.82 12.91 -13.63
CA ILE I 105 32.00 13.06 -12.19
C ILE I 105 30.87 12.43 -11.37
N THR I 106 29.64 12.49 -11.86
CA THR I 106 28.54 11.90 -11.12
C THR I 106 28.26 10.48 -11.60
N LYS I 107 29.16 9.94 -12.42
CA LYS I 107 29.04 8.58 -12.92
C LYS I 107 27.70 8.29 -13.60
N SER I 108 26.91 9.33 -13.82
CA SER I 108 25.59 9.19 -14.46
C SER I 108 25.67 8.66 -15.89
N ILE I 109 26.68 9.12 -16.64
CA ILE I 109 26.84 8.66 -18.01
C ILE I 109 27.18 7.18 -18.05
N SER I 110 28.17 6.77 -17.26
CA SER I 110 28.59 5.37 -17.24
C SER I 110 27.38 4.49 -16.93
N ARG I 111 26.47 5.04 -16.15
CA ARG I 111 25.28 4.30 -15.77
C ARG I 111 24.32 4.20 -16.92
N ASP I 112 24.04 5.33 -17.56
CA ASP I 112 23.11 5.34 -18.71
C ASP I 112 23.55 4.35 -19.79
N TYR I 113 24.87 4.21 -19.96
CA TYR I 113 25.40 3.28 -20.94
C TYR I 113 25.65 1.93 -20.30
N ASP I 114 25.40 1.89 -19.00
CA ASP I 114 25.57 0.70 -18.18
C ASP I 114 26.95 0.08 -18.22
N VAL I 115 27.96 0.88 -17.92
CA VAL I 115 29.32 0.38 -17.91
C VAL I 115 29.92 0.63 -16.53
N LEU I 116 29.11 1.25 -15.67
CA LEU I 116 29.58 1.55 -14.31
C LEU I 116 29.78 0.27 -13.57
N PHE I 117 31.01 0.07 -13.15
CA PHE I 117 31.38 -1.13 -12.44
C PHE I 117 31.56 -0.82 -10.95
N GLU I 118 30.75 -1.49 -10.14
CA GLU I 118 30.80 -1.32 -8.69
C GLU I 118 30.62 0.12 -8.20
N GLU I 119 29.76 0.87 -8.86
CA GLU I 119 29.49 2.23 -8.48
C GLU I 119 30.76 3.04 -8.40
N ALA I 120 31.83 2.58 -9.06
CA ALA I 120 33.10 3.29 -9.01
C ALA I 120 33.66 3.79 -10.33
N ILE I 121 34.09 2.86 -11.16
CA ILE I 121 34.68 3.20 -12.44
C ILE I 121 33.98 2.56 -13.65
N ALA I 122 34.27 3.07 -14.84
CA ALA I 122 33.66 2.55 -16.04
C ALA I 122 34.47 1.44 -16.69
N LEU I 123 33.77 0.52 -17.35
CA LEU I 123 34.39 -0.59 -18.05
C LEU I 123 34.96 -0.12 -19.39
N ARG I 124 35.93 -0.85 -19.92
CA ARG I 124 36.51 -0.47 -21.21
C ARG I 124 35.50 -0.90 -22.28
N GLY I 125 34.71 0.06 -22.74
CA GLY I 125 33.72 -0.24 -23.76
C GLY I 125 33.53 0.92 -24.72
N ALA I 126 33.15 0.60 -25.95
CA ALA I 126 32.93 1.62 -26.97
C ALA I 126 31.57 1.43 -27.62
N PHE I 127 30.98 2.54 -28.05
CA PHE I 127 29.66 2.51 -28.68
C PHE I 127 29.63 3.28 -29.99
N LEU I 128 28.97 2.69 -30.98
CA LEU I 128 28.83 3.29 -32.30
C LEU I 128 27.45 3.92 -32.39
N ILE I 129 27.42 5.23 -32.54
CA ILE I 129 26.15 5.95 -32.62
C ILE I 129 25.97 6.56 -34.00
N ASP I 130 24.87 6.25 -34.68
CA ASP I 130 24.63 6.81 -36.03
C ASP I 130 24.07 8.24 -35.98
N LYS I 131 23.96 8.87 -37.14
CA LYS I 131 23.47 10.25 -37.24
C LYS I 131 22.12 10.50 -36.56
N ASN I 132 21.50 9.46 -36.04
CA ASN I 132 20.21 9.59 -35.36
C ASN I 132 20.29 9.21 -33.88
N MET I 133 21.46 9.38 -33.27
CA MET I 133 21.64 9.03 -31.86
C MET I 133 21.18 7.61 -31.60
N LYS I 134 21.48 6.71 -32.53
CA LYS I 134 21.05 5.34 -32.38
C LYS I 134 22.27 4.48 -32.12
N VAL I 135 22.25 3.70 -31.05
CA VAL I 135 23.38 2.83 -30.74
C VAL I 135 23.21 1.63 -31.62
N ARG I 136 24.14 1.45 -32.54
CA ARG I 136 24.04 0.37 -33.50
C ARG I 136 25.00 -0.76 -33.22
N HIS I 137 26.04 -0.46 -32.45
CA HIS I 137 27.02 -1.47 -32.16
C HIS I 137 27.72 -1.13 -30.86
N ALA I 138 27.99 -2.17 -30.06
CA ALA I 138 28.66 -1.98 -28.78
C ALA I 138 29.61 -3.13 -28.48
N VAL I 139 30.81 -2.76 -28.05
CA VAL I 139 31.82 -3.73 -27.71
C VAL I 139 32.22 -3.32 -26.31
N ILE I 140 32.36 -4.30 -25.43
CA ILE I 140 32.75 -3.97 -24.07
C ILE I 140 33.43 -5.15 -23.42
N ASN I 141 34.58 -4.87 -22.83
CA ASN I 141 35.35 -5.91 -22.16
C ASN I 141 35.94 -5.34 -20.89
N ASP I 142 36.66 -6.18 -20.16
CA ASP I 142 37.24 -5.73 -18.91
C ASP I 142 38.74 -6.00 -18.76
N LEU I 143 39.49 -5.75 -19.82
CA LEU I 143 40.93 -5.96 -19.75
C LEU I 143 41.62 -4.95 -20.61
N PRO I 144 42.83 -4.56 -20.20
CA PRO I 144 43.62 -3.58 -20.93
C PRO I 144 43.60 -3.80 -22.44
N LEU I 145 43.95 -5.01 -22.87
CA LEU I 145 43.98 -5.36 -24.30
C LEU I 145 43.13 -4.47 -25.21
N GLY I 146 43.63 -3.26 -25.50
CA GLY I 146 42.91 -2.32 -26.33
C GLY I 146 42.71 -2.80 -27.75
N ARG I 147 41.46 -2.99 -28.14
CA ARG I 147 41.16 -3.44 -29.48
C ARG I 147 39.83 -2.85 -29.86
N ASN I 148 39.31 -2.00 -28.98
CA ASN I 148 38.03 -1.37 -29.24
C ASN I 148 38.21 -0.35 -30.35
N ALA I 149 39.25 0.47 -30.24
CA ALA I 149 39.50 1.49 -31.25
C ALA I 149 39.61 0.79 -32.59
N ASP I 150 40.35 -0.31 -32.59
CA ASP I 150 40.56 -1.11 -33.77
C ASP I 150 39.22 -1.57 -34.35
N GLU I 151 38.62 -2.57 -33.73
CA GLU I 151 37.34 -3.13 -34.16
C GLU I 151 36.26 -2.10 -34.50
N MET I 152 36.17 -1.02 -33.71
CA MET I 152 35.16 -0.01 -34.00
C MET I 152 35.41 0.60 -35.36
N LEU I 153 36.68 0.75 -35.70
CA LEU I 153 37.06 1.32 -36.99
C LEU I 153 36.64 0.35 -38.07
N ARG I 154 37.16 -0.86 -37.97
CA ARG I 154 36.84 -1.90 -38.92
C ARG I 154 35.32 -1.96 -39.07
N MET I 155 34.60 -1.79 -37.96
CA MET I 155 33.16 -1.80 -38.00
C MET I 155 32.63 -0.59 -38.76
N VAL I 156 33.28 0.55 -38.55
CA VAL I 156 32.87 1.79 -39.22
C VAL I 156 33.05 1.61 -40.73
N ASP I 157 34.14 0.96 -41.12
CA ASP I 157 34.40 0.71 -42.54
C ASP I 157 33.33 -0.24 -43.01
N ALA I 158 33.44 -1.50 -42.58
CA ALA I 158 32.50 -2.54 -42.95
C ALA I 158 31.11 -1.95 -43.15
N LEU I 159 30.58 -1.33 -42.10
CA LEU I 159 29.28 -0.70 -42.16
C LEU I 159 29.12 0.12 -43.44
N LEU I 160 29.97 1.13 -43.59
CA LEU I 160 29.92 2.00 -44.75
C LEU I 160 30.13 1.27 -46.08
N HIS I 161 31.07 0.35 -46.13
CA HIS I 161 31.31 -0.40 -47.35
C HIS I 161 29.98 -0.99 -47.78
N PHE I 162 29.24 -1.51 -46.82
CA PHE I 162 27.93 -2.10 -47.08
C PHE I 162 26.90 -1.04 -47.47
N GLU I 163 27.02 0.16 -46.91
CA GLU I 163 26.09 1.24 -47.22
C GLU I 163 25.77 1.21 -48.71
N GLU I 164 26.79 0.89 -49.50
CA GLU I 164 26.66 0.82 -50.95
C GLU I 164 26.75 -0.63 -51.39
N HIS I 165 27.96 -1.06 -51.72
CA HIS I 165 28.21 -2.43 -52.14
C HIS I 165 27.70 -3.38 -51.06
N GLY I 166 26.75 -4.24 -51.41
CA GLY I 166 26.19 -5.19 -50.47
C GLY I 166 27.23 -6.14 -49.91
N GLU I 167 26.99 -7.45 -50.05
CA GLU I 167 27.95 -8.46 -49.56
C GLU I 167 27.54 -9.91 -49.79
N VAL I 168 27.28 -10.28 -51.05
CA VAL I 168 26.90 -11.66 -51.36
C VAL I 168 27.84 -12.58 -50.61
N CYS I 169 27.46 -12.92 -49.38
CA CYS I 169 28.25 -13.76 -48.51
C CYS I 169 28.87 -14.91 -49.30
N PRO I 170 30.05 -15.37 -48.87
CA PRO I 170 30.80 -16.46 -49.50
C PRO I 170 30.01 -17.77 -49.56
N MET J 1 23.85 -4.96 -16.82
CA MET J 1 25.25 -5.23 -17.21
C MET J 1 25.53 -6.72 -17.26
N VAL J 2 26.33 -7.16 -18.24
CA VAL J 2 26.63 -8.58 -18.36
C VAL J 2 28.10 -8.88 -18.12
N VAL J 3 28.94 -8.11 -18.79
CA VAL J 3 30.37 -8.26 -18.65
C VAL J 3 30.78 -8.12 -17.18
N THR J 4 31.73 -8.96 -16.78
CA THR J 4 32.29 -9.04 -15.42
C THR J 4 31.45 -9.95 -14.52
N LYS J 5 30.20 -10.18 -14.88
CA LYS J 5 29.37 -11.02 -14.04
C LYS J 5 29.34 -12.45 -14.52
N LEU J 6 28.77 -13.33 -13.71
CA LEU J 6 28.67 -14.72 -14.07
C LEU J 6 27.83 -14.81 -15.32
N ALA J 7 28.24 -15.68 -16.23
CA ALA J 7 27.49 -15.86 -17.46
C ALA J 7 26.27 -16.65 -17.06
N PRO J 8 25.07 -16.13 -17.38
CA PRO J 8 23.87 -16.88 -17.00
C PRO J 8 23.82 -18.22 -17.70
N ASP J 9 23.62 -19.29 -16.93
CA ASP J 9 23.58 -20.65 -17.46
C ASP J 9 22.22 -20.95 -18.04
N PHE J 10 22.10 -22.09 -18.72
CA PHE J 10 20.84 -22.50 -19.32
C PHE J 10 20.91 -23.97 -19.64
N LYS J 11 19.76 -24.59 -19.69
CA LYS J 11 19.68 -26.01 -19.98
C LYS J 11 18.53 -26.05 -20.99
N ALA J 12 18.86 -26.03 -22.27
CA ALA J 12 17.86 -26.04 -23.32
C ALA J 12 18.22 -27.15 -24.29
N PRO J 13 17.36 -27.42 -25.26
CA PRO J 13 17.70 -28.48 -26.21
C PRO J 13 18.51 -27.87 -27.35
N ALA J 14 19.55 -28.57 -27.78
CA ALA J 14 20.38 -28.05 -28.85
C ALA J 14 20.77 -29.14 -29.83
N VAL J 15 20.89 -28.75 -31.11
CA VAL J 15 21.27 -29.68 -32.16
C VAL J 15 22.79 -29.64 -32.26
N LEU J 16 23.40 -30.77 -31.94
CA LEU J 16 24.85 -30.85 -31.96
C LEU J 16 25.44 -30.69 -33.36
N GLY J 17 26.75 -30.85 -33.46
CA GLY J 17 27.39 -30.71 -34.75
C GLY J 17 27.06 -31.91 -35.59
N ASN J 18 27.07 -33.09 -34.97
CA ASN J 18 26.78 -34.32 -35.66
C ASN J 18 25.30 -34.46 -35.89
N ASN J 19 24.57 -33.38 -35.66
CA ASN J 19 23.13 -33.36 -35.87
C ASN J 19 22.25 -34.14 -34.90
N GLU J 20 22.82 -34.87 -33.94
CA GLU J 20 21.91 -35.55 -33.01
C GLU J 20 21.57 -34.52 -31.97
N VAL J 21 20.31 -34.50 -31.54
CA VAL J 21 19.86 -33.51 -30.58
C VAL J 21 20.07 -33.85 -29.14
N ASP J 22 20.60 -32.89 -28.40
CA ASP J 22 20.84 -33.04 -26.97
C ASP J 22 19.65 -32.35 -26.35
N GLU J 23 18.91 -33.08 -25.54
CA GLU J 23 17.73 -32.52 -24.91
C GLU J 23 18.04 -31.49 -23.84
N HIS J 24 19.04 -31.78 -23.00
CA HIS J 24 19.37 -30.86 -21.94
C HIS J 24 20.79 -30.35 -22.01
N PHE J 25 21.06 -29.58 -23.04
CA PHE J 25 22.37 -29.01 -23.22
C PHE J 25 22.54 -27.93 -22.16
N GLU J 26 23.63 -28.02 -21.40
CA GLU J 26 23.91 -27.05 -20.37
C GLU J 26 25.17 -26.28 -20.68
N LEU J 27 25.02 -24.96 -20.79
CA LEU J 27 26.15 -24.09 -21.11
C LEU J 27 27.41 -24.43 -20.34
N SER J 28 27.31 -24.41 -19.01
CA SER J 28 28.44 -24.68 -18.15
C SER J 28 29.07 -26.07 -18.32
N LYS J 29 28.26 -27.07 -18.62
CA LYS J 29 28.83 -28.39 -18.81
C LYS J 29 29.41 -28.57 -20.19
N ASN J 30 29.38 -27.51 -21.00
CA ASN J 30 29.90 -27.61 -22.36
C ASN J 30 30.93 -26.55 -22.66
N LEU J 31 31.82 -26.28 -21.71
CA LEU J 31 32.82 -25.27 -21.94
C LEU J 31 34.13 -25.84 -22.48
N GLY J 32 34.88 -24.97 -23.15
CA GLY J 32 36.17 -25.35 -23.67
C GLY J 32 37.12 -25.37 -22.47
N LYS J 33 38.39 -25.67 -22.69
CA LYS J 33 39.30 -25.68 -21.56
C LYS J 33 39.52 -24.27 -21.09
N ASN J 34 39.38 -23.31 -22.00
CA ASN J 34 39.62 -21.91 -21.65
C ASN J 34 38.34 -21.11 -21.64
N GLY J 35 37.22 -21.80 -21.86
CA GLY J 35 35.95 -21.10 -21.88
C GLY J 35 35.19 -21.37 -23.15
N VAL J 36 34.36 -20.41 -23.55
CA VAL J 36 33.52 -20.54 -24.73
C VAL J 36 33.02 -19.21 -25.31
N ILE J 37 32.58 -19.28 -26.58
CA ILE J 37 32.02 -18.12 -27.26
C ILE J 37 30.56 -18.44 -27.50
N LEU J 38 29.68 -17.72 -26.81
CA LEU J 38 28.25 -17.91 -26.97
C LEU J 38 27.81 -16.82 -27.91
N PHE J 39 27.11 -17.18 -28.99
CA PHE J 39 26.66 -16.15 -29.90
C PHE J 39 25.21 -16.35 -30.31
N PHE J 40 24.55 -15.24 -30.61
CA PHE J 40 23.15 -15.28 -30.99
C PHE J 40 23.01 -14.81 -32.41
N TRP J 41 21.79 -14.91 -32.93
CA TRP J 41 21.41 -14.45 -34.26
C TRP J 41 19.88 -14.43 -34.34
N PRO J 42 19.33 -13.40 -34.99
CA PRO J 42 17.89 -13.19 -35.17
C PRO J 42 17.07 -14.44 -35.43
N LYS J 43 17.13 -14.97 -36.64
CA LYS J 43 16.39 -16.19 -36.94
C LYS J 43 16.89 -17.05 -38.06
N ASP J 44 16.51 -18.32 -37.99
CA ASP J 44 16.88 -19.31 -38.97
C ASP J 44 16.09 -19.07 -40.24
N PHE J 45 16.52 -19.74 -41.30
CA PHE J 45 15.93 -19.64 -42.62
C PHE J 45 15.74 -18.19 -42.96
N THR J 46 16.72 -17.38 -42.58
CA THR J 46 16.67 -15.97 -42.85
C THR J 46 16.63 -15.81 -44.34
N PHE J 47 16.25 -14.60 -44.77
CA PHE J 47 16.18 -14.28 -46.19
C PHE J 47 17.47 -13.63 -46.61
N VAL J 48 18.13 -12.96 -45.68
CA VAL J 48 19.39 -12.31 -45.98
C VAL J 48 20.48 -13.39 -45.87
N CYS J 49 21.63 -13.04 -45.29
CA CYS J 49 22.71 -14.01 -45.14
C CYS J 49 22.95 -14.43 -43.72
N PRO J 50 23.45 -15.67 -43.56
CA PRO J 50 23.78 -16.29 -42.28
C PRO J 50 25.18 -15.80 -41.86
N THR J 51 25.53 -14.60 -42.35
CA THR J 51 26.81 -13.96 -42.06
C THR J 51 27.38 -14.50 -40.78
N GLU J 52 26.61 -14.33 -39.70
CA GLU J 52 26.96 -14.82 -38.37
C GLU J 52 27.34 -16.29 -38.40
N ILE J 53 26.33 -17.13 -38.57
CA ILE J 53 26.50 -18.58 -38.59
C ILE J 53 27.65 -19.02 -39.48
N ILE J 54 27.84 -18.29 -40.57
CA ILE J 54 28.90 -18.61 -41.52
C ILE J 54 30.25 -18.36 -40.88
N ALA J 55 30.54 -17.07 -40.66
CA ALA J 55 31.80 -16.64 -40.04
C ALA J 55 32.19 -17.58 -38.92
N PHE J 56 31.29 -17.79 -37.97
CA PHE J 56 31.58 -18.65 -36.84
C PHE J 56 31.86 -20.08 -37.18
N ASP J 57 31.12 -20.66 -38.12
CA ASP J 57 31.38 -22.05 -38.45
C ASP J 57 32.76 -22.19 -39.04
N LYS J 58 33.25 -21.13 -39.66
CA LYS J 58 34.57 -21.16 -40.27
C LYS J 58 35.71 -21.01 -39.26
N ARG J 59 35.38 -20.58 -38.04
CA ARG J 59 36.40 -20.43 -37.00
C ARG J 59 36.29 -21.49 -35.92
N VAL J 60 35.18 -22.24 -35.89
CA VAL J 60 35.01 -23.26 -34.86
C VAL J 60 36.29 -23.99 -34.55
N LYS J 61 37.07 -24.31 -35.58
CA LYS J 61 38.31 -25.04 -35.39
C LYS J 61 39.40 -24.16 -34.82
N ASP J 62 39.48 -22.93 -35.30
CA ASP J 62 40.50 -22.02 -34.78
C ASP J 62 40.26 -21.82 -33.30
N PHE J 63 38.98 -21.72 -32.90
CA PHE J 63 38.63 -21.53 -31.51
C PHE J 63 38.96 -22.76 -30.69
N HIS J 64 38.67 -23.95 -31.20
CA HIS J 64 39.00 -25.16 -30.46
C HIS J 64 40.48 -25.16 -30.15
N GLU J 65 41.26 -24.80 -31.15
CA GLU J 65 42.71 -24.74 -31.01
C GLU J 65 43.09 -23.76 -29.90
N LYS J 66 42.24 -22.77 -29.65
CA LYS J 66 42.53 -21.79 -28.61
C LYS J 66 41.88 -22.20 -27.29
N GLY J 67 41.23 -23.37 -27.27
CA GLY J 67 40.61 -23.86 -26.06
C GLY J 67 39.20 -23.39 -25.79
N PHE J 68 38.57 -22.78 -26.79
CA PHE J 68 37.21 -22.26 -26.65
C PHE J 68 36.24 -23.01 -27.53
N ASN J 69 34.99 -23.12 -27.06
CA ASN J 69 33.97 -23.78 -27.84
C ASN J 69 33.07 -22.73 -28.39
N VAL J 70 32.33 -23.08 -29.44
CA VAL J 70 31.41 -22.14 -30.04
C VAL J 70 30.03 -22.69 -29.81
N ILE J 71 29.16 -21.83 -29.30
CA ILE J 71 27.78 -22.22 -29.02
C ILE J 71 26.91 -21.09 -29.49
N GLY J 72 26.07 -21.39 -30.49
CA GLY J 72 25.20 -20.38 -31.03
C GLY J 72 23.77 -20.67 -30.61
N VAL J 73 23.00 -19.62 -30.41
CA VAL J 73 21.61 -19.83 -30.00
C VAL J 73 20.67 -18.91 -30.77
N SER J 74 19.44 -19.36 -30.92
CA SER J 74 18.42 -18.60 -31.63
C SER J 74 17.06 -18.89 -31.02
N ILE J 75 16.15 -17.94 -31.11
CA ILE J 75 14.83 -18.16 -30.54
C ILE J 75 14.01 -19.19 -31.32
N ASP J 76 14.64 -19.85 -32.29
CA ASP J 76 13.96 -20.87 -33.10
C ASP J 76 14.01 -22.23 -32.44
N SER J 77 13.03 -23.10 -32.71
CA SER J 77 13.02 -24.42 -32.09
C SER J 77 14.18 -25.24 -32.59
N GLU J 78 14.39 -26.41 -32.01
CA GLU J 78 15.50 -27.21 -32.45
C GLU J 78 15.17 -27.93 -33.75
N GLN J 79 13.87 -28.08 -34.01
CA GLN J 79 13.46 -28.74 -35.25
C GLN J 79 13.90 -27.85 -36.40
N VAL J 80 13.50 -26.59 -36.35
CA VAL J 80 13.86 -25.69 -37.40
C VAL J 80 15.37 -25.53 -37.48
N HIS J 81 16.06 -25.71 -36.36
CA HIS J 81 17.54 -25.63 -36.34
C HIS J 81 18.06 -26.76 -37.24
N PHE J 82 17.67 -27.96 -36.89
CA PHE J 82 18.02 -29.16 -37.62
C PHE J 82 17.73 -28.97 -39.11
N ALA J 83 16.50 -28.54 -39.41
CA ALA J 83 16.06 -28.29 -40.78
C ALA J 83 17.09 -27.46 -41.53
N TRP J 84 17.37 -26.27 -41.02
CA TRP J 84 18.33 -25.36 -41.63
C TRP J 84 19.67 -26.03 -41.90
N LYS J 85 20.08 -26.90 -40.99
CA LYS J 85 21.35 -27.60 -41.12
C LYS J 85 21.31 -28.54 -42.29
N ASN J 86 20.16 -29.18 -42.49
CA ASN J 86 19.98 -30.13 -43.58
C ASN J 86 19.49 -29.57 -44.90
N THR J 87 19.19 -28.28 -44.93
CA THR J 87 18.75 -27.67 -46.16
C THR J 87 20.02 -27.31 -46.94
N PRO J 88 20.12 -27.78 -48.19
CA PRO J 88 21.29 -27.50 -49.01
C PRO J 88 21.61 -26.03 -49.03
N VAL J 89 22.89 -25.72 -48.80
CA VAL J 89 23.39 -24.36 -48.76
C VAL J 89 22.89 -23.44 -49.88
N GLU J 90 22.84 -23.94 -51.10
CA GLU J 90 22.38 -23.14 -52.25
C GLU J 90 20.87 -22.90 -52.21
N LYS J 91 20.15 -23.84 -51.59
CA LYS J 91 18.71 -23.77 -51.44
C LYS J 91 18.36 -22.88 -50.25
N GLY J 92 19.36 -22.13 -49.77
CA GLY J 92 19.13 -21.25 -48.64
C GLY J 92 19.57 -21.89 -47.33
N GLY J 93 19.74 -23.20 -47.34
CA GLY J 93 20.16 -23.93 -46.15
C GLY J 93 21.41 -23.36 -45.49
N ILE J 94 21.82 -23.98 -44.40
CA ILE J 94 22.98 -23.54 -43.63
C ILE J 94 24.12 -24.56 -43.76
N GLY J 95 23.78 -25.77 -44.18
CA GLY J 95 24.80 -26.78 -44.31
C GLY J 95 25.10 -27.32 -42.94
N GLN J 96 25.56 -28.57 -42.88
CA GLN J 96 25.88 -29.24 -41.63
C GLN J 96 27.06 -28.63 -40.84
N VAL J 97 26.81 -27.51 -40.15
CA VAL J 97 27.82 -26.83 -39.36
C VAL J 97 28.41 -27.70 -38.25
N SER J 98 29.54 -27.26 -37.72
CA SER J 98 30.28 -28.02 -36.69
C SER J 98 30.09 -27.65 -35.24
N PHE J 99 29.20 -26.72 -34.94
CA PHE J 99 28.96 -26.30 -33.57
C PHE J 99 27.52 -26.53 -33.10
N PRO J 100 27.31 -26.56 -31.76
CA PRO J 100 25.95 -26.77 -31.22
C PRO J 100 25.10 -25.54 -31.45
N MET J 101 23.83 -25.77 -31.75
CA MET J 101 22.90 -24.69 -31.97
C MET J 101 21.84 -24.90 -30.92
N VAL J 102 21.67 -23.88 -30.06
CA VAL J 102 20.70 -23.98 -28.96
C VAL J 102 19.36 -23.35 -29.30
N ALA J 103 18.30 -24.02 -28.86
CA ALA J 103 16.96 -23.57 -29.12
C ALA J 103 16.35 -22.79 -27.96
N ASP J 104 16.48 -21.48 -28.00
CA ASP J 104 15.92 -20.65 -26.96
C ASP J 104 14.42 -20.42 -27.24
N ILE J 105 13.69 -21.52 -27.43
CA ILE J 105 12.27 -21.45 -27.74
C ILE J 105 11.42 -20.49 -26.90
N THR J 106 11.72 -20.40 -25.61
CA THR J 106 10.96 -19.52 -24.72
C THR J 106 11.62 -18.14 -24.58
N LYS J 107 12.63 -17.89 -25.40
CA LYS J 107 13.33 -16.62 -25.40
C LYS J 107 13.95 -16.25 -24.05
N SER J 108 14.01 -17.20 -23.12
CA SER J 108 14.60 -16.92 -21.81
C SER J 108 16.09 -16.60 -21.90
N ILE J 109 16.87 -17.44 -22.58
CA ILE J 109 18.30 -17.22 -22.73
C ILE J 109 18.61 -15.86 -23.28
N SER J 110 17.95 -15.48 -24.38
CA SER J 110 18.18 -14.17 -25.00
C SER J 110 17.88 -13.05 -24.02
N ARG J 111 16.85 -13.25 -23.22
CA ARG J 111 16.47 -12.28 -22.22
C ARG J 111 17.61 -12.17 -21.20
N ASP J 112 18.06 -13.32 -20.70
CA ASP J 112 19.14 -13.36 -19.71
C ASP J 112 20.39 -12.61 -20.14
N TYR J 113 20.75 -12.72 -21.43
CA TYR J 113 21.92 -12.01 -21.90
C TYR J 113 21.57 -10.62 -22.39
N ASP J 114 20.28 -10.30 -22.32
CA ASP J 114 19.77 -8.98 -22.72
C ASP J 114 20.01 -8.66 -24.21
N VAL J 115 19.72 -9.63 -25.07
CA VAL J 115 19.89 -9.39 -26.49
C VAL J 115 18.55 -9.62 -27.14
N LEU J 116 17.57 -9.99 -26.32
CA LEU J 116 16.21 -10.24 -26.82
C LEU J 116 15.66 -8.91 -27.29
N PHE J 117 15.38 -8.84 -28.58
CA PHE J 117 14.87 -7.62 -29.19
C PHE J 117 13.36 -7.61 -29.37
N GLU J 118 12.74 -6.57 -28.84
CA GLU J 118 11.30 -6.41 -28.90
C GLU J 118 10.53 -7.69 -28.68
N GLU J 119 10.85 -8.37 -27.59
CA GLU J 119 10.15 -9.58 -27.23
C GLU J 119 9.99 -10.64 -28.30
N ALA J 120 10.76 -10.52 -29.37
CA ALA J 120 10.64 -11.50 -30.43
C ALA J 120 11.90 -12.28 -30.80
N ILE J 121 12.95 -11.59 -31.24
CA ILE J 121 14.19 -12.26 -31.64
C ILE J 121 15.48 -11.67 -31.09
N ALA J 122 16.51 -12.49 -31.07
CA ALA J 122 17.81 -12.12 -30.55
C ALA J 122 18.64 -11.24 -31.47
N LEU J 123 19.38 -10.30 -30.88
CA LEU J 123 20.27 -9.43 -31.62
C LEU J 123 21.48 -10.27 -32.04
N ARG J 124 22.36 -9.70 -32.85
CA ARG J 124 23.56 -10.43 -33.27
C ARG J 124 24.64 -10.11 -32.28
N GLY J 125 24.78 -10.95 -31.26
CA GLY J 125 25.77 -10.67 -30.25
C GLY J 125 26.60 -11.88 -29.89
N ALA J 126 27.78 -11.62 -29.34
CA ALA J 126 28.67 -12.70 -28.96
C ALA J 126 29.30 -12.40 -27.62
N PHE J 127 29.50 -13.47 -26.84
CA PHE J 127 30.07 -13.32 -25.51
C PHE J 127 31.26 -14.23 -25.25
N LEU J 128 32.30 -13.64 -24.69
CA LEU J 128 33.49 -14.40 -24.35
C LEU J 128 33.29 -14.84 -22.91
N ILE J 129 33.12 -16.14 -22.71
CA ILE J 129 32.92 -16.67 -21.37
C ILE J 129 34.14 -17.50 -20.98
N ASP J 130 34.75 -17.19 -19.82
CA ASP J 130 35.94 -17.94 -19.39
C ASP J 130 35.64 -19.26 -18.70
N LYS J 131 36.70 -19.92 -18.21
CA LYS J 131 36.56 -21.21 -17.56
C LYS J 131 35.81 -21.13 -16.24
N ASN J 132 35.60 -19.91 -15.75
CA ASN J 132 34.88 -19.73 -14.50
C ASN J 132 33.48 -19.18 -14.72
N MET J 133 32.94 -19.39 -15.92
CA MET J 133 31.61 -18.90 -16.27
C MET J 133 31.43 -17.41 -16.12
N LYS J 134 32.50 -16.64 -16.32
CA LYS J 134 32.43 -15.19 -16.20
C LYS J 134 32.49 -14.61 -17.61
N VAL J 135 31.62 -13.64 -17.91
CA VAL J 135 31.68 -13.06 -19.24
C VAL J 135 32.72 -11.96 -19.18
N ARG J 136 33.80 -12.15 -19.93
CA ARG J 136 34.91 -11.21 -19.96
C ARG J 136 34.75 -10.16 -21.03
N HIS J 137 34.28 -10.59 -22.20
CA HIS J 137 34.12 -9.66 -23.30
C HIS J 137 32.80 -9.89 -23.98
N ALA J 138 32.19 -8.82 -24.45
CA ALA J 138 30.92 -8.94 -25.13
C ALA J 138 30.79 -7.93 -26.26
N VAL J 139 30.34 -8.41 -27.41
CA VAL J 139 30.12 -7.52 -28.55
C VAL J 139 28.75 -7.86 -29.13
N ILE J 140 27.90 -6.86 -29.19
CA ILE J 140 26.58 -7.07 -29.73
C ILE J 140 26.41 -6.02 -30.80
N ASN J 141 25.78 -6.44 -31.88
CA ASN J 141 25.57 -5.58 -33.01
C ASN J 141 24.19 -5.76 -33.62
N ASP J 142 23.71 -4.74 -34.30
CA ASP J 142 22.39 -4.83 -34.93
C ASP J 142 22.40 -4.72 -36.45
N LEU J 143 23.48 -5.15 -37.09
CA LEU J 143 23.56 -5.12 -38.55
C LEU J 143 23.96 -6.47 -39.15
N PRO J 144 23.77 -6.65 -40.46
CA PRO J 144 24.09 -7.89 -41.20
C PRO J 144 25.55 -8.32 -41.18
N LEU J 145 26.45 -7.34 -41.18
CA LEU J 145 27.90 -7.58 -41.18
C LEU J 145 28.37 -8.37 -39.95
N GLY J 146 28.26 -9.69 -40.00
CA GLY J 146 28.67 -10.54 -38.89
C GLY J 146 30.18 -10.56 -38.69
N ARG J 147 30.73 -9.39 -38.38
CA ARG J 147 32.16 -9.22 -38.15
C ARG J 147 32.62 -9.80 -36.83
N ASN J 148 31.77 -9.72 -35.81
CA ASN J 148 32.11 -10.21 -34.49
C ASN J 148 32.53 -11.68 -34.39
N ALA J 149 32.16 -12.50 -35.38
CA ALA J 149 32.59 -13.90 -35.32
C ALA J 149 34.10 -13.92 -35.46
N ASP J 150 34.59 -13.04 -36.31
CA ASP J 150 36.01 -12.87 -36.57
C ASP J 150 36.63 -12.18 -35.36
N GLU J 151 36.18 -10.94 -35.15
CA GLU J 151 36.64 -10.11 -34.05
C GLU J 151 36.86 -10.93 -32.77
N MET J 152 35.85 -11.69 -32.35
CA MET J 152 35.97 -12.52 -31.17
C MET J 152 37.23 -13.34 -31.24
N LEU J 153 37.49 -13.97 -32.38
CA LEU J 153 38.70 -14.77 -32.50
C LEU J 153 39.92 -13.92 -32.25
N ARG J 154 39.86 -12.67 -32.69
CA ARG J 154 40.96 -11.76 -32.50
C ARG J 154 41.13 -11.45 -31.01
N MET J 155 40.03 -11.29 -30.28
CA MET J 155 40.09 -11.02 -28.83
C MET J 155 40.61 -12.24 -28.10
N VAL J 156 40.23 -13.42 -28.54
CA VAL J 156 40.68 -14.65 -27.92
C VAL J 156 42.19 -14.74 -27.96
N ASP J 157 42.80 -14.16 -28.99
CA ASP J 157 44.26 -14.20 -29.11
C ASP J 157 44.84 -13.18 -28.14
N ALA J 158 44.37 -11.93 -28.29
CA ALA J 158 44.80 -10.83 -27.44
C ALA J 158 44.72 -11.25 -25.98
N LEU J 159 43.69 -12.01 -25.66
CA LEU J 159 43.49 -12.46 -24.30
C LEU J 159 44.51 -13.51 -23.90
N LEU J 160 44.81 -14.45 -24.78
CA LEU J 160 45.79 -15.48 -24.45
C LEU J 160 47.23 -14.95 -24.44
N HIS J 161 47.48 -13.86 -25.16
CA HIS J 161 48.80 -13.23 -25.17
C HIS J 161 48.94 -12.50 -23.84
N PHE J 162 48.06 -11.53 -23.66
CA PHE J 162 48.01 -10.73 -22.44
C PHE J 162 48.06 -11.60 -21.21
N GLU J 163 47.34 -12.72 -21.28
CA GLU J 163 47.27 -13.67 -20.18
C GLU J 163 48.66 -14.26 -19.95
N GLU J 164 49.45 -14.36 -21.02
CA GLU J 164 50.80 -14.90 -20.92
C GLU J 164 51.83 -13.80 -20.64
N HIS J 165 52.55 -13.37 -21.68
CA HIS J 165 53.56 -12.33 -21.52
C HIS J 165 52.95 -10.98 -21.08
N GLY J 166 51.82 -11.05 -20.37
CA GLY J 166 51.15 -9.86 -19.88
C GLY J 166 50.98 -8.77 -20.93
N GLU J 167 50.71 -7.55 -20.47
CA GLU J 167 50.52 -6.41 -21.36
C GLU J 167 51.78 -5.54 -21.48
N VAL J 168 52.14 -5.20 -22.71
CA VAL J 168 53.29 -4.33 -22.98
C VAL J 168 52.75 -3.20 -23.86
N CYS J 169 53.54 -2.15 -24.06
CA CYS J 169 53.07 -1.01 -24.87
C CYS J 169 54.13 0.10 -24.92
N PRO J 170 53.86 1.20 -25.68
CA PRO J 170 54.78 2.34 -25.83
C PRO J 170 55.96 2.39 -24.87
N ALA J 171 57.09 1.86 -25.34
CA ALA J 171 58.35 1.78 -24.59
C ALA J 171 58.65 2.99 -23.71
N GLY J 172 58.08 4.14 -24.04
CA GLY J 172 58.33 5.32 -23.25
C GLY J 172 57.18 5.72 -22.36
N TRP J 173 56.43 4.74 -21.86
CA TRP J 173 55.30 5.09 -21.01
C TRP J 173 55.67 5.26 -19.54
N ARG J 174 56.68 4.56 -19.08
CA ARG J 174 57.05 4.74 -17.68
C ARG J 174 58.55 4.84 -17.45
N LYS J 175 59.34 4.13 -18.25
CA LYS J 175 60.79 4.18 -18.12
C LYS J 175 61.19 3.95 -16.65
#